data_7XTY
# 
_entry.id   7XTY 
# 
_audit_conform.dict_name       mmcif_pdbx.dic 
_audit_conform.dict_version    5.380 
_audit_conform.dict_location   http://mmcif.pdb.org/dictionaries/ascii/mmcif_pdbx.dic 
# 
loop_
_database_2.database_id 
_database_2.database_code 
_database_2.pdbx_database_accession 
_database_2.pdbx_DOI 
PDB   7XTY         pdb_00007xty 10.2210/pdb7xty/pdb 
WWPDB D_1300029576 ?            ?                   
# 
_pdbx_database_status.status_code                     REL 
_pdbx_database_status.status_code_sf                  REL 
_pdbx_database_status.status_code_mr                  ? 
_pdbx_database_status.entry_id                        7XTY 
_pdbx_database_status.recvd_initial_deposition_date   2022-05-18 
_pdbx_database_status.SG_entry                        N 
_pdbx_database_status.deposit_site                    PDBJ 
_pdbx_database_status.process_site                    PDBJ 
_pdbx_database_status.status_code_cs                  ? 
_pdbx_database_status.status_code_nmr_data            ? 
_pdbx_database_status.methods_development_category    ? 
_pdbx_database_status.pdb_format_compatible           Y 
# 
loop_
_audit_author.name 
_audit_author.pdbx_ordinal 
_audit_author.identifier_ORCID 
'Jing, L.Q.' 1 ? 
'Sun, X.N.'  2 ? 
'Ma, W.H.'   3 ? 
'Zhou, W.J.' 4 ? 
'Wu, D.L.'   5 ? 
# 
_citation.abstract                  ? 
_citation.abstract_id_CAS           ? 
_citation.book_id_ISBN              ? 
_citation.book_publisher            ? 
_citation.book_publisher_city       ? 
_citation.book_title                ? 
_citation.coordinate_linkage        ? 
_citation.country                   ? 
_citation.database_id_Medline       ? 
_citation.details                   ? 
_citation.id                        primary 
_citation.journal_abbrev            'to be published' 
_citation.journal_id_ASTM           ? 
_citation.journal_id_CSD            0353 
_citation.journal_id_ISSN           ? 
_citation.journal_full              ? 
_citation.journal_issue             ? 
_citation.journal_volume            ? 
_citation.language                  ? 
_citation.page_first                ? 
_citation.page_last                 ? 
_citation.title                     
'Targeting PTPN13 with 11 amino acid peptides of C-terminal APC prevents immune evasion of colorectal cancer' 
_citation.year                      ? 
_citation.database_id_CSD           ? 
_citation.pdbx_database_id_DOI      ? 
_citation.pdbx_database_id_PubMed   ? 
_citation.pdbx_database_id_patent   ? 
_citation.unpublished_flag          ? 
# 
loop_
_citation_author.citation_id 
_citation_author.name 
_citation_author.ordinal 
_citation_author.identifier_ORCID 
primary 'Jing, L.Q.' 1 ? 
primary 'Sun, X.N.'  2 ? 
primary 'Ma, W.H.'   3 ? 
primary 'Zhou, W.J.' 4 ? 
primary 'Wu, D.L.'   5 ? 
# 
_cell.angle_alpha                  90.000 
_cell.angle_alpha_esd              ? 
_cell.angle_beta                   108.860 
_cell.angle_beta_esd               ? 
_cell.angle_gamma                  90.000 
_cell.angle_gamma_esd              ? 
_cell.entry_id                     7XTY 
_cell.details                      ? 
_cell.formula_units_Z              ? 
_cell.length_a                     97.462 
_cell.length_a_esd                 ? 
_cell.length_b                     32.407 
_cell.length_b_esd                 ? 
_cell.length_c                     69.917 
_cell.length_c_esd                 ? 
_cell.volume                       ? 
_cell.volume_esd                   ? 
_cell.Z_PDB                        8 
_cell.reciprocal_angle_alpha       ? 
_cell.reciprocal_angle_beta        ? 
_cell.reciprocal_angle_gamma       ? 
_cell.reciprocal_angle_alpha_esd   ? 
_cell.reciprocal_angle_beta_esd    ? 
_cell.reciprocal_angle_gamma_esd   ? 
_cell.reciprocal_length_a          ? 
_cell.reciprocal_length_b          ? 
_cell.reciprocal_length_c          ? 
_cell.reciprocal_length_a_esd      ? 
_cell.reciprocal_length_b_esd      ? 
_cell.reciprocal_length_c_esd      ? 
_cell.pdbx_unique_axis             ? 
_cell.pdbx_esd_method              ? 
# 
_symmetry.entry_id                         7XTY 
_symmetry.cell_setting                     ? 
_symmetry.Int_Tables_number                5 
_symmetry.space_group_name_Hall            ? 
_symmetry.space_group_name_H-M             'C 1 2 1' 
_symmetry.pdbx_full_space_group_name_H-M   ? 
# 
loop_
_entity.id 
_entity.type 
_entity.src_method 
_entity.pdbx_description 
_entity.formula_weight 
_entity.pdbx_number_of_molecules 
_entity.pdbx_ec 
_entity.pdbx_mutation 
_entity.pdbx_fragment 
_entity.details 
1 polymer man 'Tyrosine-protein phosphatase non-receptor type 13' 9923.138 2   3.1.3.48 ? ? ? 
2 polymer syn APC-peptide                                         1207.338 2   ?        ? ? ? 
3 water   nat water                                               18.015   131 ?        ? ? ? 
# 
loop_
_entity_name_com.entity_id 
_entity_name_com.name 
1 
;Fas-associated protein-tyrosine phosphatase 1,FAP-1,PTP-BAS,Protein-tyrosine phosphatase 1E,PTP-E1,hPTPE1,Protein-tyrosine phosphatase PTPL1
;
2 'Protein APC,Deleted in polyposis 2.5' 
# 
loop_
_entity_poly.entity_id 
_entity_poly.type 
_entity_poly.nstd_linkage 
_entity_poly.nstd_monomer 
_entity_poly.pdbx_seq_one_letter_code 
_entity_poly.pdbx_seq_one_letter_code_can 
_entity_poly.pdbx_strand_id 
_entity_poly.pdbx_target_identifier 
1 'polypeptide(L)' no no 
;KPGDIFEVELAKNDNSLGISVTGGVNTSVRHGGIYVKAVIPQGAAESDGRIHKGDRVLAVNGVSLEGATHKQAVETLRNT
GQVVHLLLEKGQSPT
;
;KPGDIFEVELAKNDNSLGISVTGGVNTSVRHGGIYVKAVIPQGAAESDGRIHKGDRVLAVNGVSLEGATHKQAVETLRNT
GQVVHLLLEKGQSPT
;
A,B ? 
2 'polypeptide(L)' no no RHSGSYLVTSV                                                                                        
RHSGSYLVTSV                                                                                        C,D ? 
# 
loop_
_entity_poly_seq.entity_id 
_entity_poly_seq.num 
_entity_poly_seq.mon_id 
_entity_poly_seq.hetero 
1 1  LYS n 
1 2  PRO n 
1 3  GLY n 
1 4  ASP n 
1 5  ILE n 
1 6  PHE n 
1 7  GLU n 
1 8  VAL n 
1 9  GLU n 
1 10 LEU n 
1 11 ALA n 
1 12 LYS n 
1 13 ASN n 
1 14 ASP n 
1 15 ASN n 
1 16 SER n 
1 17 LEU n 
1 18 GLY n 
1 19 ILE n 
1 20 SER n 
1 21 VAL n 
1 22 THR n 
1 23 GLY n 
1 24 GLY n 
1 25 VAL n 
1 26 ASN n 
1 27 THR n 
1 28 SER n 
1 29 VAL n 
1 30 ARG n 
1 31 HIS n 
1 32 GLY n 
1 33 GLY n 
1 34 ILE n 
1 35 TYR n 
1 36 VAL n 
1 37 LYS n 
1 38 ALA n 
1 39 VAL n 
1 40 ILE n 
1 41 PRO n 
1 42 GLN n 
1 43 GLY n 
1 44 ALA n 
1 45 ALA n 
1 46 GLU n 
1 47 SER n 
1 48 ASP n 
1 49 GLY n 
1 50 ARG n 
1 51 ILE n 
1 52 HIS n 
1 53 LYS n 
1 54 GLY n 
1 55 ASP n 
1 56 ARG n 
1 57 VAL n 
1 58 LEU n 
1 59 ALA n 
1 60 VAL n 
1 61 ASN n 
1 62 GLY n 
1 63 VAL n 
1 64 SER n 
1 65 LEU n 
1 66 GLU n 
1 67 GLY n 
1 68 ALA n 
1 69 THR n 
1 70 HIS n 
1 71 LYS n 
1 72 GLN n 
1 73 ALA n 
1 74 VAL n 
1 75 GLU n 
1 76 THR n 
1 77 LEU n 
1 78 ARG n 
1 79 ASN n 
1 80 THR n 
1 81 GLY n 
1 82 GLN n 
1 83 VAL n 
1 84 VAL n 
1 85 HIS n 
1 86 LEU n 
1 87 LEU n 
1 88 LEU n 
1 89 GLU n 
1 90 LYS n 
1 91 GLY n 
1 92 GLN n 
1 93 SER n 
1 94 PRO n 
1 95 THR n 
2 1  ARG n 
2 2  HIS n 
2 3  SER n 
2 4  GLY n 
2 5  SER n 
2 6  TYR n 
2 7  LEU n 
2 8  VAL n 
2 9  THR n 
2 10 SER n 
2 11 VAL n 
# 
_entity_src_gen.entity_id                          1 
_entity_src_gen.pdbx_src_id                        1 
_entity_src_gen.pdbx_alt_source_flag               sample 
_entity_src_gen.pdbx_seq_type                      'Biological sequence' 
_entity_src_gen.pdbx_beg_seq_num                   1 
_entity_src_gen.pdbx_end_seq_num                   95 
_entity_src_gen.gene_src_common_name               human 
_entity_src_gen.gene_src_genus                     ? 
_entity_src_gen.pdbx_gene_src_gene                 'PTPN13, PNP1, PTP1E, PTPL1' 
_entity_src_gen.gene_src_species                   ? 
_entity_src_gen.gene_src_strain                    ? 
_entity_src_gen.gene_src_tissue                    ? 
_entity_src_gen.gene_src_tissue_fraction           ? 
_entity_src_gen.gene_src_details                   ? 
_entity_src_gen.pdbx_gene_src_fragment             ? 
_entity_src_gen.pdbx_gene_src_scientific_name      'Homo sapiens' 
_entity_src_gen.pdbx_gene_src_ncbi_taxonomy_id     9606 
_entity_src_gen.pdbx_gene_src_variant              ? 
_entity_src_gen.pdbx_gene_src_cell_line            ? 
_entity_src_gen.pdbx_gene_src_atcc                 ? 
_entity_src_gen.pdbx_gene_src_organ                ? 
_entity_src_gen.pdbx_gene_src_organelle            ? 
_entity_src_gen.pdbx_gene_src_cell                 ? 
_entity_src_gen.pdbx_gene_src_cellular_location    ? 
_entity_src_gen.host_org_common_name               ? 
_entity_src_gen.pdbx_host_org_scientific_name      'Escherichia coli BL21(DE3)' 
_entity_src_gen.pdbx_host_org_ncbi_taxonomy_id     469008 
_entity_src_gen.host_org_genus                     ? 
_entity_src_gen.pdbx_host_org_gene                 ? 
_entity_src_gen.pdbx_host_org_organ                ? 
_entity_src_gen.host_org_species                   ? 
_entity_src_gen.pdbx_host_org_tissue               ? 
_entity_src_gen.pdbx_host_org_tissue_fraction      ? 
_entity_src_gen.pdbx_host_org_strain               ? 
_entity_src_gen.pdbx_host_org_variant              ? 
_entity_src_gen.pdbx_host_org_cell_line            ? 
_entity_src_gen.pdbx_host_org_atcc                 ? 
_entity_src_gen.pdbx_host_org_culture_collection   ? 
_entity_src_gen.pdbx_host_org_cell                 ? 
_entity_src_gen.pdbx_host_org_organelle            ? 
_entity_src_gen.pdbx_host_org_cellular_location    ? 
_entity_src_gen.pdbx_host_org_vector_type          plasmid 
_entity_src_gen.pdbx_host_org_vector               ? 
_entity_src_gen.host_org_details                   ? 
_entity_src_gen.expression_system_id               ? 
_entity_src_gen.plasmid_name                       pET28as 
_entity_src_gen.plasmid_details                    ? 
_entity_src_gen.pdbx_description                   ? 
# 
_pdbx_entity_src_syn.entity_id              2 
_pdbx_entity_src_syn.pdbx_src_id            1 
_pdbx_entity_src_syn.pdbx_alt_source_flag   sample 
_pdbx_entity_src_syn.pdbx_beg_seq_num       1 
_pdbx_entity_src_syn.pdbx_end_seq_num       11 
_pdbx_entity_src_syn.organism_scientific    'Homo sapiens' 
_pdbx_entity_src_syn.organism_common_name   human 
_pdbx_entity_src_syn.ncbi_taxonomy_id       9606 
_pdbx_entity_src_syn.details                ? 
# 
loop_
_struct_ref.id 
_struct_ref.db_name 
_struct_ref.db_code 
_struct_ref.pdbx_db_accession 
_struct_ref.pdbx_db_isoform 
_struct_ref.entity_id 
_struct_ref.pdbx_seq_one_letter_code 
_struct_ref.pdbx_align_begin 
1 UNP PTN13_HUMAN Q12923 ? 1 
;KPGDIFEVELAKNDNSLGISVTGGVNTSVRHGGIYVKAVIPQGAAESDGRIHKGDRVLAVNGVSLEGATHKQAVETLRNT
GQVVHLLLEKGQSPT
;
1362 
2 UNP APC_HUMAN   P25054 ? 2 RHSGSYLVTSV                                                                                        
2833 
# 
loop_
_struct_ref_seq.align_id 
_struct_ref_seq.ref_id 
_struct_ref_seq.pdbx_PDB_id_code 
_struct_ref_seq.pdbx_strand_id 
_struct_ref_seq.seq_align_beg 
_struct_ref_seq.pdbx_seq_align_beg_ins_code 
_struct_ref_seq.seq_align_end 
_struct_ref_seq.pdbx_seq_align_end_ins_code 
_struct_ref_seq.pdbx_db_accession 
_struct_ref_seq.db_align_beg 
_struct_ref_seq.pdbx_db_align_beg_ins_code 
_struct_ref_seq.db_align_end 
_struct_ref_seq.pdbx_db_align_end_ins_code 
_struct_ref_seq.pdbx_auth_seq_align_beg 
_struct_ref_seq.pdbx_auth_seq_align_end 
1 1 7XTY A 1 ? 95 ? Q12923 1362 ? 1456 ? 1362 1456 
2 1 7XTY B 1 ? 95 ? Q12923 1362 ? 1456 ? 1362 1456 
3 2 7XTY C 1 ? 11 ? P25054 2833 ? 2843 ? 2833 2843 
4 2 7XTY D 1 ? 11 ? P25054 2833 ? 2843 ? 2833 2843 
# 
loop_
_chem_comp.id 
_chem_comp.type 
_chem_comp.mon_nstd_flag 
_chem_comp.name 
_chem_comp.pdbx_synonyms 
_chem_comp.formula 
_chem_comp.formula_weight 
ALA 'L-peptide linking' y ALANINE         ? 'C3 H7 N O2'     89.093  
ARG 'L-peptide linking' y ARGININE        ? 'C6 H15 N4 O2 1' 175.209 
ASN 'L-peptide linking' y ASPARAGINE      ? 'C4 H8 N2 O3'    132.118 
ASP 'L-peptide linking' y 'ASPARTIC ACID' ? 'C4 H7 N O4'     133.103 
GLN 'L-peptide linking' y GLUTAMINE       ? 'C5 H10 N2 O3'   146.144 
GLU 'L-peptide linking' y 'GLUTAMIC ACID' ? 'C5 H9 N O4'     147.129 
GLY 'peptide linking'   y GLYCINE         ? 'C2 H5 N O2'     75.067  
HIS 'L-peptide linking' y HISTIDINE       ? 'C6 H10 N3 O2 1' 156.162 
HOH non-polymer         . WATER           ? 'H2 O'           18.015  
ILE 'L-peptide linking' y ISOLEUCINE      ? 'C6 H13 N O2'    131.173 
LEU 'L-peptide linking' y LEUCINE         ? 'C6 H13 N O2'    131.173 
LYS 'L-peptide linking' y LYSINE          ? 'C6 H15 N2 O2 1' 147.195 
PHE 'L-peptide linking' y PHENYLALANINE   ? 'C9 H11 N O2'    165.189 
PRO 'L-peptide linking' y PROLINE         ? 'C5 H9 N O2'     115.130 
SER 'L-peptide linking' y SERINE          ? 'C3 H7 N O3'     105.093 
THR 'L-peptide linking' y THREONINE       ? 'C4 H9 N O3'     119.119 
TYR 'L-peptide linking' y TYROSINE        ? 'C9 H11 N O3'    181.189 
VAL 'L-peptide linking' y VALINE          ? 'C5 H11 N O2'    117.146 
# 
_exptl.absorpt_coefficient_mu     ? 
_exptl.absorpt_correction_T_max   ? 
_exptl.absorpt_correction_T_min   ? 
_exptl.absorpt_correction_type    ? 
_exptl.absorpt_process_details    ? 
_exptl.entry_id                   7XTY 
_exptl.crystals_number            1 
_exptl.details                    ? 
_exptl.method                     'X-RAY DIFFRACTION' 
_exptl.method_details             ? 
# 
_exptl_crystal.colour                       ? 
_exptl_crystal.density_diffrn               ? 
_exptl_crystal.density_Matthews             2.35 
_exptl_crystal.density_method               ? 
_exptl_crystal.density_percent_sol          47.59 
_exptl_crystal.description                  ? 
_exptl_crystal.F_000                        ? 
_exptl_crystal.id                           1 
_exptl_crystal.preparation                  ? 
_exptl_crystal.size_max                     ? 
_exptl_crystal.size_mid                     ? 
_exptl_crystal.size_min                     ? 
_exptl_crystal.size_rad                     ? 
_exptl_crystal.colour_lustre                ? 
_exptl_crystal.colour_modifier              ? 
_exptl_crystal.colour_primary               ? 
_exptl_crystal.density_meas                 ? 
_exptl_crystal.density_meas_esd             ? 
_exptl_crystal.density_meas_gt              ? 
_exptl_crystal.density_meas_lt              ? 
_exptl_crystal.density_meas_temp            ? 
_exptl_crystal.density_meas_temp_esd        ? 
_exptl_crystal.density_meas_temp_gt         ? 
_exptl_crystal.density_meas_temp_lt         ? 
_exptl_crystal.pdbx_crystal_image_url       ? 
_exptl_crystal.pdbx_crystal_image_format    ? 
_exptl_crystal.pdbx_mosaicity               0.315 
_exptl_crystal.pdbx_mosaicity_esd           ? 
_exptl_crystal.pdbx_mosaic_method           ? 
_exptl_crystal.pdbx_mosaic_block_size       ? 
_exptl_crystal.pdbx_mosaic_block_size_esd   ? 
# 
_exptl_crystal_grow.apparatus       ? 
_exptl_crystal_grow.atmosphere      ? 
_exptl_crystal_grow.crystal_id      1 
_exptl_crystal_grow.details         ? 
_exptl_crystal_grow.method          'VAPOR DIFFUSION' 
_exptl_crystal_grow.method_ref      ? 
_exptl_crystal_grow.pH              6.8 
_exptl_crystal_grow.pressure        ? 
_exptl_crystal_grow.pressure_esd    ? 
_exptl_crystal_grow.seeding         ? 
_exptl_crystal_grow.seeding_ref     ? 
_exptl_crystal_grow.temp            289 
_exptl_crystal_grow.temp_details    ? 
_exptl_crystal_grow.temp_esd        ? 
_exptl_crystal_grow.time            ? 
_exptl_crystal_grow.pdbx_details    '0.1M citric acid (pH 3.5), 3M NaCl' 
_exptl_crystal_grow.pdbx_pH_range   ? 
# 
_diffrn.ambient_environment              ? 
_diffrn.ambient_temp                     100 
_diffrn.ambient_temp_details             ? 
_diffrn.ambient_temp_esd                 ? 
_diffrn.crystal_id                       1 
_diffrn.crystal_support                  ? 
_diffrn.crystal_treatment                ? 
_diffrn.details                          ? 
_diffrn.id                               1 
_diffrn.ambient_pressure                 ? 
_diffrn.ambient_pressure_esd             ? 
_diffrn.ambient_pressure_gt              ? 
_diffrn.ambient_pressure_lt              ? 
_diffrn.ambient_temp_gt                  ? 
_diffrn.ambient_temp_lt                  ? 
_diffrn.pdbx_serial_crystal_experiment   N 
# 
_diffrn_detector.details                      mirrors 
_diffrn_detector.detector                     PIXEL 
_diffrn_detector.diffrn_id                    1 
_diffrn_detector.type                         SIEMENS-NICOLET 
_diffrn_detector.area_resol_mean              ? 
_diffrn_detector.dtime                        ? 
_diffrn_detector.pdbx_frames_total            ? 
_diffrn_detector.pdbx_collection_time_total   ? 
_diffrn_detector.pdbx_collection_date         2021-07-18 
_diffrn_detector.pdbx_frequency               ? 
# 
_diffrn_radiation.collimation                      ? 
_diffrn_radiation.diffrn_id                        1 
_diffrn_radiation.filter_edge                      ? 
_diffrn_radiation.inhomogeneity                    ? 
_diffrn_radiation.monochromator                    'Ni FILTER' 
_diffrn_radiation.polarisn_norm                    ? 
_diffrn_radiation.polarisn_ratio                   ? 
_diffrn_radiation.probe                            ? 
_diffrn_radiation.type                             ? 
_diffrn_radiation.xray_symbol                      ? 
_diffrn_radiation.wavelength_id                    1 
_diffrn_radiation.pdbx_monochromatic_or_laue_m_l   M 
_diffrn_radiation.pdbx_wavelength_list             ? 
_diffrn_radiation.pdbx_wavelength                  ? 
_diffrn_radiation.pdbx_diffrn_protocol             'SINGLE WAVELENGTH' 
_diffrn_radiation.pdbx_analyzer                    ? 
_diffrn_radiation.pdbx_scattering_type             x-ray 
# 
_diffrn_radiation_wavelength.id           1 
_diffrn_radiation_wavelength.wavelength   0.97853 
_diffrn_radiation_wavelength.wt           1.0 
# 
_diffrn_source.current                     ? 
_diffrn_source.details                     ? 
_diffrn_source.diffrn_id                   1 
_diffrn_source.power                       ? 
_diffrn_source.size                        ? 
_diffrn_source.source                      SYNCHROTRON 
_diffrn_source.target                      ? 
_diffrn_source.type                        'SSRF BEAMLINE BL19U1' 
_diffrn_source.voltage                     ? 
_diffrn_source.take-off_angle              ? 
_diffrn_source.pdbx_wavelength_list        0.97853 
_diffrn_source.pdbx_wavelength             ? 
_diffrn_source.pdbx_synchrotron_beamline   BL19U1 
_diffrn_source.pdbx_synchrotron_site       SSRF 
# 
_reflns.B_iso_Wilson_estimate                          23.510 
_reflns.entry_id                                       7XTY 
_reflns.data_reduction_details                         ? 
_reflns.data_reduction_method                          ? 
_reflns.d_resolution_high                              2.100 
_reflns.d_resolution_low                               50.000 
_reflns.details                                        ? 
_reflns.limit_h_max                                    ? 
_reflns.limit_h_min                                    ? 
_reflns.limit_k_max                                    ? 
_reflns.limit_k_min                                    ? 
_reflns.limit_l_max                                    ? 
_reflns.limit_l_min                                    ? 
_reflns.number_all                                     ? 
_reflns.number_obs                                     12152 
_reflns.observed_criterion                             ? 
_reflns.observed_criterion_F_max                       ? 
_reflns.observed_criterion_F_min                       ? 
_reflns.observed_criterion_I_max                       ? 
_reflns.observed_criterion_I_min                       ? 
_reflns.observed_criterion_sigma_F                     ? 
_reflns.observed_criterion_sigma_I                     ? 
_reflns.percent_possible_obs                           98.000 
_reflns.R_free_details                                 ? 
_reflns.Rmerge_F_all                                   ? 
_reflns.Rmerge_F_obs                                   ? 
_reflns.Friedel_coverage                               ? 
_reflns.number_gt                                      ? 
_reflns.threshold_expression                           ? 
_reflns.pdbx_redundancy                                6.000 
_reflns.pdbx_Rmerge_I_obs                              0.173 
_reflns.pdbx_Rmerge_I_all                              ? 
_reflns.pdbx_Rsym_value                                ? 
_reflns.pdbx_netI_over_av_sigmaI                       ? 
_reflns.pdbx_netI_over_sigmaI                          3.100 
_reflns.pdbx_res_netI_over_av_sigmaI_2                 ? 
_reflns.pdbx_res_netI_over_sigmaI_2                    ? 
_reflns.pdbx_chi_squared                               0.845 
_reflns.pdbx_scaling_rejects                           ? 
_reflns.pdbx_d_res_high_opt                            ? 
_reflns.pdbx_d_res_low_opt                             ? 
_reflns.pdbx_d_res_opt_method                          ? 
_reflns.phase_calculation_details                      ? 
_reflns.pdbx_Rrim_I_all                                0.189 
_reflns.pdbx_Rpim_I_all                                0.074 
_reflns.pdbx_d_opt                                     ? 
_reflns.pdbx_number_measured_all                       72771 
_reflns.pdbx_diffrn_id                                 1 
_reflns.pdbx_ordinal                                   1 
_reflns.pdbx_CC_half                                   ? 
_reflns.pdbx_CC_star                                   ? 
_reflns.pdbx_R_split                                   ? 
_reflns.pdbx_aniso_diffraction_limit_axis_1_ortho[1]   ? 
_reflns.pdbx_aniso_diffraction_limit_axis_1_ortho[2]   ? 
_reflns.pdbx_aniso_diffraction_limit_axis_1_ortho[3]   ? 
_reflns.pdbx_aniso_diffraction_limit_axis_2_ortho[1]   ? 
_reflns.pdbx_aniso_diffraction_limit_axis_2_ortho[2]   ? 
_reflns.pdbx_aniso_diffraction_limit_axis_2_ortho[3]   ? 
_reflns.pdbx_aniso_diffraction_limit_axis_3_ortho[1]   ? 
_reflns.pdbx_aniso_diffraction_limit_axis_3_ortho[2]   ? 
_reflns.pdbx_aniso_diffraction_limit_axis_3_ortho[3]   ? 
_reflns.pdbx_aniso_diffraction_limit_1                 ? 
_reflns.pdbx_aniso_diffraction_limit_2                 ? 
_reflns.pdbx_aniso_diffraction_limit_3                 ? 
_reflns.pdbx_aniso_B_tensor_eigenvector_1_ortho[1]     ? 
_reflns.pdbx_aniso_B_tensor_eigenvector_1_ortho[2]     ? 
_reflns.pdbx_aniso_B_tensor_eigenvector_1_ortho[3]     ? 
_reflns.pdbx_aniso_B_tensor_eigenvector_2_ortho[1]     ? 
_reflns.pdbx_aniso_B_tensor_eigenvector_2_ortho[2]     ? 
_reflns.pdbx_aniso_B_tensor_eigenvector_2_ortho[3]     ? 
_reflns.pdbx_aniso_B_tensor_eigenvector_3_ortho[1]     ? 
_reflns.pdbx_aniso_B_tensor_eigenvector_3_ortho[2]     ? 
_reflns.pdbx_aniso_B_tensor_eigenvector_3_ortho[3]     ? 
_reflns.pdbx_aniso_B_tensor_eigenvalue_1               ? 
_reflns.pdbx_aniso_B_tensor_eigenvalue_2               ? 
_reflns.pdbx_aniso_B_tensor_eigenvalue_3               ? 
_reflns.pdbx_orthogonalization_convention              ? 
_reflns.pdbx_percent_possible_ellipsoidal              ? 
_reflns.pdbx_percent_possible_spherical                ? 
_reflns.pdbx_percent_possible_ellipsoidal_anomalous    ? 
_reflns.pdbx_percent_possible_spherical_anomalous      ? 
_reflns.pdbx_redundancy_anomalous                      ? 
_reflns.pdbx_CC_half_anomalous                         ? 
_reflns.pdbx_absDiff_over_sigma_anomalous              ? 
_reflns.pdbx_percent_possible_anomalous                ? 
_reflns.pdbx_observed_signal_threshold                 ? 
_reflns.pdbx_signal_type                               ? 
_reflns.pdbx_signal_details                            ? 
_reflns.pdbx_signal_software_id                        ? 
_reflns.pdbx_CC_split_method                           ? 
# 
loop_
_reflns_shell.d_res_high 
_reflns_shell.d_res_low 
_reflns_shell.meanI_over_sigI_all 
_reflns_shell.meanI_over_sigI_obs 
_reflns_shell.number_measured_all 
_reflns_shell.number_measured_obs 
_reflns_shell.number_possible 
_reflns_shell.number_unique_all 
_reflns_shell.number_unique_obs 
_reflns_shell.percent_possible_all 
_reflns_shell.percent_possible_obs 
_reflns_shell.Rmerge_F_all 
_reflns_shell.Rmerge_F_obs 
_reflns_shell.Rmerge_I_all 
_reflns_shell.Rmerge_I_obs 
_reflns_shell.meanI_over_sigI_gt 
_reflns_shell.meanI_over_uI_all 
_reflns_shell.meanI_over_uI_gt 
_reflns_shell.number_measured_gt 
_reflns_shell.number_unique_gt 
_reflns_shell.percent_possible_gt 
_reflns_shell.Rmerge_F_gt 
_reflns_shell.Rmerge_I_gt 
_reflns_shell.pdbx_redundancy 
_reflns_shell.pdbx_Rsym_value 
_reflns_shell.pdbx_chi_squared 
_reflns_shell.pdbx_netI_over_sigmaI_all 
_reflns_shell.pdbx_netI_over_sigmaI_obs 
_reflns_shell.pdbx_Rrim_I_all 
_reflns_shell.pdbx_Rpim_I_all 
_reflns_shell.pdbx_rejects 
_reflns_shell.pdbx_ordinal 
_reflns_shell.pdbx_diffrn_id 
_reflns_shell.pdbx_CC_half 
_reflns_shell.pdbx_CC_star 
_reflns_shell.pdbx_R_split 
_reflns_shell.pdbx_percent_possible_ellipsoidal 
_reflns_shell.pdbx_percent_possible_spherical 
_reflns_shell.pdbx_percent_possible_ellipsoidal_anomalous 
_reflns_shell.pdbx_percent_possible_spherical_anomalous 
_reflns_shell.pdbx_redundancy_anomalous 
_reflns_shell.pdbx_CC_half_anomalous 
_reflns_shell.pdbx_absDiff_over_sigma_anomalous 
_reflns_shell.pdbx_percent_possible_anomalous 
2.100 2.140  ? ? ? ? ? ? 562 87.400  ? ? ? ? 0.374 ? ? ? ? ? ? ? ? 4.200 ? 0.544 ? ? 0.419 0.186 ? 1  1 0.883 ? ? ? ? ? ? ? ? ? ? 
2.140 2.180  ? ? ? ? ? ? 519 89.000  ? ? ? ? 0.363 ? ? ? ? ? ? ? ? 4.500 ? 0.572 ? ? 0.405 0.175 ? 2  1 0.910 ? ? ? ? ? ? ? ? ? ? 
2.180 2.220  ? ? ? ? ? ? 583 92.400  ? ? ? ? 0.379 ? ? ? ? ? ? ? ? 4.600 ? 0.613 ? ? 0.421 0.180 ? 3  1 0.898 ? ? ? ? ? ? ? ? ? ? 
2.220 2.260  ? ? ? ? ? ? 570 95.300  ? ? ? ? 0.343 ? ? ? ? ? ? ? ? 4.600 ? 0.632 ? ? 0.382 0.164 ? 4  1 0.884 ? ? ? ? ? ? ? ? ? ? 
2.260 2.310  ? ? ? ? ? ? 600 97.600  ? ? ? ? 0.346 ? ? ? ? ? ? ? ? 5.000 ? 0.640 ? ? 0.383 0.161 ? 5  1 0.899 ? ? ? ? ? ? ? ? ? ? 
2.310 2.370  ? ? ? ? ? ? 592 98.200  ? ? ? ? 0.345 ? ? ? ? ? ? ? ? 5.400 ? 0.612 ? ? 0.379 0.155 ? 6  1 0.916 ? ? ? ? ? ? ? ? ? ? 
2.370 2.420  ? ? ? ? ? ? 607 99.500  ? ? ? ? 0.316 ? ? ? ? ? ? ? ? 6.000 ? 0.572 ? ? 0.344 0.135 ? 7  1 0.948 ? ? ? ? ? ? ? ? ? ? 
2.420 2.490  ? ? ? ? ? ? 629 99.800  ? ? ? ? 0.314 ? ? ? ? ? ? ? ? 6.400 ? 0.591 ? ? 0.342 0.133 ? 8  1 0.942 ? ? ? ? ? ? ? ? ? ? 
2.490 2.560  ? ? ? ? ? ? 623 100.000 ? ? ? ? 0.329 ? ? ? ? ? ? ? ? 6.500 ? 0.590 ? ? 0.357 0.138 ? 9  1 0.951 ? ? ? ? ? ? ? ? ? ? 
2.560 2.650  ? ? ? ? ? ? 599 100.000 ? ? ? ? 0.263 ? ? ? ? ? ? ? ? 6.500 ? 0.610 ? ? 0.286 0.111 ? 10 1 0.971 ? ? ? ? ? ? ? ? ? ? 
2.650 2.740  ? ? ? ? ? ? 612 100.000 ? ? ? ? 0.260 ? ? ? ? ? ? ? ? 6.300 ? 0.746 ? ? 0.284 0.112 ? 11 1 0.967 ? ? ? ? ? ? ? ? ? ? 
2.740 2.850  ? ? ? ? ? ? 623 100.000 ? ? ? ? 0.235 ? ? ? ? ? ? ? ? 6.300 ? 0.709 ? ? 0.256 0.101 ? 12 1 0.963 ? ? ? ? ? ? ? ? ? ? 
2.850 2.980  ? ? ? ? ? ? 620 100.000 ? ? ? ? 0.217 ? ? ? ? ? ? ? ? 6.800 ? 0.802 ? ? 0.235 0.089 ? 13 1 0.969 ? ? ? ? ? ? ? ? ? ? 
2.980 3.140  ? ? ? ? ? ? 604 100.000 ? ? ? ? 0.202 ? ? ? ? ? ? ? ? 6.900 ? 0.841 ? ? 0.219 0.083 ? 14 1 0.970 ? ? ? ? ? ? ? ? ? ? 
3.140 3.330  ? ? ? ? ? ? 621 100.000 ? ? ? ? 0.175 ? ? ? ? ? ? ? ? 6.700 ? 0.982 ? ? 0.190 0.073 ? 15 1 0.977 ? ? ? ? ? ? ? ? ? ? 
3.330 3.590  ? ? ? ? ? ? 630 100.000 ? ? ? ? 0.153 ? ? ? ? ? ? ? ? 6.400 ? 1.087 ? ? 0.167 0.066 ? 16 1 0.967 ? ? ? ? ? ? ? ? ? ? 
3.590 3.950  ? ? ? ? ? ? 623 100.000 ? ? ? ? 0.138 ? ? ? ? ? ? ? ? 6.600 ? 1.179 ? ? 0.150 0.058 ? 17 1 0.984 ? ? ? ? ? ? ? ? ? ? 
3.950 4.520  ? ? ? ? ? ? 635 100.000 ? ? ? ? 0.129 ? ? ? ? ? ? ? ? 6.800 ? 1.361 ? ? 0.139 0.053 ? 18 1 0.987 ? ? ? ? ? ? ? ? ? ? 
4.520 5.700  ? ? ? ? ? ? 630 100.000 ? ? ? ? 0.123 ? ? ? ? ? ? ? ? 6.200 ? 1.224 ? ? 0.135 0.054 ? 19 1 0.977 ? ? ? ? ? ? ? ? ? ? 
5.700 50.000 ? ? ? ? ? ? 670 100.000 ? ? ? ? 0.126 ? ? ? ? ? ? ? ? 6.200 ? 1.323 ? ? 0.139 0.056 ? 20 1 0.978 ? ? ? ? ? ? ? ? ? ? 
# 
_refine.aniso_B[1][1]                            ? 
_refine.aniso_B[1][2]                            ? 
_refine.aniso_B[1][3]                            ? 
_refine.aniso_B[2][2]                            ? 
_refine.aniso_B[2][3]                            ? 
_refine.aniso_B[3][3]                            ? 
_refine.B_iso_max                                65.090 
_refine.B_iso_mean                               27.2849 
_refine.B_iso_min                                9.740 
_refine.correlation_coeff_Fo_to_Fc               ? 
_refine.correlation_coeff_Fo_to_Fc_free          ? 
_refine.details                                  ? 
_refine.diff_density_max                         ? 
_refine.diff_density_max_esd                     ? 
_refine.diff_density_min                         ? 
_refine.diff_density_min_esd                     ? 
_refine.diff_density_rms                         ? 
_refine.diff_density_rms_esd                     ? 
_refine.entry_id                                 7XTY 
_refine.pdbx_refine_id                           'X-RAY DIFFRACTION' 
_refine.ls_abs_structure_details                 ? 
_refine.ls_abs_structure_Flack                   ? 
_refine.ls_abs_structure_Flack_esd               ? 
_refine.ls_abs_structure_Rogers                  ? 
_refine.ls_abs_structure_Rogers_esd              ? 
_refine.ls_d_res_high                            2.1000 
_refine.ls_d_res_low                             33.1400 
_refine.ls_extinction_coef                       ? 
_refine.ls_extinction_coef_esd                   ? 
_refine.ls_extinction_expression                 ? 
_refine.ls_extinction_method                     ? 
_refine.ls_goodness_of_fit_all                   ? 
_refine.ls_goodness_of_fit_all_esd               ? 
_refine.ls_goodness_of_fit_obs                   ? 
_refine.ls_goodness_of_fit_obs_esd               ? 
_refine.ls_hydrogen_treatment                    ? 
_refine.ls_matrix_type                           ? 
_refine.ls_number_constraints                    ? 
_refine.ls_number_parameters                     ? 
_refine.ls_number_reflns_all                     ? 
_refine.ls_number_reflns_obs                     12144 
_refine.ls_number_reflns_R_free                  1215 
_refine.ls_number_reflns_R_work                  10929 
_refine.ls_number_restraints                     ? 
_refine.ls_percent_reflns_obs                    97.8100 
_refine.ls_percent_reflns_R_free                 10.0000 
_refine.ls_R_factor_all                          ? 
_refine.ls_R_factor_obs                          0.1983 
_refine.ls_R_factor_R_free                       0.2402 
_refine.ls_R_factor_R_free_error                 ? 
_refine.ls_R_factor_R_free_error_details         ? 
_refine.ls_R_factor_R_work                       0.1935 
_refine.ls_R_Fsqd_factor_obs                     ? 
_refine.ls_R_I_factor_obs                        ? 
_refine.ls_redundancy_reflns_all                 ? 
_refine.ls_redundancy_reflns_obs                 ? 
_refine.ls_restrained_S_all                      ? 
_refine.ls_restrained_S_obs                      ? 
_refine.ls_shift_over_esd_max                    ? 
_refine.ls_shift_over_esd_mean                   ? 
_refine.ls_structure_factor_coef                 ? 
_refine.ls_weighting_details                     ? 
_refine.ls_weighting_scheme                      ? 
_refine.ls_wR_factor_all                         ? 
_refine.ls_wR_factor_obs                         ? 
_refine.ls_wR_factor_R_free                      ? 
_refine.ls_wR_factor_R_work                      ? 
_refine.occupancy_max                            ? 
_refine.occupancy_min                            ? 
_refine.solvent_model_details                    'FLAT BULK SOLVENT MODEL' 
_refine.solvent_model_param_bsol                 ? 
_refine.solvent_model_param_ksol                 ? 
_refine.pdbx_R_complete                          ? 
_refine.ls_R_factor_gt                           ? 
_refine.ls_goodness_of_fit_gt                    ? 
_refine.ls_goodness_of_fit_ref                   ? 
_refine.ls_shift_over_su_max                     ? 
_refine.ls_shift_over_su_max_lt                  ? 
_refine.ls_shift_over_su_mean                    ? 
_refine.ls_shift_over_su_mean_lt                 ? 
_refine.pdbx_ls_sigma_I                          ? 
_refine.pdbx_ls_sigma_F                          1.380 
_refine.pdbx_ls_sigma_Fsqd                       ? 
_refine.pdbx_data_cutoff_high_absF               ? 
_refine.pdbx_data_cutoff_high_rms_absF           ? 
_refine.pdbx_data_cutoff_low_absF                ? 
_refine.pdbx_isotropic_thermal_model             ? 
_refine.pdbx_ls_cross_valid_method               THROUGHOUT 
_refine.pdbx_method_to_determine_struct          'MOLECULAR REPLACEMENT' 
_refine.pdbx_starting_model                      3LNY 
_refine.pdbx_stereochemistry_target_values       ML 
_refine.pdbx_R_Free_selection_details            ? 
_refine.pdbx_stereochem_target_val_spec_case     ? 
_refine.pdbx_overall_ESU_R                       ? 
_refine.pdbx_overall_ESU_R_Free                  ? 
_refine.pdbx_solvent_vdw_probe_radii             1.1100 
_refine.pdbx_solvent_ion_probe_radii             ? 
_refine.pdbx_solvent_shrinkage_radii             0.9000 
_refine.pdbx_real_space_R                        ? 
_refine.pdbx_density_correlation                 ? 
_refine.pdbx_pd_number_of_powder_patterns        ? 
_refine.pdbx_pd_number_of_points                 ? 
_refine.pdbx_pd_meas_number_of_points            ? 
_refine.pdbx_pd_proc_ls_prof_R_factor            ? 
_refine.pdbx_pd_proc_ls_prof_wR_factor           ? 
_refine.pdbx_pd_Marquardt_correlation_coeff      ? 
_refine.pdbx_pd_Fsqrd_R_factor                   ? 
_refine.pdbx_pd_ls_matrix_band_width             ? 
_refine.pdbx_overall_phase_error                 23.1200 
_refine.pdbx_overall_SU_R_free_Cruickshank_DPI   ? 
_refine.pdbx_overall_SU_R_free_Blow_DPI          ? 
_refine.pdbx_overall_SU_R_Blow_DPI               ? 
_refine.pdbx_TLS_residual_ADP_flag               ? 
_refine.pdbx_diffrn_id                           1 
_refine.overall_SU_B                             ? 
_refine.overall_SU_ML                            0.2100 
_refine.overall_SU_R_Cruickshank_DPI             ? 
_refine.overall_SU_R_free                        ? 
_refine.overall_FOM_free_R_set                   ? 
_refine.overall_FOM_work_R_set                   ? 
_refine.pdbx_average_fsc_overall                 ? 
_refine.pdbx_average_fsc_work                    ? 
_refine.pdbx_average_fsc_free                    ? 
# 
_refine_hist.pdbx_refine_id                   'X-RAY DIFFRACTION' 
_refine_hist.cycle_id                         final 
_refine_hist.details                          ? 
_refine_hist.d_res_high                       2.1000 
_refine_hist.d_res_low                        33.1400 
_refine_hist.number_atoms_solvent             131 
_refine_hist.number_atoms_total               1563 
_refine_hist.number_reflns_all                ? 
_refine_hist.number_reflns_obs                ? 
_refine_hist.number_reflns_R_free             ? 
_refine_hist.number_reflns_R_work             ? 
_refine_hist.R_factor_all                     ? 
_refine_hist.R_factor_obs                     ? 
_refine_hist.R_factor_R_free                  ? 
_refine_hist.R_factor_R_work                  ? 
_refine_hist.pdbx_number_residues_total       195 
_refine_hist.pdbx_B_iso_mean_ligand           ? 
_refine_hist.pdbx_B_iso_mean_solvent          31.09 
_refine_hist.pdbx_number_atoms_protein        1432 
_refine_hist.pdbx_number_atoms_nucleic_acid   0 
_refine_hist.pdbx_number_atoms_ligand         0 
_refine_hist.pdbx_number_atoms_lipid          ? 
_refine_hist.pdbx_number_atoms_carb           ? 
_refine_hist.pdbx_pseudo_atom_details         ? 
# 
loop_
_refine_ls_shell.pdbx_refine_id 
_refine_ls_shell.d_res_high 
_refine_ls_shell.d_res_low 
_refine_ls_shell.number_reflns_all 
_refine_ls_shell.number_reflns_obs 
_refine_ls_shell.number_reflns_R_free 
_refine_ls_shell.number_reflns_R_work 
_refine_ls_shell.percent_reflns_obs 
_refine_ls_shell.percent_reflns_R_free 
_refine_ls_shell.R_factor_all 
_refine_ls_shell.R_factor_obs 
_refine_ls_shell.R_factor_R_free 
_refine_ls_shell.R_factor_R_free_error 
_refine_ls_shell.R_factor_R_work 
_refine_ls_shell.redundancy_reflns_all 
_refine_ls_shell.redundancy_reflns_obs 
_refine_ls_shell.wR_factor_all 
_refine_ls_shell.wR_factor_obs 
_refine_ls_shell.wR_factor_R_free 
_refine_ls_shell.wR_factor_R_work 
_refine_ls_shell.pdbx_R_complete 
_refine_ls_shell.pdbx_total_number_of_bins_used 
_refine_ls_shell.pdbx_phase_error 
_refine_ls_shell.pdbx_fsc_work 
_refine_ls_shell.pdbx_fsc_free 
'X-RAY DIFFRACTION' 2.1    2.1836 . . 120 1079 88.0000  . . . 0.2407 0.0000 0.2190 . . . . . . . . . . . 
'X-RAY DIFFRACTION' 2.1836 2.2829 . . 129 1165 94.0000  . . . 0.2672 0.0000 0.2079 . . . . . . . . . . . 
'X-RAY DIFFRACTION' 2.2829 2.4032 . . 133 1194 98.0000  . . . 0.2627 0.0000 0.1965 . . . . . . . . . . . 
'X-RAY DIFFRACTION' 2.4032 2.5538 . . 137 1225 100.0000 . . . 0.2678 0.0000 0.2163 . . . . . . . . . . . 
'X-RAY DIFFRACTION' 2.5538 2.7509 . . 137 1237 100.0000 . . . 0.2242 0.0000 0.2068 . . . . . . . . . . . 
'X-RAY DIFFRACTION' 2.7509 3.0275 . . 138 1237 100.0000 . . . 0.2424 0.0000 0.1972 . . . . . . . . . . . 
'X-RAY DIFFRACTION' 3.0275 3.4652 . . 136 1230 100.0000 . . . 0.2751 0.0000 0.1836 . . . . . . . . . . . 
# 
_struct.entry_id                     7XTY 
_struct.title                        'Crystal Structure of the second PDZ domain from human PTPN13 in complex with APC peptide' 
_struct.pdbx_model_details           ? 
_struct.pdbx_formula_weight          ? 
_struct.pdbx_formula_weight_method   ? 
_struct.pdbx_model_type_details      ? 
_struct.pdbx_CASP_flag               N 
# 
_struct_keywords.entry_id        7XTY 
_struct_keywords.text            'protein-protein complex, PEPTIDE BINDING PROTEIN' 
_struct_keywords.pdbx_keywords   'PEPTIDE BINDING PROTEIN' 
# 
loop_
_struct_asym.id 
_struct_asym.pdbx_blank_PDB_chainid_flag 
_struct_asym.pdbx_modified 
_struct_asym.entity_id 
_struct_asym.details 
A N N 1 ? 
B N N 1 ? 
C N N 2 ? 
D N N 2 ? 
E N N 3 ? 
F N N 3 ? 
G N N 3 ? 
H N N 3 ? 
# 
loop_
_struct_conf.conf_type_id 
_struct_conf.id 
_struct_conf.pdbx_PDB_helix_id 
_struct_conf.beg_label_comp_id 
_struct_conf.beg_label_asym_id 
_struct_conf.beg_label_seq_id 
_struct_conf.pdbx_beg_PDB_ins_code 
_struct_conf.end_label_comp_id 
_struct_conf.end_label_asym_id 
_struct_conf.end_label_seq_id 
_struct_conf.pdbx_end_PDB_ins_code 
_struct_conf.beg_auth_comp_id 
_struct_conf.beg_auth_asym_id 
_struct_conf.beg_auth_seq_id 
_struct_conf.end_auth_comp_id 
_struct_conf.end_auth_asym_id 
_struct_conf.end_auth_seq_id 
_struct_conf.pdbx_PDB_helix_class 
_struct_conf.details 
_struct_conf.pdbx_PDB_helix_length 
HELX_P HELX_P1 AA1 ILE A 40 ? SER A 47 ? ILE A 1401 SER A 1408 1 ? 8  
HELX_P HELX_P2 AA2 THR A 69 ? ASN A 79 ? THR A 1430 ASN A 1440 1 ? 11 
HELX_P HELX_P3 AA3 VAL B 29 ? GLY B 32 ? VAL B 1390 GLY B 1393 5 ? 4  
HELX_P HELX_P4 AA4 GLY B 43 ? GLY B 49 ? GLY B 1404 GLY B 1410 1 ? 7  
HELX_P HELX_P5 AA5 THR B 69 ? THR B 80 ? THR B 1430 THR B 1441 1 ? 12 
# 
_struct_conf_type.id          HELX_P 
_struct_conf_type.criteria    ? 
_struct_conf_type.reference   ? 
# 
loop_
_struct_sheet.id 
_struct_sheet.type 
_struct_sheet.number_strands 
_struct_sheet.details 
AA1 ? 4 ? 
AA2 ? 3 ? 
AA3 ? 4 ? 
AA4 ? 3 ? 
# 
loop_
_struct_sheet_order.sheet_id 
_struct_sheet_order.range_id_1 
_struct_sheet_order.range_id_2 
_struct_sheet_order.offset 
_struct_sheet_order.sense 
AA1 1 2 ? anti-parallel 
AA1 2 3 ? anti-parallel 
AA1 3 4 ? anti-parallel 
AA2 1 2 ? anti-parallel 
AA2 2 3 ? anti-parallel 
AA3 1 2 ? anti-parallel 
AA3 2 3 ? anti-parallel 
AA3 3 4 ? anti-parallel 
AA4 1 2 ? anti-parallel 
AA4 2 3 ? anti-parallel 
# 
loop_
_struct_sheet_range.sheet_id 
_struct_sheet_range.id 
_struct_sheet_range.beg_label_comp_id 
_struct_sheet_range.beg_label_asym_id 
_struct_sheet_range.beg_label_seq_id 
_struct_sheet_range.pdbx_beg_PDB_ins_code 
_struct_sheet_range.end_label_comp_id 
_struct_sheet_range.end_label_asym_id 
_struct_sheet_range.end_label_seq_id 
_struct_sheet_range.pdbx_end_PDB_ins_code 
_struct_sheet_range.beg_auth_comp_id 
_struct_sheet_range.beg_auth_asym_id 
_struct_sheet_range.beg_auth_seq_id 
_struct_sheet_range.end_auth_comp_id 
_struct_sheet_range.end_auth_asym_id 
_struct_sheet_range.end_auth_seq_id 
AA1 1 ILE A 5  ? ALA A 11 ? ILE A 1366 ALA A 1372 
AA1 2 VAL A 83 ? GLU A 89 ? VAL A 1444 GLU A 1450 
AA1 3 ARG A 56 ? VAL A 60 ? ARG A 1417 VAL A 1421 
AA1 4 VAL A 63 ? SER A 64 ? VAL A 1424 SER A 1425 
AA2 1 ILE A 34 ? VAL A 39 ? ILE A 1395 VAL A 1400 
AA2 2 ILE A 19 ? GLY A 23 ? ILE A 1380 GLY A 1384 
AA2 3 THR C 9  ? VAL C 11 ? THR C 2841 VAL C 2843 
AA3 1 ILE B 5  ? ALA B 11 ? ILE B 1366 ALA B 1372 
AA3 2 VAL B 83 ? GLU B 89 ? VAL B 1444 GLU B 1450 
AA3 3 ARG B 56 ? VAL B 60 ? ARG B 1417 VAL B 1421 
AA3 4 VAL B 63 ? SER B 64 ? VAL B 1424 SER B 1425 
AA4 1 ILE B 34 ? VAL B 39 ? ILE B 1395 VAL B 1400 
AA4 2 ILE B 19 ? GLY B 23 ? ILE B 1380 GLY B 1384 
AA4 3 THR D 9  ? VAL D 11 ? THR D 2841 VAL D 2843 
# 
loop_
_pdbx_struct_sheet_hbond.sheet_id 
_pdbx_struct_sheet_hbond.range_id_1 
_pdbx_struct_sheet_hbond.range_id_2 
_pdbx_struct_sheet_hbond.range_1_label_atom_id 
_pdbx_struct_sheet_hbond.range_1_label_comp_id 
_pdbx_struct_sheet_hbond.range_1_label_asym_id 
_pdbx_struct_sheet_hbond.range_1_label_seq_id 
_pdbx_struct_sheet_hbond.range_1_PDB_ins_code 
_pdbx_struct_sheet_hbond.range_1_auth_atom_id 
_pdbx_struct_sheet_hbond.range_1_auth_comp_id 
_pdbx_struct_sheet_hbond.range_1_auth_asym_id 
_pdbx_struct_sheet_hbond.range_1_auth_seq_id 
_pdbx_struct_sheet_hbond.range_2_label_atom_id 
_pdbx_struct_sheet_hbond.range_2_label_comp_id 
_pdbx_struct_sheet_hbond.range_2_label_asym_id 
_pdbx_struct_sheet_hbond.range_2_label_seq_id 
_pdbx_struct_sheet_hbond.range_2_PDB_ins_code 
_pdbx_struct_sheet_hbond.range_2_auth_atom_id 
_pdbx_struct_sheet_hbond.range_2_auth_comp_id 
_pdbx_struct_sheet_hbond.range_2_auth_asym_id 
_pdbx_struct_sheet_hbond.range_2_auth_seq_id 
AA1 1 2 N PHE A 6  ? N PHE A 1367 O LEU A 88 ? O LEU A 1449 
AA1 2 3 O LEU A 87 ? O LEU A 1448 N LEU A 58 ? N LEU A 1419 
AA1 3 4 N VAL A 60 ? N VAL A 1421 O VAL A 63 ? O VAL A 1424 
AA2 1 2 O LYS A 37 ? O LYS A 1398 N SER A 20 ? N SER A 1381 
AA2 2 3 N ILE A 19 ? N ILE A 1380 O VAL C 11 ? O VAL C 2843 
AA3 1 2 N VAL B 8  ? N VAL B 1369 O LEU B 86 ? O LEU B 1447 
AA3 2 3 O LEU B 87 ? O LEU B 1448 N LEU B 58 ? N LEU B 1419 
AA3 3 4 N VAL B 60 ? N VAL B 1421 O VAL B 63 ? O VAL B 1424 
AA4 1 2 O LYS B 37 ? O LYS B 1398 N SER B 20 ? N SER B 1381 
AA4 2 3 N VAL B 21 ? N VAL B 1382 O THR D 9  ? O THR D 2841 
# 
_atom_sites.entry_id                    7XTY 
_atom_sites.Cartn_transf_matrix[1][1]   ? 
_atom_sites.Cartn_transf_matrix[1][2]   ? 
_atom_sites.Cartn_transf_matrix[1][3]   ? 
_atom_sites.Cartn_transf_matrix[2][1]   ? 
_atom_sites.Cartn_transf_matrix[2][2]   ? 
_atom_sites.Cartn_transf_matrix[2][3]   ? 
_atom_sites.Cartn_transf_matrix[3][1]   ? 
_atom_sites.Cartn_transf_matrix[3][2]   ? 
_atom_sites.Cartn_transf_matrix[3][3]   ? 
_atom_sites.Cartn_transf_vector[1]      ? 
_atom_sites.Cartn_transf_vector[2]      ? 
_atom_sites.Cartn_transf_vector[3]      ? 
_atom_sites.fract_transf_matrix[1][1]   0.00374912 
_atom_sites.fract_transf_matrix[1][2]   0.00987977 
_atom_sites.fract_transf_matrix[1][3]   0.00242485 
_atom_sites.fract_transf_matrix[2][1]   -0.00264676 
_atom_sites.fract_transf_matrix[2][2]   -0.00637726 
_atom_sites.fract_transf_matrix[2][3]   0.03007560 
_atom_sites.fract_transf_matrix[3][1]   0.01505346 
_atom_sites.fract_transf_matrix[3][2]   -0.00064366 
_atom_sites.fract_transf_matrix[3][3]   0.00118828 
_atom_sites.fract_transf_vector[1]      0.262250 
_atom_sites.fract_transf_vector[2]      0.046703 
_atom_sites.fract_transf_vector[3]      0.178193 
_atom_sites.solution_primary            ? 
_atom_sites.solution_secondary          ? 
_atom_sites.solution_hydrogens          ? 
_atom_sites.special_details             ? 
# 
loop_
_atom_type.symbol 
C 
N 
O 
# 
loop_
_atom_site.group_PDB 
_atom_site.id 
_atom_site.type_symbol 
_atom_site.label_atom_id 
_atom_site.label_alt_id 
_atom_site.label_comp_id 
_atom_site.label_asym_id 
_atom_site.label_entity_id 
_atom_site.label_seq_id 
_atom_site.pdbx_PDB_ins_code 
_atom_site.Cartn_x 
_atom_site.Cartn_y 
_atom_site.Cartn_z 
_atom_site.occupancy 
_atom_site.B_iso_or_equiv 
_atom_site.pdbx_formal_charge 
_atom_site.auth_seq_id 
_atom_site.auth_comp_id 
_atom_site.auth_asym_id 
_atom_site.auth_atom_id 
_atom_site.pdbx_PDB_model_num 
ATOM   1    N N   . GLY A 1 3  ? 3.865   -6.849  -10.830 1.00 43.61 ? 1364 GLY A N   1 
ATOM   2    C CA  . GLY A 1 3  ? 4.870   -5.926  -10.329 1.00 41.81 ? 1364 GLY A CA  1 
ATOM   3    C C   . GLY A 1 3  ? 4.448   -4.465  -10.313 1.00 43.29 ? 1364 GLY A C   1 
ATOM   4    O O   . GLY A 1 3  ? 4.753   -3.743  -9.351  1.00 43.50 ? 1364 GLY A O   1 
ATOM   5    N N   . ASP A 1 4  ? 3.770   -4.019  -11.378 1.00 41.18 ? 1365 ASP A N   1 
ATOM   6    C CA  . ASP A 1 4  ? 3.304   -2.637  -11.439 1.00 37.44 ? 1365 ASP A CA  1 
ATOM   7    C C   . ASP A 1 4  ? 2.298   -2.383  -10.328 1.00 34.86 ? 1365 ASP A C   1 
ATOM   8    O O   . ASP A 1 4  ? 1.409   -3.204  -10.076 1.00 25.57 ? 1365 ASP A O   1 
ATOM   9    C CB  . ASP A 1 4  ? 2.664   -2.330  -12.799 1.00 38.49 ? 1365 ASP A CB  1 
ATOM   10   C CG  . ASP A 1 4  ? 2.075   -0.914  -12.873 1.00 41.07 ? 1365 ASP A CG  1 
ATOM   11   O OD1 . ASP A 1 4  ? 2.861   0.054   -12.955 1.00 51.51 ? 1365 ASP A OD1 1 
ATOM   12   O OD2 . ASP A 1 4  ? 0.827   -0.755  -12.855 1.00 41.52 ? 1365 ASP A OD2 1 
ATOM   13   N N   . ILE A 1 5  ? 2.448   -1.248  -9.663  1.00 33.74 ? 1366 ILE A N   1 
ATOM   14   C CA  . ILE A 1 5  ? 1.487   -0.780  -8.677  1.00 31.07 ? 1366 ILE A CA  1 
ATOM   15   C C   . ILE A 1 5  ? 0.556   0.201   -9.358  1.00 30.30 ? 1366 ILE A C   1 
ATOM   16   O O   . ILE A 1 5  ? 0.995   1.074   -10.120 1.00 28.44 ? 1366 ILE A O   1 
ATOM   17   C CB  . ILE A 1 5  ? 2.174   -0.116  -7.474  1.00 28.11 ? 1366 ILE A CB  1 
ATOM   18   C CG1 . ILE A 1 5  ? 3.243   -1.035  -6.899  1.00 32.21 ? 1366 ILE A CG1 1 
ATOM   19   C CG2 . ILE A 1 5  ? 1.138   0.245   -6.429  1.00 23.54 ? 1366 ILE A CG2 1 
ATOM   20   C CD1 . ILE A 1 5  ? 2.706   -2.331  -6.416  1.00 32.47 ? 1366 ILE A CD1 1 
ATOM   21   N N   . PHE A 1 6  ? -0.734  0.074   -9.074  1.00 23.80 ? 1367 PHE A N   1 
ATOM   22   C CA  . PHE A 1 6  ? -1.688  1.010   -9.631  1.00 22.49 ? 1367 PHE A CA  1 
ATOM   23   C C   . PHE A 1 6  ? -2.890  1.065   -8.710  1.00 22.94 ? 1367 PHE A C   1 
ATOM   24   O O   . PHE A 1 6  ? -3.138  0.142   -7.930  1.00 18.88 ? 1367 PHE A O   1 
ATOM   25   C CB  . PHE A 1 6  ? -2.076  0.625   -11.065 1.00 24.65 ? 1367 PHE A CB  1 
ATOM   26   C CG  . PHE A 1 6  ? -2.848  -0.661  -11.174 1.00 21.95 ? 1367 PHE A CG  1 
ATOM   27   C CD1 . PHE A 1 6  ? -4.214  -0.643  -11.380 1.00 20.99 ? 1367 PHE A CD1 1 
ATOM   28   C CD2 . PHE A 1 6  ? -2.207  -1.884  -11.101 1.00 23.93 ? 1367 PHE A CD2 1 
ATOM   29   C CE1 . PHE A 1 6  ? -4.927  -1.829  -11.499 1.00 23.58 ? 1367 PHE A CE1 1 
ATOM   30   C CE2 . PHE A 1 6  ? -2.913  -3.068  -11.219 1.00 20.21 ? 1367 PHE A CE2 1 
ATOM   31   C CZ  . PHE A 1 6  ? -4.276  -3.039  -11.415 1.00 22.84 ? 1367 PHE A CZ  1 
ATOM   32   N N   . GLU A 1 7  ? -3.621  2.175   -8.790  1.00 19.49 ? 1368 GLU A N   1 
ATOM   33   C CA  . GLU A 1 7  ? -4.781  2.411   -7.945  1.00 20.32 ? 1368 GLU A CA  1 
ATOM   34   C C   . GLU A 1 7  ? -6.039  2.345   -8.792  1.00 21.23 ? 1368 GLU A C   1 
ATOM   35   O O   . GLU A 1 7  ? -6.023  2.738   -9.965  1.00 20.83 ? 1368 GLU A O   1 
ATOM   36   C CB  . GLU A 1 7  ? -4.694  3.778   -7.255  1.00 25.54 ? 1368 GLU A CB  1 
ATOM   37   C CG  . GLU A 1 7  ? -5.661  3.932   -6.088  1.00 23.70 ? 1368 GLU A CG  1 
ATOM   38   C CD  . GLU A 1 7  ? -5.838  5.365   -5.652  1.00 28.22 ? 1368 GLU A CD  1 
ATOM   39   O OE1 . GLU A 1 7  ? -4.931  6.205   -5.883  1.00 30.61 ? 1368 GLU A OE1 1 
ATOM   40   O OE2 . GLU A 1 7  ? -6.908  5.654   -5.090  1.00 30.86 ? 1368 GLU A OE2 1 
ATOM   41   N N   . VAL A 1 8  ? -7.128  1.844   -8.197  1.00 19.59 ? 1369 VAL A N   1 
ATOM   42   C CA  . VAL A 1 8  ? -8.441  1.838   -8.834  1.00 19.64 ? 1369 VAL A CA  1 
ATOM   43   C C   . VAL A 1 8  ? -9.437  2.462   -7.868  1.00 21.91 ? 1369 VAL A C   1 
ATOM   44   O O   . VAL A 1 8  ? -9.232  2.474   -6.649  1.00 21.91 ? 1369 VAL A O   1 
ATOM   45   C CB  . VAL A 1 8  ? -8.907  0.424   -9.264  1.00 25.22 ? 1369 VAL A CB  1 
ATOM   46   C CG1 . VAL A 1 8  ? -7.995  -0.130  -10.338 1.00 20.78 ? 1369 VAL A CG1 1 
ATOM   47   C CG2 . VAL A 1 8  ? -8.977  -0.515  -8.079  1.00 23.81 ? 1369 VAL A CG2 1 
ATOM   48   N N   . GLU A 1 9  ? -10.507 3.016   -8.427  1.00 15.21 ? 1370 GLU A N   1 
ATOM   49   C CA  . GLU A 1 9  ? -11.575 3.630   -7.650  1.00 20.86 ? 1370 GLU A CA  1 
ATOM   50   C C   . GLU A 1 9  ? -12.865 2.966   -8.081  1.00 15.67 ? 1370 GLU A C   1 
ATOM   51   O O   . GLU A 1 9  ? -13.181 2.974   -9.274  1.00 17.02 ? 1370 GLU A O   1 
ATOM   52   C CB  . GLU A 1 9  ? -11.664 5.141   -7.889  1.00 21.58 ? 1370 GLU A CB  1 
ATOM   53   C CG  . GLU A 1 9  ? -10.352 5.868   -7.789  1.00 27.07 ? 1370 GLU A CG  1 
ATOM   54   C CD  . GLU A 1 9  ? -10.512 7.368   -7.973  1.00 22.71 ? 1370 GLU A CD  1 
ATOM   55   O OE1 . GLU A 1 9  ? -10.432 7.850   -9.121  1.00 20.87 ? 1370 GLU A OE1 1 
ATOM   56   O OE2 . GLU A 1 9  ? -10.734 8.053   -6.958  1.00 23.78 ? 1370 GLU A OE2 1 
ATOM   57   N N   . LEU A 1 10 ? -13.591 2.386   -7.121  1.00 15.96 ? 1371 LEU A N   1 
ATOM   58   C CA  . LEU A 1 10 ? -14.757 1.545   -7.379  1.00 20.60 ? 1371 LEU A CA  1 
ATOM   59   C C   . LEU A 1 10 ? -15.903 2.063   -6.507  1.00 19.43 ? 1371 LEU A C   1 
ATOM   60   O O   . LEU A 1 10 ? -15.800 2.062   -5.275  1.00 18.70 ? 1371 LEU A O   1 
ATOM   61   C CB  . LEU A 1 10 ? -14.469 0.032   -7.099  1.00 16.63 ? 1371 LEU A CB  1 
ATOM   62   C CG  . LEU A 1 10 ? -13.550 -1.024  -7.860  1.00 20.34 ? 1371 LEU A CG  1 
ATOM   63   C CD1 . LEU A 1 10 ? -12.148 -1.288  -7.401  1.00 23.84 ? 1371 LEU A CD1 1 
ATOM   64   C CD2 . LEU A 1 10 ? -14.215 -2.444  -8.001  1.00 19.13 ? 1371 LEU A CD2 1 
ATOM   65   N N   . ALA A 1 11 ? -17.004 2.479   -7.133  1.00 17.59 ? 1372 ALA A N   1 
ATOM   66   C CA  . ALA A 1 11 ? -18.199 2.892   -6.388  1.00 17.64 ? 1372 ALA A CA  1 
ATOM   67   C C   . ALA A 1 11 ? -19.076 1.678   -6.063  1.00 21.09 ? 1372 ALA A C   1 
ATOM   68   O O   . ALA A 1 11 ? -19.676 1.070   -6.960  1.00 19.35 ? 1372 ALA A O   1 
ATOM   69   C CB  . ALA A 1 11 ? -18.987 3.933   -7.176  1.00 19.06 ? 1372 ALA A CB  1 
ATOM   70   N N   . LYS A 1 12 ? -19.203 1.363   -4.771  1.00 16.81 ? 1373 LYS A N   1 
ATOM   71   C CA  . LYS A 1 12 ? -19.954 0.186   -4.338  1.00 20.69 ? 1373 LYS A CA  1 
ATOM   72   C C   . LYS A 1 12 ? -21.440 0.317   -4.635  1.00 20.76 ? 1373 LYS A C   1 
ATOM   73   O O   . LYS A 1 12 ? -22.075 1.305   -4.255  1.00 24.63 ? 1373 LYS A O   1 
ATOM   74   C CB  . LYS A 1 12 ? -19.755 -0.050  -2.838  1.00 22.92 ? 1373 LYS A CB  1 
ATOM   75   C CG  . LYS A 1 12 ? -18.610 -1.001  -2.516  1.00 23.51 ? 1373 LYS A CG  1 
ATOM   76   C CD  . LYS A 1 12 ? -18.310 -1.064  -1.009  1.00 25.36 ? 1373 LYS A CD  1 
ATOM   77   C CE  . LYS A 1 12 ? -18.824 -2.355  -0.415  1.00 25.09 ? 1373 LYS A CE  1 
ATOM   78   N NZ  . LYS A 1 12 ? -18.167 -2.703  0.891   1.00 26.08 ? 1373 LYS A NZ  1 
ATOM   79   N N   . ASN A 1 13 ? -21.997 -0.700  -5.294  1.00 18.60 ? 1374 ASN A N   1 
ATOM   80   C CA  . ASN A 1 13 ? -23.439 -0.914  -5.361  1.00 23.60 ? 1374 ASN A CA  1 
ATOM   81   C C   . ASN A 1 13 ? -23.785 -2.262  -4.740  1.00 22.57 ? 1374 ASN A C   1 
ATOM   82   O O   . ASN A 1 13 ? -22.983 -3.204  -4.782  1.00 19.87 ? 1374 ASN A O   1 
ATOM   83   C CB  . ASN A 1 13 ? -23.962 -0.898  -6.806  1.00 22.98 ? 1374 ASN A CB  1 
ATOM   84   C CG  . ASN A 1 13 ? -24.081 0.501   -7.365  1.00 27.79 ? 1374 ASN A CG  1 
ATOM   85   O OD1 . ASN A 1 13 ? -23.881 1.481   -6.650  1.00 27.99 ? 1374 ASN A OD1 1 
ATOM   86   N ND2 . ASN A 1 13 ? -24.399 0.604   -8.659  1.00 29.05 ? 1374 ASN A ND2 1 
ATOM   87   N N   . ASP A 1 14 ? -25.017 -2.371  -4.245  1.00 23.04 ? 1375 ASP A N   1 
ATOM   88   C CA  . ASP A 1 14 ? -25.509 -3.557  -3.540  1.00 22.13 ? 1375 ASP A CA  1 
ATOM   89   C C   . ASP A 1 14 ? -24.436 -4.136  -2.633  1.00 19.42 ? 1375 ASP A C   1 
ATOM   90   O O   . ASP A 1 14 ? -24.134 -5.334  -2.657  1.00 19.28 ? 1375 ASP A O   1 
ATOM   91   C CB  . ASP A 1 14 ? -26.035 -4.619  -4.507  1.00 25.06 ? 1375 ASP A CB  1 
ATOM   92   C CG  . ASP A 1 14 ? -25.168 -4.783  -5.745  1.00 35.94 ? 1375 ASP A CG  1 
ATOM   93   O OD1 . ASP A 1 14 ? -24.419 -5.780  -5.826  1.00 34.88 ? 1375 ASP A OD1 1 
ATOM   94   O OD2 . ASP A 1 14 ? -25.258 -3.923  -6.651  1.00 44.34 ? 1375 ASP A OD2 1 
ATOM   95   N N   . ASN A 1 15 ? -23.822 -3.244  -1.857  1.00 17.01 ? 1376 ASN A N   1 
ATOM   96   C CA  . ASN A 1 15 ? -22.788 -3.617  -0.896  1.00 21.53 ? 1376 ASN A CA  1 
ATOM   97   C C   . ASN A 1 15 ? -21.695 -4.462  -1.544  1.00 21.49 ? 1376 ASN A C   1 
ATOM   98   O O   . ASN A 1 15 ? -21.202 -5.428  -0.952  1.00 19.63 ? 1376 ASN A O   1 
ATOM   99   C CB  . ASN A 1 15 ? -23.396 -4.366  0.296   1.00 22.64 ? 1376 ASN A CB  1 
ATOM   100  C CG  . ASN A 1 15 ? -22.429 -4.484  1.447   1.00 26.55 ? 1376 ASN A CG  1 
ATOM   101  O OD1 . ASN A 1 15 ? -21.762 -3.510  1.807   1.00 27.95 ? 1376 ASN A OD1 1 
ATOM   102  N ND2 . ASN A 1 15 ? -22.303 -5.688  1.994   1.00 24.62 ? 1376 ASN A ND2 1 
ATOM   103  N N   . SER A 1 16 ? -21.322 -4.129  -2.783  1.00 15.61 ? 1377 SER A N   1 
ATOM   104  C CA  . SER A 1 16 ? -20.428 -5.049  -3.462  1.00 18.33 ? 1377 SER A CA  1 
ATOM   105  C C   . SER A 1 16 ? -19.451 -4.327  -4.377  1.00 23.16 ? 1377 SER A C   1 
ATOM   106  O O   . SER A 1 16 ? -19.828 -3.415  -5.128  1.00 17.37 ? 1377 SER A O   1 
ATOM   107  C CB  . SER A 1 16 ? -21.220 -6.089  -4.248  1.00 20.26 ? 1377 SER A CB  1 
ATOM   108  O OG  . SER A 1 16 ? -20.327 -6.964  -4.905  1.00 24.99 ? 1377 SER A OG  1 
ATOM   109  N N   . LEU A 1 17 ? -18.187 -4.752  -4.292  1.00 18.14 ? 1378 LEU A N   1 
ATOM   110  C CA  . LEU A 1 17 ? -17.165 -4.362  -5.246  1.00 16.86 ? 1378 LEU A CA  1 
ATOM   111  C C   . LEU A 1 17 ? -17.202 -5.198  -6.509  1.00 18.84 ? 1378 LEU A C   1 
ATOM   112  O O   . LEU A 1 17 ? -16.498 -4.863  -7.463  1.00 17.65 ? 1378 LEU A O   1 
ATOM   113  C CB  . LEU A 1 17 ? -15.772 -4.492  -4.632  1.00 17.91 ? 1378 LEU A CB  1 
ATOM   114  C CG  . LEU A 1 17 ? -15.418 -3.481  -3.540  1.00 23.44 ? 1378 LEU A CG  1 
ATOM   115  C CD1 . LEU A 1 17 ? -14.099 -3.883  -2.895  1.00 15.84 ? 1378 LEU A CD1 1 
ATOM   116  C CD2 . LEU A 1 17 ? -15.330 -2.065  -4.109  1.00 16.83 ? 1378 LEU A CD2 1 
ATOM   117  N N   . GLY A 1 18 ? -17.963 -6.290  -6.520  1.00 18.55 ? 1379 GLY A N   1 
ATOM   118  C CA  . GLY A 1 18 ? -18.027 -7.142  -7.693  1.00 20.61 ? 1379 GLY A CA  1 
ATOM   119  C C   . GLY A 1 18 ? -16.763 -7.925  -7.970  1.00 17.60 ? 1379 GLY A C   1 
ATOM   120  O O   . GLY A 1 18 ? -16.458 -8.205  -9.137  1.00 13.29 ? 1379 GLY A O   1 
ATOM   121  N N   . ILE A 1 19 ? -16.012 -8.269  -6.924  1.00 15.36 ? 1380 ILE A N   1 
ATOM   122  C CA  . ILE A 1 19 ? -14.838 -9.135  -7.013  1.00 18.36 ? 1380 ILE A CA  1 
ATOM   123  C C   . ILE A 1 19 ? -14.912 -10.139 -5.872  1.00 20.02 ? 1380 ILE A C   1 
ATOM   124  O O   . ILE A 1 19 ? -15.695 -9.990  -4.929  1.00 17.06 ? 1380 ILE A O   1 
ATOM   125  C CB  . ILE A 1 19 ? -13.501 -8.355  -6.927  1.00 15.56 ? 1380 ILE A CB  1 
ATOM   126  C CG1 . ILE A 1 19 ? -13.353 -7.721  -5.547  1.00 16.34 ? 1380 ILE A CG1 1 
ATOM   127  C CG2 . ILE A 1 19 ? -13.395 -7.292  -8.015  1.00 17.55 ? 1380 ILE A CG2 1 
ATOM   128  C CD1 . ILE A 1 19 ? -11.970 -7.045  -5.313  1.00 16.06 ? 1380 ILE A CD1 1 
ATOM   129  N N   . SER A 1 20 ? -14.066 -11.165 -5.952  1.00 16.68 ? 1381 SER A N   1 
ATOM   130  C CA  . SER A 1 20 ? -13.890 -12.092 -4.846  1.00 18.57 ? 1381 SER A CA  1 
ATOM   131  C C   . SER A 1 20 ? -12.405 -12.221 -4.559  1.00 19.89 ? 1381 SER A C   1 
ATOM   132  O O   . SER A 1 20 ? -11.578 -12.037 -5.462  1.00 18.91 ? 1381 SER A O   1 
ATOM   133  C CB  . SER A 1 20 ? -14.513 -13.455 -5.160  1.00 22.85 ? 1381 SER A CB  1 
ATOM   134  O OG  . SER A 1 20 ? -13.974 -13.968 -6.365  1.00 26.26 ? 1381 SER A OG  1 
ATOM   135  N N   . VAL A 1 21 ? -12.059 -12.495 -3.286  1.00 14.41 ? 1382 VAL A N   1 
ATOM   136  C CA  . VAL A 1 21 ? -10.660 -12.513 -2.878  1.00 16.48 ? 1382 VAL A CA  1 
ATOM   137  C C   . VAL A 1 21 ? -10.286 -13.824 -2.188  1.00 17.32 ? 1382 VAL A C   1 
ATOM   138  O O   . VAL A 1 21 ? -11.121 -14.538 -1.625  1.00 17.16 ? 1382 VAL A O   1 
ATOM   139  C CB  . VAL A 1 21 ? -10.312 -11.317 -1.966  1.00 16.11 ? 1382 VAL A CB  1 
ATOM   140  C CG1 . VAL A 1 21 ? -10.387 -10.005 -2.751  1.00 18.27 ? 1382 VAL A CG1 1 
ATOM   141  C CG2 . VAL A 1 21 ? -11.238 -11.293 -0.753  1.00 17.74 ? 1382 VAL A CG2 1 
ATOM   142  N N   . THR A 1 22 ? -8.993  -14.126 -2.241  1.00 16.61 ? 1383 THR A N   1 
ATOM   143  C CA  . THR A 1 22 ? -8.408  -15.277 -1.576  1.00 20.00 ? 1383 THR A CA  1 
ATOM   144  C C   . THR A 1 22 ? -7.181  -14.803 -0.824  1.00 17.86 ? 1383 THR A C   1 
ATOM   145  O O   . THR A 1 22 ? -6.712  -13.684 -1.026  1.00 19.03 ? 1383 THR A O   1 
ATOM   146  C CB  . THR A 1 22 ? -8.004  -16.369 -2.570  1.00 17.89 ? 1383 THR A CB  1 
ATOM   147  O OG1 . THR A 1 22 ? -7.059  -15.806 -3.484  1.00 24.80 ? 1383 THR A OG1 1 
ATOM   148  C CG2 . THR A 1 22 ? -9.203  -16.862 -3.338  1.00 19.58 ? 1383 THR A CG2 1 
ATOM   149  N N   . GLY A 1 23 ? -6.668  -15.653 0.057   1.00 18.86 ? 1384 GLY A N   1 
ATOM   150  C CA  . GLY A 1 23 ? -5.365  -15.428 0.658   1.00 20.54 ? 1384 GLY A CA  1 
ATOM   151  C C   . GLY A 1 23 ? -5.437  -14.915 2.087   1.00 21.53 ? 1384 GLY A C   1 
ATOM   152  O O   . GLY A 1 23 ? -6.506  -14.745 2.682   1.00 15.65 ? 1384 GLY A O   1 
ATOM   153  N N   . GLY A 1 24 ? -4.254  -14.641 2.621   1.00 21.59 ? 1385 GLY A N   1 
ATOM   154  C CA  . GLY A 1 24 ? -4.062  -14.244 4.006   1.00 18.78 ? 1385 GLY A CA  1 
ATOM   155  C C   . GLY A 1 24 ? -2.808  -14.906 4.550   1.00 24.19 ? 1385 GLY A C   1 
ATOM   156  O O   . GLY A 1 24 ? -2.364  -15.956 4.075   1.00 22.64 ? 1385 GLY A O   1 
ATOM   157  N N   . VAL A 1 25 ? -2.217  -14.272 5.571   1.00 23.38 ? 1386 VAL A N   1 
ATOM   158  C CA  . VAL A 1 25 ? -0.925  -14.731 6.079   1.00 23.18 ? 1386 VAL A CA  1 
ATOM   159  C C   . VAL A 1 25 ? -0.960  -16.173 6.570   1.00 24.28 ? 1386 VAL A C   1 
ATOM   160  O O   . VAL A 1 25 ? 0.086   -16.825 6.622   1.00 30.56 ? 1386 VAL A O   1 
ATOM   161  C CB  . VAL A 1 25 ? -0.412  -13.812 7.205   1.00 23.21 ? 1386 VAL A CB  1 
ATOM   162  C CG1 . VAL A 1 25 ? -0.027  -12.465 6.639   1.00 25.53 ? 1386 VAL A CG1 1 
ATOM   163  C CG2 . VAL A 1 25 ? -1.455  -13.696 8.349   1.00 20.85 ? 1386 VAL A CG2 1 
ATOM   164  N N   . ASN A 1 26 ? -2.129  -16.685 6.946   1.00 23.39 ? 1387 ASN A N   1 
ATOM   165  C CA  . ASN A 1 26 ? -2.262  -18.037 7.476   1.00 29.18 ? 1387 ASN A CA  1 
ATOM   166  C C   . ASN A 1 26 ? -2.876  -19.013 6.471   1.00 30.42 ? 1387 ASN A C   1 
ATOM   167  O O   . ASN A 1 26 ? -3.232  -20.129 6.849   1.00 32.58 ? 1387 ASN A O   1 
ATOM   168  C CB  . ASN A 1 26 ? -3.092  -18.023 8.769   1.00 23.85 ? 1387 ASN A CB  1 
ATOM   169  C CG  . ASN A 1 26 ? -2.417  -17.238 9.899   1.00 30.20 ? 1387 ASN A CG  1 
ATOM   170  O OD1 . ASN A 1 26 ? -1.203  -17.329 10.104  1.00 36.01 ? 1387 ASN A OD1 1 
ATOM   171  N ND2 . ASN A 1 26 ? -3.205  -16.450 10.625  1.00 29.98 ? 1387 ASN A ND2 1 
ATOM   172  N N   . THR A 1 27 ? -3.026  -18.615 5.209   1.00 29.27 ? 1388 THR A N   1 
ATOM   173  C CA  . THR A 1 27 ? -3.524  -19.509 4.177   1.00 27.19 ? 1388 THR A CA  1 
ATOM   174  C C   . THR A 1 27 ? -2.348  -20.071 3.384   1.00 29.87 ? 1388 THR A C   1 
ATOM   175  O O   . THR A 1 27 ? -1.182  -19.750 3.626   1.00 30.07 ? 1388 THR A O   1 
ATOM   176  C CB  . THR A 1 27 ? -4.504  -18.797 3.239   1.00 26.96 ? 1388 THR A CB  1 
ATOM   177  O OG1 . THR A 1 27 ? -3.768  -17.962 2.324   1.00 24.40 ? 1388 THR A OG1 1 
ATOM   178  C CG2 . THR A 1 27 ? -5.516  -17.958 4.029   1.00 21.76 ? 1388 THR A CG2 1 
ATOM   179  N N   . SER A 1 28 ? -2.670  -20.920 2.414   1.00 29.81 ? 1389 SER A N   1 
ATOM   180  C CA  . SER A 1 28 ? -1.680  -21.547 1.556   1.00 36.53 ? 1389 SER A CA  1 
ATOM   181  C C   . SER A 1 28 ? -1.535  -20.821 0.229   1.00 34.93 ? 1389 SER A C   1 
ATOM   182  O O   . SER A 1 28 ? -0.750  -21.254 -0.624  1.00 31.82 ? 1389 SER A O   1 
ATOM   183  C CB  . SER A 1 28 ? -2.051  -23.018 1.314   1.00 35.94 ? 1389 SER A CB  1 
ATOM   184  O OG  . SER A 1 28 ? -3.342  -23.140 0.713   1.00 36.35 ? 1389 SER A OG  1 
ATOM   185  N N   . VAL A 1 29 ? -2.269  -19.729 0.045   1.00 27.27 ? 1390 VAL A N   1 
ATOM   186  C CA  . VAL A 1 29 ? -2.320  -19.023 -1.228  1.00 30.35 ? 1390 VAL A CA  1 
ATOM   187  C C   . VAL A 1 29 ? -1.056  -18.187 -1.367  1.00 31.09 ? 1390 VAL A C   1 
ATOM   188  O O   . VAL A 1 29 ? -0.809  -17.293 -0.556  1.00 31.96 ? 1390 VAL A O   1 
ATOM   189  C CB  . VAL A 1 29 ? -3.573  -18.142 -1.313  1.00 27.22 ? 1390 VAL A CB  1 
ATOM   190  C CG1 . VAL A 1 29 ? -3.529  -17.283 -2.553  1.00 27.64 ? 1390 VAL A CG1 1 
ATOM   191  C CG2 . VAL A 1 29 ? -4.829  -18.996 -1.274  1.00 25.37 ? 1390 VAL A CG2 1 
ATOM   192  N N   . ARG A 1 30 ? -0.262  -18.474 -2.398  1.00 30.87 ? 1391 ARG A N   1 
ATOM   193  C CA  . ARG A 1 30 ? 0.938   -17.698 -2.741  1.00 31.03 ? 1391 ARG A CA  1 
ATOM   194  C C   . ARG A 1 30 ? 1.743   -17.519 -1.458  1.00 31.73 ? 1391 ARG A C   1 
ATOM   195  O O   . ARG A 1 30 ? 1.894   -18.490 -0.702  1.00 36.88 ? 1391 ARG A O   1 
ATOM   196  C CB  . ARG A 1 30 ? 0.531   -16.415 -3.445  1.00 31.39 ? 1391 ARG A CB  1 
ATOM   197  C CG  . ARG A 1 30 ? -0.408  -16.621 -4.627  1.00 33.48 ? 1391 ARG A CG  1 
ATOM   198  C CD  . ARG A 1 30 ? 0.376   -17.032 -5.850  1.00 38.77 ? 1391 ARG A CD  1 
ATOM   199  N NE  . ARG A 1 30 ? 1.467   -16.092 -6.093  1.00 45.49 ? 1391 ARG A NE  1 
ATOM   200  C CZ  . ARG A 1 30 ? 1.311   -14.926 -6.710  1.00 39.97 ? 1391 ARG A CZ  1 
ATOM   201  N NH1 . ARG A 1 30 ? 0.111   -14.575 -7.154  1.00 36.49 ? 1391 ARG A NH1 1 
ATOM   202  N NH2 . ARG A 1 30 ? 2.348   -14.117 -6.890  1.00 38.35 ? 1391 ARG A NH2 1 
ATOM   203  N N   . HIS A 1 31 ? 2.229   -16.320 -1.147  1.00 31.78 ? 1392 HIS A N   1 
ATOM   204  C CA  . HIS A 1 31 ? 3.016   -16.105 0.059   1.00 32.45 ? 1392 HIS A CA  1 
ATOM   205  C C   . HIS A 1 31 ? 2.288   -15.257 1.098   1.00 26.68 ? 1392 HIS A C   1 
ATOM   206  O O   . HIS A 1 31 ? 2.925   -14.503 1.834   1.00 26.07 ? 1392 HIS A O   1 
ATOM   207  C CB  . HIS A 1 31 ? 4.363   -15.484 -0.293  1.00 37.91 ? 1392 HIS A CB  1 
ATOM   208  C CG  . HIS A 1 31 ? 5.309   -16.454 -0.929  1.00 42.96 ? 1392 HIS A CG  1 
ATOM   209  N ND1 . HIS A 1 31 ? 5.520   -17.721 -0.426  1.00 45.00 ? 1392 HIS A ND1 1 
ATOM   210  C CD2 . HIS A 1 31 ? 6.077   -16.356 -2.039  1.00 46.07 ? 1392 HIS A CD2 1 
ATOM   211  C CE1 . HIS A 1 31 ? 6.386   -18.358 -1.194  1.00 49.65 ? 1392 HIS A CE1 1 
ATOM   212  N NE2 . HIS A 1 31 ? 6.738   -17.553 -2.180  1.00 53.63 ? 1392 HIS A NE2 1 
ATOM   213  N N   . GLY A 1 32 ? 0.964   -15.390 1.192   1.00 24.43 ? 1393 GLY A N   1 
ATOM   214  C CA  . GLY A 1 32 ? 0.214   -14.790 2.276   1.00 23.59 ? 1393 GLY A CA  1 
ATOM   215  C C   . GLY A 1 32 ? -0.544  -13.522 1.929   1.00 20.94 ? 1393 GLY A C   1 
ATOM   216  O O   . GLY A 1 32 ? -1.271  -13.003 2.783   1.00 18.97 ? 1393 GLY A O   1 
ATOM   217  N N   . GLY A 1 33 ? -0.398  -13.012 0.722   1.00 19.52 ? 1394 GLY A N   1 
ATOM   218  C CA  . GLY A 1 33 ? -1.097  -11.813 0.329   1.00 22.39 ? 1394 GLY A CA  1 
ATOM   219  C C   . GLY A 1 33 ? -2.562  -12.060 -0.010  1.00 21.38 ? 1394 GLY A C   1 
ATOM   220  O O   . GLY A 1 33 ? -3.054  -13.193 -0.033  1.00 20.31 ? 1394 GLY A O   1 
ATOM   221  N N   . ILE A 1 34 ? -3.253  -10.956 -0.276  1.00 16.09 ? 1395 ILE A N   1 
ATOM   222  C CA  . ILE A 1 34 ? -4.666  -10.941 -0.644  1.00 17.92 ? 1395 ILE A CA  1 
ATOM   223  C C   . ILE A 1 34 ? -4.741  -10.784 -2.157  1.00 19.62 ? 1395 ILE A C   1 
ATOM   224  O O   . ILE A 1 34 ? -4.083  -9.901  -2.725  1.00 22.08 ? 1395 ILE A O   1 
ATOM   225  C CB  . ILE A 1 34 ? -5.402  -9.789  0.070   1.00 14.32 ? 1395 ILE A CB  1 
ATOM   226  C CG1 . ILE A 1 34 ? -5.112  -9.818  1.580   1.00 14.69 ? 1395 ILE A CG1 1 
ATOM   227  C CG2 . ILE A 1 34 ? -6.900  -9.784  -0.277  1.00 16.71 ? 1395 ILE A CG2 1 
ATOM   228  C CD1 . ILE A 1 34 ? -5.365  -11.163 2.266   1.00 15.49 ? 1395 ILE A CD1 1 
ATOM   229  N N   . TYR A 1 35 ? -5.528  -11.634 -2.819  1.00 19.62 ? 1396 TYR A N   1 
ATOM   230  C CA  . TYR A 1 35 ? -5.522  -11.685 -4.278  1.00 19.98 ? 1396 TYR A CA  1 
ATOM   231  C C   . TYR A 1 35 ? -6.937  -11.634 -4.830  1.00 16.56 ? 1396 TYR A C   1 
ATOM   232  O O   . TYR A 1 35 ? -7.855  -12.266 -4.298  1.00 17.32 ? 1396 TYR A O   1 
ATOM   233  C CB  . TYR A 1 35 ? -4.792  -12.965 -4.797  1.00 17.40 ? 1396 TYR A CB  1 
ATOM   234  C CG  . TYR A 1 35 ? -3.306  -12.848 -4.604  1.00 25.31 ? 1396 TYR A CG  1 
ATOM   235  C CD1 . TYR A 1 35 ? -2.510  -12.269 -5.587  1.00 26.00 ? 1396 TYR A CD1 1 
ATOM   236  C CD2 . TYR A 1 35 ? -2.704  -13.257 -3.418  1.00 21.59 ? 1396 TYR A CD2 1 
ATOM   237  C CE1 . TYR A 1 35 ? -1.160  -12.132 -5.413  1.00 26.02 ? 1396 TYR A CE1 1 
ATOM   238  C CE2 . TYR A 1 35 ? -1.348  -13.115 -3.232  1.00 24.14 ? 1396 TYR A CE2 1 
ATOM   239  C CZ  . TYR A 1 35 ? -0.583  -12.555 -4.239  1.00 27.30 ? 1396 TYR A CZ  1 
ATOM   240  O OH  . TYR A 1 35 ? 0.769   -12.401 -4.083  1.00 28.73 ? 1396 TYR A OH  1 
ATOM   241  N N   . VAL A 1 36 ? -7.106  -10.885 -5.913  1.00 14.96 ? 1397 VAL A N   1 
ATOM   242  C CA  . VAL A 1 36 ? -8.366  -10.915 -6.645  1.00 19.21 ? 1397 VAL A CA  1 
ATOM   243  C C   . VAL A 1 36 ? -8.480  -12.252 -7.367  1.00 19.99 ? 1397 VAL A C   1 
ATOM   244  O O   . VAL A 1 36 ? -7.640  -12.597 -8.206  1.00 21.47 ? 1397 VAL A O   1 
ATOM   245  C CB  . VAL A 1 36 ? -8.465  -9.749  -7.636  1.00 20.21 ? 1397 VAL A CB  1 
ATOM   246  C CG1 . VAL A 1 36 ? -9.764  -9.850  -8.398  1.00 19.55 ? 1397 VAL A CG1 1 
ATOM   247  C CG2 . VAL A 1 36 ? -8.389  -8.409  -6.914  1.00 19.97 ? 1397 VAL A CG2 1 
ATOM   248  N N   . LYS A 1 37 ? -9.535  -12.997 -7.056  1.00 21.33 ? 1398 LYS A N   1 
ATOM   249  C CA  . LYS A 1 37 ? -9.788  -14.305 -7.641  1.00 24.05 ? 1398 LYS A CA  1 
ATOM   250  C C   . LYS A 1 37 ? -10.733 -14.236 -8.831  1.00 24.55 ? 1398 LYS A C   1 
ATOM   251  O O   . LYS A 1 37 ? -10.520 -14.926 -9.828  1.00 26.51 ? 1398 LYS A O   1 
ATOM   252  C CB  . LYS A 1 37 ? -10.378 -15.248 -6.591  1.00 18.57 ? 1398 LYS A CB  1 
ATOM   253  C CG  . LYS A 1 37 ? -10.776 -16.585 -7.166  1.00 25.19 ? 1398 LYS A CG  1 
ATOM   254  C CD  . LYS A 1 37 ? -9.564  -17.446 -7.378  1.00 27.63 ? 1398 LYS A CD  1 
ATOM   255  C CE  . LYS A 1 37 ? -9.915  -18.771 -8.063  1.00 23.00 ? 1398 LYS A CE  1 
ATOM   256  N NZ  . LYS A 1 37 ? -8.701  -19.650 -8.036  1.00 29.19 ? 1398 LYS A NZ  1 
ATOM   257  N N   . ALA A 1 38 ? -11.770 -13.412 -8.749  1.00 21.57 ? 1399 ALA A N   1 
ATOM   258  C CA  . ALA A 1 38 ? -12.725 -13.264 -9.832  1.00 26.81 ? 1399 ALA A CA  1 
ATOM   259  C C   . ALA A 1 38 ? -13.174 -11.813 -9.900  1.00 23.88 ? 1399 ALA A C   1 
ATOM   260  O O   . ALA A 1 38 ? -13.171 -11.101 -8.897  1.00 22.53 ? 1399 ALA A O   1 
ATOM   261  C CB  . ALA A 1 38 ? -13.933 -14.201 -9.642  1.00 26.40 ? 1399 ALA A CB  1 
ATOM   262  N N   . VAL A 1 39 ? -13.541 -11.376 -11.096 1.00 18.89 ? 1400 VAL A N   1 
ATOM   263  C CA  . VAL A 1 39 ? -14.214 -10.104 -11.306 1.00 17.93 ? 1400 VAL A CA  1 
ATOM   264  C C   . VAL A 1 39 ? -15.501 -10.407 -12.055 1.00 22.31 ? 1400 VAL A C   1 
ATOM   265  O O   . VAL A 1 39 ? -15.459 -10.969 -13.155 1.00 26.12 ? 1400 VAL A O   1 
ATOM   266  C CB  . VAL A 1 39 ? -13.348 -9.120  -12.104 1.00 20.97 ? 1400 VAL A CB  1 
ATOM   267  C CG1 . VAL A 1 39 ? -14.034 -7.756  -12.168 1.00 17.66 ? 1400 VAL A CG1 1 
ATOM   268  C CG2 . VAL A 1 39 ? -11.953 -9.018  -11.489 1.00 19.16 ? 1400 VAL A CG2 1 
ATOM   269  N N   . ILE A 1 40 ? -16.638 -10.063 -11.462 1.00 19.84 ? 1401 ILE A N   1 
ATOM   270  C CA  . ILE A 1 40 ? -17.924 -10.282 -12.122 1.00 17.69 ? 1401 ILE A CA  1 
ATOM   271  C C   . ILE A 1 40 ? -18.240 -9.017  -12.912 1.00 20.80 ? 1401 ILE A C   1 
ATOM   272  O O   . ILE A 1 40 ? -17.596 -7.978  -12.690 1.00 20.95 ? 1401 ILE A O   1 
ATOM   273  C CB  . ILE A 1 40 ? -19.023 -10.637 -11.110 1.00 17.59 ? 1401 ILE A CB  1 
ATOM   274  C CG1 . ILE A 1 40 ? -19.326 -9.420  -10.220 1.00 19.40 ? 1401 ILE A CG1 1 
ATOM   275  C CG2 . ILE A 1 40 ? -18.627 -11.894 -10.311 1.00 18.76 ? 1401 ILE A CG2 1 
ATOM   276  C CD1 . ILE A 1 40 ? -20.511 -9.604  -9.272  1.00 20.09 ? 1401 ILE A CD1 1 
ATOM   277  N N   . PRO A 1 41 ? -19.179 -9.050  -13.861 1.00 18.64 ? 1402 PRO A N   1 
ATOM   278  C CA  . PRO A 1 41 ? -19.370 -7.863  -14.702 1.00 17.06 ? 1402 PRO A CA  1 
ATOM   279  C C   . PRO A 1 41 ? -19.653 -6.605  -13.908 1.00 19.95 ? 1402 PRO A C   1 
ATOM   280  O O   . PRO A 1 41 ? -19.266 -5.520  -14.358 1.00 16.88 ? 1402 PRO A O   1 
ATOM   281  C CB  . PRO A 1 41 ? -20.549 -8.261  -15.602 1.00 19.06 ? 1402 PRO A CB  1 
ATOM   282  C CG  . PRO A 1 41 ? -20.414 -9.759  -15.712 1.00 19.35 ? 1402 PRO A CG  1 
ATOM   283  C CD  . PRO A 1 41 ? -20.049 -10.160 -14.294 1.00 17.64 ? 1402 PRO A CD  1 
ATOM   284  N N   . GLN A 1 42 ? -20.286 -6.702  -12.725 1.00 16.73 ? 1403 GLN A N   1 
ATOM   285  C CA  . GLN A 1 42 ? -20.474 -5.489  -11.932 1.00 17.41 ? 1403 GLN A CA  1 
ATOM   286  C C   . GLN A 1 42 ? -19.125 -4.899  -11.517 1.00 17.32 ? 1403 GLN A C   1 
ATOM   287  O O   . GLN A 1 42 ? -18.942 -3.675  -11.516 1.00 17.93 ? 1403 GLN A O   1 
ATOM   288  C CB  . GLN A 1 42 ? -21.342 -5.761  -10.701 1.00 17.34 ? 1403 GLN A CB  1 
ATOM   289  C CG  . GLN A 1 42 ? -21.633 -4.490  -9.883  1.00 21.61 ? 1403 GLN A CG  1 
ATOM   290  C CD  . GLN A 1 42 ? -22.272 -4.797  -8.541  1.00 23.37 ? 1403 GLN A CD  1 
ATOM   291  O OE1 . GLN A 1 42 ? -22.990 -5.791  -8.399  1.00 23.41 ? 1403 GLN A OE1 1 
ATOM   292  N NE2 . GLN A 1 42 ? -22.003 -3.951  -7.543  1.00 22.66 ? 1403 GLN A NE2 1 
ATOM   293  N N   . GLY A 1 43 ? -18.163 -5.756  -11.181 1.00 16.29 ? 1404 GLY A N   1 
ATOM   294  C CA  . GLY A 1 43 ? -16.861 -5.259  -10.767 1.00 16.82 ? 1404 GLY A CA  1 
ATOM   295  C C   . GLY A 1 43 ? -16.112 -4.630  -11.924 1.00 17.77 ? 1404 GLY A C   1 
ATOM   296  O O   . GLY A 1 43 ? -15.513 -3.564  -11.777 1.00 19.89 ? 1404 GLY A O   1 
ATOM   297  N N   . ALA A 1 44 ? -16.164 -5.267  -13.098 1.00 16.40 ? 1405 ALA A N   1 
ATOM   298  C CA  . ALA A 1 44 ? -15.587 -4.670  -14.298 1.00 15.45 ? 1405 ALA A CA  1 
ATOM   299  C C   . ALA A 1 44 ? -16.185 -3.294  -14.571 1.00 17.44 ? 1405 ALA A C   1 
ATOM   300  O O   . ALA A 1 44 ? -15.469 -2.359  -14.947 1.00 20.50 ? 1405 ALA A O   1 
ATOM   301  C CB  . ALA A 1 44 ? -15.797 -5.602  -15.494 1.00 14.01 ? 1405 ALA A CB  1 
ATOM   302  N N   . ALA A 1 45 ? -17.488 -3.142  -14.358 1.00 16.21 ? 1406 ALA A N   1 
ATOM   303  C CA  . ALA A 1 45 ? -18.124 -1.854  -14.619 1.00 18.66 ? 1406 ALA A CA  1 
ATOM   304  C C   . ALA A 1 45 ? -17.661 -0.806  -13.617 1.00 16.96 ? 1406 ALA A C   1 
ATOM   305  O O   . ALA A 1 45 ? -17.239 0.291   -14.006 1.00 16.18 ? 1406 ALA A O   1 
ATOM   306  C CB  . ALA A 1 45 ? -19.643 -2.012  -14.590 1.00 17.43 ? 1406 ALA A CB  1 
ATOM   307  N N   . GLU A 1 46 ? -17.690 -1.150  -12.318 1.00 14.19 ? 1407 GLU A N   1 
ATOM   308  C CA  . GLU A 1 46 ? -17.251 -0.236  -11.268 1.00 17.88 ? 1407 GLU A CA  1 
ATOM   309  C C   . GLU A 1 46 ? -15.812 0.231   -11.464 1.00 19.18 ? 1407 GLU A C   1 
ATOM   310  O O   . GLU A 1 46 ? -15.487 1.373   -11.121 1.00 15.94 ? 1407 GLU A O   1 
ATOM   311  C CB  . GLU A 1 46 ? -17.398 -0.898  -9.890  1.00 21.73 ? 1407 GLU A CB  1 
ATOM   312  C CG  . GLU A 1 46 ? -18.820 -0.944  -9.322  1.00 15.57 ? 1407 GLU A CG  1 
ATOM   313  C CD  . GLU A 1 46 ? -18.868 -1.692  -7.974  1.00 20.57 ? 1407 GLU A CD  1 
ATOM   314  O OE1 . GLU A 1 46 ? -17.849 -1.730  -7.250  1.00 21.38 ? 1407 GLU A OE1 1 
ATOM   315  O OE2 . GLU A 1 46 ? -19.925 -2.250  -7.638  1.00 20.22 ? 1407 GLU A OE2 1 
ATOM   316  N N   . SER A 1 47 ? -14.941 -0.607  -12.028 1.00 16.85 ? 1408 SER A N   1 
ATOM   317  C CA  . SER A 1 47 ? -13.532 -0.247  -12.182 1.00 17.71 ? 1408 SER A CA  1 
ATOM   318  C C   . SER A 1 47 ? -13.163 0.161   -13.606 1.00 21.41 ? 1408 SER A C   1 
ATOM   319  O O   . SER A 1 47 ? -11.981 0.325   -13.896 1.00 20.05 ? 1408 SER A O   1 
ATOM   320  C CB  . SER A 1 47 ? -12.637 -1.406  -11.750 1.00 21.00 ? 1408 SER A CB  1 
ATOM   321  O OG  . SER A 1 47 ? -12.866 -2.527  -12.581 1.00 18.83 ? 1408 SER A OG  1 
ATOM   322  N N   . ASP A 1 48 ? -14.144 0.320   -14.496 1.00 20.09 ? 1409 ASP A N   1 
ATOM   323  C CA  . ASP A 1 48 ? -13.895 0.580   -15.912 1.00 18.28 ? 1409 ASP A CA  1 
ATOM   324  C C   . ASP A 1 48 ? -12.812 -0.344  -16.458 1.00 20.74 ? 1409 ASP A C   1 
ATOM   325  O O   . ASP A 1 48 ? -11.869 0.087   -17.125 1.00 19.44 ? 1409 ASP A O   1 
ATOM   326  C CB  . ASP A 1 48 ? -13.536 2.049   -16.160 1.00 19.02 ? 1409 ASP A CB  1 
ATOM   327  C CG  . ASP A 1 48 ? -14.002 2.534   -17.527 1.00 21.36 ? 1409 ASP A CG  1 
ATOM   328  O OD1 . ASP A 1 48 ? -14.398 1.706   -18.386 1.00 20.06 ? 1409 ASP A OD1 1 
ATOM   329  O OD2 . ASP A 1 48 ? -13.996 3.754   -17.742 1.00 22.89 ? 1409 ASP A OD2 1 
ATOM   330  N N   . GLY A 1 49 ? -12.941 -1.635  -16.143 1.00 19.29 ? 1410 GLY A N   1 
ATOM   331  C CA  . GLY A 1 49 ? -12.079 -2.653  -16.702 1.00 21.06 ? 1410 GLY A CA  1 
ATOM   332  C C   . GLY A 1 49 ? -10.682 -2.732  -16.125 1.00 26.18 ? 1410 GLY A C   1 
ATOM   333  O O   . GLY A 1 49 ? -9.853  -3.474  -16.659 1.00 24.05 ? 1410 GLY A O   1 
ATOM   334  N N   . ARG A 1 50 ? -10.391 -2.017  -15.040 1.00 21.04 ? 1411 ARG A N   1 
ATOM   335  C CA  . ARG A 1 50 ? -9.012  -1.904  -14.595 1.00 21.35 ? 1411 ARG A CA  1 
ATOM   336  C C   . ARG A 1 50 ? -8.629  -2.886  -13.491 1.00 22.57 ? 1411 ARG A C   1 
ATOM   337  O O   . ARG A 1 50 ? -7.442  -2.999  -13.189 1.00 25.15 ? 1411 ARG A O   1 
ATOM   338  C CB  . ARG A 1 50 ? -8.722  -0.466  -14.133 1.00 23.32 ? 1411 ARG A CB  1 
ATOM   339  C CG  . ARG A 1 50 ? -8.459  0.526   -15.281 1.00 28.02 ? 1411 ARG A CG  1 
ATOM   340  C CD  . ARG A 1 50 ? -8.492  1.999   -14.807 1.00 27.65 ? 1411 ARG A CD  1 
ATOM   341  N NE  . ARG A 1 50 ? -7.685  2.256   -13.603 1.00 28.12 ? 1411 ARG A NE  1 
ATOM   342  C CZ  . ARG A 1 50 ? -6.384  2.546   -13.611 1.00 26.06 ? 1411 ARG A CZ  1 
ATOM   343  N NH1 . ARG A 1 50 ? -5.711  2.620   -14.750 1.00 25.69 ? 1411 ARG A NH1 1 
ATOM   344  N NH2 . ARG A 1 50 ? -5.751  2.768   -12.476 1.00 26.92 ? 1411 ARG A NH2 1 
ATOM   345  N N   . ILE A 1 51 ? -9.575  -3.605  -12.884 1.00 23.67 ? 1412 ILE A N   1 
ATOM   346  C CA  . ILE A 1 51 ? -9.231  -4.611  -11.878 1.00 20.79 ? 1412 ILE A CA  1 
ATOM   347  C C   . ILE A 1 51 ? -9.295  -5.990  -12.527 1.00 21.65 ? 1412 ILE A C   1 
ATOM   348  O O   . ILE A 1 51 ? -10.175 -6.266  -13.354 1.00 21.37 ? 1412 ILE A O   1 
ATOM   349  C CB  . ILE A 1 51 ? -10.148 -4.515  -10.637 1.00 20.61 ? 1412 ILE A CB  1 
ATOM   350  C CG1 . ILE A 1 51 ? -9.535  -5.263  -9.448  1.00 20.78 ? 1412 ILE A CG1 1 
ATOM   351  C CG2 . ILE A 1 51 ? -11.537 -5.053  -10.923 1.00 17.67 ? 1412 ILE A CG2 1 
ATOM   352  C CD1 . ILE A 1 51 ? -10.048 -4.776  -8.081  1.00 20.27 ? 1412 ILE A CD1 1 
ATOM   353  N N   . HIS A 1 52 ? -8.369  -6.861  -12.161 1.00 15.68 ? 1413 HIS A N   1 
ATOM   354  C CA  . HIS A 1 52 ? -8.218  -8.119  -12.879 1.00 22.34 ? 1413 HIS A CA  1 
ATOM   355  C C   . HIS A 1 52 ? -7.928  -9.254  -11.910 1.00 19.72 ? 1413 HIS A C   1 
ATOM   356  O O   . HIS A 1 52 ? -7.238  -9.059  -10.907 1.00 17.31 ? 1413 HIS A O   1 
ATOM   357  C CB  . HIS A 1 52 ? -7.098  -8.021  -13.932 1.00 24.79 ? 1413 HIS A CB  1 
ATOM   358  C CG  . HIS A 1 52 ? -7.420  -7.094  -15.064 1.00 28.56 ? 1413 HIS A CG  1 
ATOM   359  N ND1 . HIS A 1 52 ? -8.572  -7.213  -15.814 1.00 32.51 ? 1413 HIS A ND1 1 
ATOM   360  C CD2 . HIS A 1 52 ? -6.745  -6.039  -15.578 1.00 31.14 ? 1413 HIS A CD2 1 
ATOM   361  C CE1 . HIS A 1 52 ? -8.595  -6.266  -16.737 1.00 28.52 ? 1413 HIS A CE1 1 
ATOM   362  N NE2 . HIS A 1 52 ? -7.501  -5.538  -16.612 1.00 33.24 ? 1413 HIS A NE2 1 
ATOM   363  N N   . LYS A 1 53 ? -8.478  -10.432 -12.214 1.00 21.20 ? 1414 LYS A N   1 
ATOM   364  C CA  . LYS A 1 53 ? -8.072  -11.662 -11.555 1.00 17.69 ? 1414 LYS A CA  1 
ATOM   365  C C   . LYS A 1 53 ? -6.556  -11.710 -11.434 1.00 22.68 ? 1414 LYS A C   1 
ATOM   366  O O   . LYS A 1 53 ? -5.831  -11.340 -12.361 1.00 24.35 ? 1414 LYS A O   1 
ATOM   367  C CB  . LYS A 1 53 ? -8.577  -12.880 -12.340 1.00 28.04 ? 1414 LYS A CB  1 
ATOM   368  C CG  . LYS A 1 53 ? -8.071  -14.212 -11.773 1.00 31.21 ? 1414 LYS A CG  1 
ATOM   369  C CD  . LYS A 1 53 ? -8.117  -15.367 -12.778 1.00 37.81 ? 1414 LYS A CD  1 
ATOM   370  C CE  . LYS A 1 53 ? -8.557  -16.679 -12.089 1.00 44.47 ? 1414 LYS A CE  1 
ATOM   371  N NZ  . LYS A 1 53 ? -7.699  -17.072 -10.903 1.00 37.28 ? 1414 LYS A NZ  1 
ATOM   372  N N   . GLY A 1 54 ? -6.071  -12.130 -10.267 1.00 19.82 ? 1415 GLY A N   1 
ATOM   373  C CA  . GLY A 1 54 ? -4.643  -12.211 -10.047 1.00 17.85 ? 1415 GLY A CA  1 
ATOM   374  C C   . GLY A 1 54 ? -3.991  -10.943 -9.537  1.00 19.33 ? 1415 GLY A C   1 
ATOM   375  O O   . GLY A 1 54 ? -2.829  -11.000 -9.117  1.00 20.59 ? 1415 GLY A O   1 
ATOM   376  N N   . ASP A 1 55 ? -4.692  -9.800  -9.551  1.00 19.37 ? 1416 ASP A N   1 
ATOM   377  C CA  . ASP A 1 55 ? -4.166  -8.617  -8.879  1.00 21.00 ? 1416 ASP A CA  1 
ATOM   378  C C   . ASP A 1 55 ? -4.061  -8.885  -7.382  1.00 18.54 ? 1416 ASP A C   1 
ATOM   379  O O   . ASP A 1 55 ? -4.948  -9.498  -6.786  1.00 18.17 ? 1416 ASP A O   1 
ATOM   380  C CB  . ASP A 1 55 ? -5.066  -7.391  -9.117  1.00 17.88 ? 1416 ASP A CB  1 
ATOM   381  C CG  . ASP A 1 55 ? -4.987  -6.865  -10.550 1.00 23.78 ? 1416 ASP A CG  1 
ATOM   382  O OD1 . ASP A 1 55 ? -4.069  -7.287  -11.265 1.00 22.57 ? 1416 ASP A OD1 1 
ATOM   383  O OD2 . ASP A 1 55 ? -5.836  -6.034  -10.960 1.00 19.15 ? 1416 ASP A OD2 1 
ATOM   384  N N   . ARG A 1 56 ? -2.977  -8.416  -6.776  1.00 17.93 ? 1417 ARG A N   1 
ATOM   385  C CA  . ARG A 1 56 ? -2.831  -8.426  -5.328  1.00 19.65 ? 1417 ARG A CA  1 
ATOM   386  C C   . ARG A 1 56 ? -3.383  -7.117  -4.777  1.00 19.63 ? 1417 ARG A C   1 
ATOM   387  O O   . ARG A 1 56 ? -3.093  -6.050  -5.316  1.00 19.33 ? 1417 ARG A O   1 
ATOM   388  C CB  . ARG A 1 56 ? -1.365  -8.598  -4.924  1.00 25.95 ? 1417 ARG A CB  1 
ATOM   389  C CG  . ARG A 1 56 ? -1.150  -8.551  -3.402  1.00 24.37 ? 1417 ARG A CG  1 
ATOM   390  C CD  . ARG A 1 56 ? 0.315   -8.579  -2.992  1.00 21.83 ? 1417 ARG A CD  1 
ATOM   391  N NE  . ARG A 1 56 ? 0.416   -8.551  -1.540  1.00 21.64 ? 1417 ARG A NE  1 
ATOM   392  C CZ  . ARG A 1 56 ? 1.539   -8.329  -0.868  1.00 25.84 ? 1417 ARG A CZ  1 
ATOM   393  N NH1 . ARG A 1 56 ? 2.678   -8.123  -1.518  1.00 29.42 ? 1417 ARG A NH1 1 
ATOM   394  N NH2 . ARG A 1 56 ? 1.518   -8.307  0.461   1.00 28.64 ? 1417 ARG A NH2 1 
ATOM   395  N N   . VAL A 1 57 ? -4.198  -7.206  -3.729  1.00 19.25 ? 1418 VAL A N   1 
ATOM   396  C CA  . VAL A 1 57 ? -4.781  -6.036  -3.072  1.00 16.58 ? 1418 VAL A CA  1 
ATOM   397  C C   . VAL A 1 57 ? -3.832  -5.616  -1.951  1.00 16.60 ? 1418 VAL A C   1 
ATOM   398  O O   . VAL A 1 57 ? -3.660  -6.344  -0.968  1.00 16.12 ? 1418 VAL A O   1 
ATOM   399  C CB  . VAL A 1 57 ? -6.181  -6.333  -2.518  1.00 17.77 ? 1418 VAL A CB  1 
ATOM   400  C CG1 . VAL A 1 57 ? -6.857  -5.031  -2.030  1.00 18.87 ? 1418 VAL A CG1 1 
ATOM   401  C CG2 . VAL A 1 57 ? -7.072  -7.042  -3.574  1.00 19.97 ? 1418 VAL A CG2 1 
ATOM   402  N N   . LEU A 1 58 ? -3.210  -4.443  -2.098  1.00 16.91 ? 1419 LEU A N   1 
ATOM   403  C CA  . LEU A 1 58 ? -2.271  -3.953  -1.092  1.00 16.49 ? 1419 LEU A CA  1 
ATOM   404  C C   . LEU A 1 58 ? -2.942  -3.106  -0.023  1.00 19.48 ? 1419 LEU A C   1 
ATOM   405  O O   . LEU A 1 58 ? -2.498  -3.106  1.131   1.00 18.03 ? 1419 LEU A O   1 
ATOM   406  C CB  . LEU A 1 58 ? -1.175  -3.115  -1.751  1.00 18.63 ? 1419 LEU A CB  1 
ATOM   407  C CG  . LEU A 1 58 ? -0.414  -3.835  -2.864  1.00 18.73 ? 1419 LEU A CG  1 
ATOM   408  C CD1 . LEU A 1 58 ? 0.463   -2.849  -3.610  1.00 19.17 ? 1419 LEU A CD1 1 
ATOM   409  C CD2 . LEU A 1 58 ? 0.399   -4.984  -2.276  1.00 22.37 ? 1419 LEU A CD2 1 
ATOM   410  N N   . ALA A 1 59 ? -3.987  -2.367  -0.386  1.00 16.27 ? 1420 ALA A N   1 
ATOM   411  C CA  . ALA A 1 59 ? -4.579  -1.432  0.550   1.00 18.18 ? 1420 ALA A CA  1 
ATOM   412  C C   . ALA A 1 59 ? -6.003  -1.138  0.121   1.00 18.51 ? 1420 ALA A C   1 
ATOM   413  O O   . ALA A 1 59 ? -6.337  -1.186  -1.071  1.00 16.82 ? 1420 ALA A O   1 
ATOM   414  C CB  . ALA A 1 59 ? -3.773  -0.129  0.643   1.00 13.57 ? 1420 ALA A CB  1 
ATOM   415  N N   . VAL A 1 60 ? -6.825  -0.840  1.123   1.00 15.94 ? 1421 VAL A N   1 
ATOM   416  C CA  . VAL A 1 60 ? -8.210  -0.419  0.970   1.00 15.09 ? 1421 VAL A CA  1 
ATOM   417  C C   . VAL A 1 60 ? -8.332  0.939   1.651   1.00 16.22 ? 1421 VAL A C   1 
ATOM   418  O O   . VAL A 1 60 ? -8.167  1.032   2.870   1.00 16.08 ? 1421 VAL A O   1 
ATOM   419  C CB  . VAL A 1 60 ? -9.183  -1.431  1.609   1.00 17.83 ? 1421 VAL A CB  1 
ATOM   420  C CG1 . VAL A 1 60 ? -10.624 -0.995  1.399   1.00 17.82 ? 1421 VAL A CG1 1 
ATOM   421  C CG2 . VAL A 1 60 ? -8.955  -2.821  1.045   1.00 12.51 ? 1421 VAL A CG2 1 
ATOM   422  N N   . ASN A 1 61 ? -8.631  1.981   0.874   1.00 14.38 ? 1422 ASN A N   1 
ATOM   423  C CA  . ASN A 1 61 ? -8.619  3.359   1.368   1.00 16.29 ? 1422 ASN A CA  1 
ATOM   424  C C   . ASN A 1 61 ? -7.346  3.631   2.164   1.00 16.19 ? 1422 ASN A C   1 
ATOM   425  O O   . ASN A 1 61 ? -6.241  3.401   1.664   1.00 14.82 ? 1422 ASN A O   1 
ATOM   426  C CB  . ASN A 1 61 ? -9.891  3.646   2.177   1.00 14.95 ? 1422 ASN A CB  1 
ATOM   427  C CG  . ASN A 1 61 ? -11.140 3.714   1.272   1.00 17.99 ? 1422 ASN A CG  1 
ATOM   428  O OD1 . ASN A 1 61 ? -11.011 4.016   0.092   1.00 15.60 ? 1422 ASN A OD1 1 
ATOM   429  N ND2 . ASN A 1 61 ? -12.335 3.440   1.823   1.00 10.61 ? 1422 ASN A ND2 1 
ATOM   430  N N   . GLY A 1 62 ? -7.474  4.076   3.406   1.00 16.90 ? 1423 GLY A N   1 
ATOM   431  C CA  . GLY A 1 62 ? -6.287  4.337   4.186   1.00 18.56 ? 1423 GLY A CA  1 
ATOM   432  C C   . GLY A 1 62 ? -5.686  3.134   4.889   1.00 15.98 ? 1423 GLY A C   1 
ATOM   433  O O   . GLY A 1 62 ? -4.673  3.292   5.578   1.00 18.96 ? 1423 GLY A O   1 
ATOM   434  N N   . VAL A 1 63 ? -6.257  1.941   4.728   1.00 15.33 ? 1424 VAL A N   1 
ATOM   435  C CA  . VAL A 1 63 ? -5.854  0.764   5.497   1.00 17.58 ? 1424 VAL A CA  1 
ATOM   436  C C   . VAL A 1 63 ? -4.947  -0.117  4.641   1.00 19.02 ? 1424 VAL A C   1 
ATOM   437  O O   . VAL A 1 63 ? -5.369  -0.649  3.598   1.00 16.41 ? 1424 VAL A O   1 
ATOM   438  C CB  . VAL A 1 63 ? -7.069  -0.036  5.992   1.00 19.25 ? 1424 VAL A CB  1 
ATOM   439  C CG1 . VAL A 1 63 ? -6.598  -1.314  6.688   1.00 16.92 ? 1424 VAL A CG1 1 
ATOM   440  C CG2 . VAL A 1 63 ? -7.929  0.794   6.930   1.00 14.65 ? 1424 VAL A CG2 1 
ATOM   441  N N   . SER A 1 64 ? -3.707  -0.277  5.092   1.00 16.63 ? 1425 SER A N   1 
ATOM   442  C CA  . SER A 1 64 ? -2.782  -1.219  4.470   1.00 19.05 ? 1425 SER A CA  1 
ATOM   443  C C   . SER A 1 64 ? -3.183  -2.648  4.819   1.00 16.72 ? 1425 SER A C   1 
ATOM   444  O O   . SER A 1 64 ? -3.570  -2.936  5.953   1.00 19.14 ? 1425 SER A O   1 
ATOM   445  C CB  . SER A 1 64 ? -1.350  -0.933  4.941   1.00 15.78 ? 1425 SER A CB  1 
ATOM   446  O OG  . SER A 1 64 ? -0.480  -1.989  4.581   1.00 16.86 ? 1425 SER A OG  1 
ATOM   447  N N   . LEU A 1 65 ? -3.144  -3.545  3.829   1.00 18.76 ? 1426 LEU A N   1 
ATOM   448  C CA  . LEU A 1 65 ? -3.472  -4.944  4.084   1.00 17.67 ? 1426 LEU A CA  1 
ATOM   449  C C   . LEU A 1 65 ? -2.239  -5.783  4.389   1.00 17.83 ? 1426 LEU A C   1 
ATOM   450  O O   . LEU A 1 65 ? -2.347  -7.011  4.462   1.00 20.66 ? 1426 LEU A O   1 
ATOM   451  C CB  . LEU A 1 65 ? -4.232  -5.552  2.894   1.00 16.19 ? 1426 LEU A CB  1 
ATOM   452  C CG  . LEU A 1 65 ? -5.687  -5.105  2.650   1.00 20.93 ? 1426 LEU A CG  1 
ATOM   453  C CD1 . LEU A 1 65 ? -6.406  -6.001  1.631   1.00 17.68 ? 1426 LEU A CD1 1 
ATOM   454  C CD2 . LEU A 1 65 ? -6.497  -5.042  3.935   1.00 17.78 ? 1426 LEU A CD2 1 
ATOM   455  N N   . GLU A 1 66 ? -1.072  -5.153  4.549   1.00 22.09 ? 1427 GLU A N   1 
ATOM   456  C CA  . GLU A 1 66 ? 0.142   -5.883  4.903   1.00 18.78 ? 1427 GLU A CA  1 
ATOM   457  C C   . GLU A 1 66 ? -0.064  -6.665  6.195   1.00 20.96 ? 1427 GLU A C   1 
ATOM   458  O O   . GLU A 1 66 ? -0.501  -6.112  7.211   1.00 16.47 ? 1427 GLU A O   1 
ATOM   459  C CB  . GLU A 1 66 ? 1.324   -4.916  5.047   1.00 19.39 ? 1427 GLU A CB  1 
ATOM   460  C CG  . GLU A 1 66 ? 2.681   -5.603  5.385   1.00 19.76 ? 1427 GLU A CG  1 
ATOM   461  C CD  . GLU A 1 66 ? 3.240   -6.471  4.245   1.00 24.73 ? 1427 GLU A CD  1 
ATOM   462  O OE1 . GLU A 1 66 ? 2.667   -6.490  3.133   1.00 26.19 ? 1427 GLU A OE1 1 
ATOM   463  O OE2 . GLU A 1 66 ? 4.269   -7.144  4.458   1.00 32.59 ? 1427 GLU A OE2 1 
ATOM   464  N N   . GLY A 1 67 ? 0.235   -7.965  6.142   1.00 20.67 ? 1428 GLY A N   1 
ATOM   465  C CA  . GLY A 1 67 ? 0.075   -8.831  7.289   1.00 19.04 ? 1428 GLY A CA  1 
ATOM   466  C C   . GLY A 1 67 ? -1.350  -9.239  7.620   1.00 21.60 ? 1428 GLY A C   1 
ATOM   467  O O   . GLY A 1 67 ? -1.567  -9.820  8.688   1.00 21.53 ? 1428 GLY A O   1 
ATOM   468  N N   . ALA A 1 68 ? -2.326  -8.969  6.752   1.00 17.04 ? 1429 ALA A N   1 
ATOM   469  C CA  . ALA A 1 68 ? -3.716  -9.283  7.074   1.00 18.38 ? 1429 ALA A CA  1 
ATOM   470  C C   . ALA A 1 68 ? -3.998  -10.781 6.966   1.00 17.92 ? 1429 ALA A C   1 
ATOM   471  O O   . ALA A 1 68 ? -3.524  -11.457 6.050   1.00 19.40 ? 1429 ALA A O   1 
ATOM   472  C CB  . ALA A 1 68 ? -4.674  -8.529  6.146   1.00 16.33 ? 1429 ALA A CB  1 
ATOM   473  N N   . THR A 1 69 ? -4.769  -11.292 7.916   1.00 17.86 ? 1430 THR A N   1 
ATOM   474  C CA  . THR A 1 69 ? -5.423  -12.581 7.738   1.00 21.47 ? 1430 THR A CA  1 
ATOM   475  C C   . THR A 1 69 ? -6.542  -12.456 6.702   1.00 18.75 ? 1430 THR A C   1 
ATOM   476  O O   . THR A 1 69 ? -6.977  -11.355 6.351   1.00 13.99 ? 1430 THR A O   1 
ATOM   477  C CB  . THR A 1 69 ? -6.020  -13.067 9.063   1.00 21.95 ? 1430 THR A CB  1 
ATOM   478  O OG1 . THR A 1 69 ? -7.141  -12.235 9.399   1.00 21.02 ? 1430 THR A OG1 1 
ATOM   479  C CG2 . THR A 1 69 ? -4.982  -13.004 10.198  1.00 22.41 ? 1430 THR A CG2 1 
ATOM   480  N N   . HIS A 1 70 ? -7.055  -13.607 6.256   1.00 19.53 ? 1431 HIS A N   1 
ATOM   481  C CA  . HIS A 1 70 ? -8.200  -13.605 5.341   1.00 19.76 ? 1431 HIS A CA  1 
ATOM   482  C C   . HIS A 1 70 ? -9.391  -12.860 5.943   1.00 19.91 ? 1431 HIS A C   1 
ATOM   483  O O   . HIS A 1 70 ? -10.018 -12.026 5.279   1.00 15.67 ? 1431 HIS A O   1 
ATOM   484  C CB  . HIS A 1 70 ? -8.608  -15.038 4.969   1.00 16.60 ? 1431 HIS A CB  1 
ATOM   485  C CG  . HIS A 1 70 ? -9.578  -15.108 3.821   1.00 17.00 ? 1431 HIS A CG  1 
ATOM   486  N ND1 . HIS A 1 70 ? -9.188  -14.969 2.501   1.00 15.64 ? 1431 HIS A ND1 1 
ATOM   487  C CD2 . HIS A 1 70 ? -10.926 -15.271 3.799   1.00 17.88 ? 1431 HIS A CD2 1 
ATOM   488  C CE1 . HIS A 1 70 ? -10.254 -15.048 1.719   1.00 16.81 ? 1431 HIS A CE1 1 
ATOM   489  N NE2 . HIS A 1 70 ? -11.322 -15.233 2.480   1.00 15.43 ? 1431 HIS A NE2 1 
ATOM   490  N N   . LYS A 1 71 ? -9.724  -13.148 7.204   1.00 18.21 ? 1432 LYS A N   1 
ATOM   491  C CA  . LYS A 1 71 ? -10.882 -12.498 7.809   1.00 17.86 ? 1432 LYS A CA  1 
ATOM   492  C C   . LYS A 1 71 ? -10.666 -10.997 7.927   1.00 14.80 ? 1432 LYS A C   1 
ATOM   493  O O   . LYS A 1 71 ? -11.586 -10.214 7.669   1.00 17.96 ? 1432 LYS A O   1 
ATOM   494  C CB  . LYS A 1 71 ? -11.189 -13.113 9.176   1.00 22.98 ? 1432 LYS A CB  1 
ATOM   495  C CG  . LYS A 1 71 ? -11.735 -14.544 9.089   1.00 28.13 ? 1432 LYS A CG  1 
ATOM   496  C CD  . LYS A 1 71 ? -11.846 -15.212 10.460  1.00 33.78 ? 1432 LYS A CD  1 
ATOM   497  C CE  . LYS A 1 71 ? -12.613 -16.526 10.358  1.00 36.75 ? 1432 LYS A CE  1 
ATOM   498  N NZ  . LYS A 1 71 ? -12.422 -17.360 11.573  1.00 43.43 ? 1432 LYS A NZ  1 
ATOM   499  N N   . GLN A 1 72 ? -9.446  -10.575 8.285   1.00 14.57 ? 1433 GLN A N   1 
ATOM   500  C CA  . GLN A 1 72 ? -9.149  -9.150  8.369   1.00 17.75 ? 1433 GLN A CA  1 
ATOM   501  C C   . GLN A 1 72 ? -9.326  -8.463  7.018   1.00 16.52 ? 1433 GLN A C   1 
ATOM   502  O O   . GLN A 1 72 ? -9.928  -7.389  6.934   1.00 17.38 ? 1433 GLN A O   1 
ATOM   503  C CB  . GLN A 1 72 ? -7.733  -8.933  8.906   1.00 18.51 ? 1433 GLN A CB  1 
ATOM   504  C CG  . GLN A 1 72 ? -7.602  -9.134  10.404  1.00 21.56 ? 1433 GLN A CG  1 
ATOM   505  C CD  . GLN A 1 72 ? -6.160  -9.076  10.866  1.00 24.84 ? 1433 GLN A CD  1 
ATOM   506  O OE1 . GLN A 1 72 ? -5.250  -9.493  10.142  1.00 22.10 ? 1433 GLN A OE1 1 
ATOM   507  N NE2 . GLN A 1 72 ? -5.939  -8.544  12.072  1.00 25.17 ? 1433 GLN A NE2 1 
ATOM   508  N N   . ALA A 1 73 ? -8.815  -9.071  5.951   1.00 14.16 ? 1434 ALA A N   1 
ATOM   509  C CA  . ALA A 1 73 ? -8.930  -8.477  4.620   1.00 15.92 ? 1434 ALA A CA  1 
ATOM   510  C C   . ALA A 1 73 ? -10.388 -8.376  4.186   1.00 17.35 ? 1434 ALA A C   1 
ATOM   511  O O   . ALA A 1 73 ? -10.827 -7.335  3.675   1.00 16.20 ? 1434 ALA A O   1 
ATOM   512  C CB  . ALA A 1 73 ? -8.127  -9.304  3.618   1.00 15.44 ? 1434 ALA A CB  1 
ATOM   513  N N   . VAL A 1 74 ? -11.158 -9.451  4.392   1.00 15.34 ? 1435 VAL A N   1 
ATOM   514  C CA  . VAL A 1 74 ? -12.585 -9.446  4.061   1.00 16.16 ? 1435 VAL A CA  1 
ATOM   515  C C   . VAL A 1 74 ? -13.323 -8.392  4.884   1.00 17.69 ? 1435 VAL A C   1 
ATOM   516  O O   . VAL A 1 74 ? -14.140 -7.632  4.358   1.00 15.41 ? 1435 VAL A O   1 
ATOM   517  C CB  . VAL A 1 74 ? -13.185 -10.853 4.259   1.00 19.59 ? 1435 VAL A CB  1 
ATOM   518  C CG1 . VAL A 1 74 ? -14.691 -10.805 4.330   1.00 15.09 ? 1435 VAL A CG1 1 
ATOM   519  C CG2 . VAL A 1 74 ? -12.726 -11.808 3.129   1.00 16.72 ? 1435 VAL A CG2 1 
ATOM   520  N N   . GLU A 1 75 ? -13.059 -8.336  6.197   1.00 17.33 ? 1436 GLU A N   1 
ATOM   521  C CA  . GLU A 1 75 ? -13.716 -7.318  7.015   1.00 18.23 ? 1436 GLU A CA  1 
ATOM   522  C C   . GLU A 1 75 ? -13.366 -5.909  6.527   1.00 17.73 ? 1436 GLU A C   1 
ATOM   523  O O   . GLU A 1 75 ? -14.244 -5.049  6.401   1.00 16.35 ? 1436 GLU A O   1 
ATOM   524  C CB  . GLU A 1 75 ? -13.347 -7.503  8.491   1.00 14.85 ? 1436 GLU A CB  1 
ATOM   525  C CG  . GLU A 1 75 ? -14.054 -6.536  9.425   1.00 23.17 ? 1436 GLU A CG  1 
ATOM   526  C CD  . GLU A 1 75 ? -14.068 -6.975  10.916  1.00 29.65 ? 1436 GLU A CD  1 
ATOM   527  O OE1 . GLU A 1 75 ? -13.534 -8.064  11.277  1.00 23.75 ? 1436 GLU A OE1 1 
ATOM   528  O OE2 . GLU A 1 75 ? -14.632 -6.203  11.727  1.00 25.36 ? 1436 GLU A OE2 1 
ATOM   529  N N   . THR A 1 76 ? -12.092 -5.661  6.222   1.00 17.50 ? 1437 THR A N   1 
ATOM   530  C CA  . THR A 1 76 ? -11.701 -4.352  5.705   1.00 18.41 ? 1437 THR A CA  1 
ATOM   531  C C   . THR A 1 76 ? -12.379 -4.045  4.376   1.00 18.73 ? 1437 THR A C   1 
ATOM   532  O O   . THR A 1 76 ? -12.847 -2.922  4.149   1.00 20.09 ? 1437 THR A O   1 
ATOM   533  C CB  . THR A 1 76 ? -10.189 -4.291  5.551   1.00 17.21 ? 1437 THR A CB  1 
ATOM   534  O OG1 . THR A 1 76 ? -9.581  -4.659  6.786   1.00 17.39 ? 1437 THR A OG1 1 
ATOM   535  C CG2 . THR A 1 76 ? -9.759  -2.892  5.192   1.00 16.49 ? 1437 THR A CG2 1 
ATOM   536  N N   . LEU A 1 77 ? -12.451 -5.026  3.485   1.00 13.55 ? 1438 LEU A N   1 
ATOM   537  C CA  . LEU A 1 77 ? -13.069 -4.773  2.191   1.00 17.17 ? 1438 LEU A CA  1 
ATOM   538  C C   . LEU A 1 77 ? -14.560 -4.523  2.332   1.00 19.49 ? 1438 LEU A C   1 
ATOM   539  O O   . LEU A 1 77 ? -15.106 -3.688  1.612   1.00 17.70 ? 1438 LEU A O   1 
ATOM   540  C CB  . LEU A 1 77 ? -12.811 -5.950  1.240   1.00 19.78 ? 1438 LEU A CB  1 
ATOM   541  C CG  . LEU A 1 77 ? -11.400 -6.073  0.658   1.00 12.47 ? 1438 LEU A CG  1 
ATOM   542  C CD1 . LEU A 1 77 ? -11.063 -7.539  0.346   1.00 17.86 ? 1438 LEU A CD1 1 
ATOM   543  C CD2 . LEU A 1 77 ? -11.270 -5.212  -0.593  1.00 15.15 ? 1438 LEU A CD2 1 
ATOM   544  N N   . ARG A 1 78 ? -15.223 -5.215  3.268   1.00 15.68 ? 1439 ARG A N   1 
ATOM   545  C CA  . ARG A 1 78 ? -16.669 -5.097  3.450   1.00 19.72 ? 1439 ARG A CA  1 
ATOM   546  C C   . ARG A 1 78 ? -17.071 -3.801  4.152   1.00 22.31 ? 1439 ARG A C   1 
ATOM   547  O O   . ARG A 1 78 ? -18.108 -3.209  3.824   1.00 25.21 ? 1439 ARG A O   1 
ATOM   548  C CB  . ARG A 1 78 ? -17.191 -6.297  4.249   1.00 23.96 ? 1439 ARG A CB  1 
ATOM   549  C CG  . ARG A 1 78 ? -17.472 -7.555  3.435   1.00 24.87 ? 1439 ARG A CG  1 
ATOM   550  C CD  . ARG A 1 78 ? -17.625 -8.786  4.347   1.00 23.93 ? 1439 ARG A CD  1 
ATOM   551  N NE  . ARG A 1 78 ? -18.040 -9.985  3.612   1.00 24.26 ? 1439 ARG A NE  1 
ATOM   552  C CZ  . ARG A 1 78 ? -18.202 -11.182 4.170   1.00 25.27 ? 1439 ARG A CZ  1 
ATOM   553  N NH1 . ARG A 1 78 ? -17.974 -11.348 5.468   1.00 28.75 ? 1439 ARG A NH1 1 
ATOM   554  N NH2 . ARG A 1 78 ? -18.576 -12.217 3.433   1.00 31.56 ? 1439 ARG A NH2 1 
ATOM   555  N N   . ASN A 1 79 ? -16.281 -3.350  5.117   1.00 19.92 ? 1440 ASN A N   1 
ATOM   556  C CA  . ASN A 1 79 ? -16.673 -2.243  5.986   1.00 22.04 ? 1440 ASN A CA  1 
ATOM   557  C C   . ASN A 1 79 ? -16.279 -0.884  5.433   1.00 26.46 ? 1440 ASN A C   1 
ATOM   558  O O   . ASN A 1 79 ? -15.685 -0.052  6.105   1.00 24.83 ? 1440 ASN A O   1 
ATOM   559  C CB  . ASN A 1 79 ? -16.093 -2.458  7.365   1.00 19.94 ? 1440 ASN A CB  1 
ATOM   560  C CG  . ASN A 1 79 ? -16.924 -3.414  8.147   1.00 23.82 ? 1440 ASN A CG  1 
ATOM   561  O OD1 . ASN A 1 79 ? -17.916 -3.024  8.759   1.00 25.22 ? 1440 ASN A OD1 1 
ATOM   562  N ND2 . ASN A 1 79 ? -16.591 -4.694  8.050   1.00 16.67 ? 1440 ASN A ND2 1 
ATOM   563  N N   . THR A 1 80 ? -16.647 -0.654  4.187   1.00 27.54 ? 1441 THR A N   1 
ATOM   564  C CA  . THR A 1 80 ? -16.483 0.649   3.588   1.00 25.28 ? 1441 THR A CA  1 
ATOM   565  C C   . THR A 1 80 ? -17.552 0.777   2.514   1.00 27.70 ? 1441 THR A C   1 
ATOM   566  O O   . THR A 1 80 ? -18.262 -0.187  2.204   1.00 29.57 ? 1441 THR A O   1 
ATOM   567  C CB  . THR A 1 80 ? -15.051 0.828   3.069   1.00 28.66 ? 1441 THR A CB  1 
ATOM   568  O OG1 . THR A 1 80 ? -14.850 2.199   2.702   1.00 31.60 ? 1441 THR A OG1 1 
ATOM   569  C CG2 . THR A 1 80 ? -14.778 -0.099  1.896   1.00 24.42 ? 1441 THR A CG2 1 
ATOM   570  N N   . GLY A 1 81 ? -17.713 1.990   1.990   1.00 27.25 ? 1442 GLY A N   1 
ATOM   571  C CA  . GLY A 1 81 ? -18.813 2.247   1.080   1.00 25.41 ? 1442 GLY A CA  1 
ATOM   572  C C   . GLY A 1 81 ? -18.517 3.443   0.199   1.00 24.05 ? 1442 GLY A C   1 
ATOM   573  O O   . GLY A 1 81 ? -17.439 4.039   0.266   1.00 25.15 ? 1442 GLY A O   1 
ATOM   574  N N   . GLN A 1 82 ? -19.504 3.791   -0.627  1.00 22.01 ? 1443 GLN A N   1 
ATOM   575  C CA  . GLN A 1 82 ? -19.408 4.902   -1.599  1.00 25.29 ? 1443 GLN A CA  1 
ATOM   576  C C   . GLN A 1 82 ? -18.183 4.601   -2.459  1.00 19.82 ? 1443 GLN A C   1 
ATOM   577  O O   . GLN A 1 82 ? -18.002 3.450   -2.877  1.00 21.03 ? 1443 GLN A O   1 
ATOM   578  C CB  . GLN A 1 82 ? -19.398 6.275   -0.905  1.00 22.00 ? 1443 GLN A CB  1 
ATOM   579  C CG  . GLN A 1 82 ? -20.590 6.550   0.004   1.00 25.75 ? 1443 GLN A CG  1 
ATOM   580  C CD  . GLN A 1 82 ? -20.425 5.906   1.361   1.00 29.74 ? 1443 GLN A CD  1 
ATOM   581  O OE1 . GLN A 1 82 ? -19.439 6.147   2.061   1.00 27.64 ? 1443 GLN A OE1 1 
ATOM   582  N NE2 . GLN A 1 82 ? -21.381 5.059   1.731   1.00 32.00 ? 1443 GLN A NE2 1 
ATOM   583  N N   . VAL A 1 83 ? -17.313 5.562   -2.724  1.00 20.97 ? 1444 VAL A N   1 
ATOM   584  C CA  . VAL A 1 83 ? -16.187 5.326   -3.617  1.00 21.85 ? 1444 VAL A CA  1 
ATOM   585  C C   . VAL A 1 83 ? -15.059 4.695   -2.810  1.00 18.37 ? 1444 VAL A C   1 
ATOM   586  O O   . VAL A 1 83 ? -14.553 5.293   -1.854  1.00 20.51 ? 1444 VAL A O   1 
ATOM   587  C CB  . VAL A 1 83 ? -15.746 6.623   -4.311  1.00 22.99 ? 1444 VAL A CB  1 
ATOM   588  C CG1 . VAL A 1 83 ? -14.522 6.382   -5.196  1.00 19.82 ? 1444 VAL A CG1 1 
ATOM   589  C CG2 . VAL A 1 83 ? -16.911 7.181   -5.165  1.00 21.45 ? 1444 VAL A CG2 1 
ATOM   590  N N   . VAL A 1 84 ? -14.669 3.480   -3.186  1.00 18.07 ? 1445 VAL A N   1 
ATOM   591  C CA  . VAL A 1 84 ? -13.612 2.749   -2.501  1.00 15.88 ? 1445 VAL A CA  1 
ATOM   592  C C   . VAL A 1 84 ? -12.325 2.851   -3.310  1.00 23.44 ? 1445 VAL A C   1 
ATOM   593  O O   . VAL A 1 84 ? -12.326 2.652   -4.535  1.00 20.32 ? 1445 VAL A O   1 
ATOM   594  C CB  . VAL A 1 84 ? -14.007 1.281   -2.281  1.00 19.34 ? 1445 VAL A CB  1 
ATOM   595  C CG1 . VAL A 1 84 ? -12.897 0.557   -1.537  1.00 20.82 ? 1445 VAL A CG1 1 
ATOM   596  C CG2 . VAL A 1 84 ? -15.323 1.198   -1.498  1.00 17.45 ? 1445 VAL A CG2 1 
ATOM   597  N N   . HIS A 1 85 ? -11.224 3.150   -2.632  1.00 15.72 ? 1446 HIS A N   1 
ATOM   598  C CA  . HIS A 1 85 ? -9.915  3.179   -3.263  1.00 17.42 ? 1446 HIS A CA  1 
ATOM   599  C C   . HIS A 1 85 ? -9.165  1.901   -2.929  1.00 19.80 ? 1446 HIS A C   1 
ATOM   600  O O   . HIS A 1 85 ? -9.117  1.488   -1.764  1.00 14.13 ? 1446 HIS A O   1 
ATOM   601  C CB  . HIS A 1 85 ? -9.131  4.400   -2.804  1.00 20.01 ? 1446 HIS A CB  1 
ATOM   602  C CG  . HIS A 1 85 ? -9.899  5.671   -2.954  1.00 20.74 ? 1446 HIS A CG  1 
ATOM   603  N ND1 . HIS A 1 85 ? -10.798 6.109   -2.006  1.00 23.15 ? 1446 HIS A ND1 1 
ATOM   604  C CD2 . HIS A 1 85 ? -9.952  6.566   -3.970  1.00 21.72 ? 1446 HIS A CD2 1 
ATOM   605  C CE1 . HIS A 1 85 ? -11.336 7.248   -2.410  1.00 25.93 ? 1446 HIS A CE1 1 
ATOM   606  N NE2 . HIS A 1 85 ? -10.841 7.546   -3.598  1.00 20.37 ? 1446 HIS A NE2 1 
ATOM   607  N N   . LEU A 1 86 ? -8.617  1.263   -3.960  1.00 17.84 ? 1447 LEU A N   1 
ATOM   608  C CA  . LEU A 1 86 ? -7.822  0.062   -3.819  1.00 16.55 ? 1447 LEU A CA  1 
ATOM   609  C C   . LEU A 1 86 ? -6.469  0.332   -4.441  1.00 17.18 ? 1447 LEU A C   1 
ATOM   610  O O   . LEU A 1 86 ? -6.398  0.843   -5.560  1.00 17.05 ? 1447 LEU A O   1 
ATOM   611  C CB  . LEU A 1 86 ? -8.486  -1.139  -4.510  1.00 19.01 ? 1447 LEU A CB  1 
ATOM   612  C CG  . LEU A 1 86 ? -9.866  -1.567  -4.024  1.00 14.87 ? 1447 LEU A CG  1 
ATOM   613  C CD1 . LEU A 1 86 ? -10.410 -2.746  -4.876  1.00 20.80 ? 1447 LEU A CD1 1 
ATOM   614  C CD2 . LEU A 1 86 ? -9.765  -1.950  -2.563  1.00 10.34 ? 1447 LEU A CD2 1 
ATOM   615  N N   . LEU A 1 87 ? -5.404  0.021   -3.713  1.00 16.06 ? 1448 LEU A N   1 
ATOM   616  C CA  . LEU A 1 87 ? -4.073  -0.030  -4.295  1.00 17.69 ? 1448 LEU A CA  1 
ATOM   617  C C   . LEU A 1 87 ? -3.773  -1.480  -4.650  1.00 17.88 ? 1448 LEU A C   1 
ATOM   618  O O   . LEU A 1 87 ? -3.909  -2.371  -3.802  1.00 15.17 ? 1448 LEU A O   1 
ATOM   619  C CB  . LEU A 1 87 ? -3.013  0.525   -3.335  1.00 16.41 ? 1448 LEU A CB  1 
ATOM   620  C CG  . LEU A 1 87 ? -1.639  0.754   -3.981  1.00 20.12 ? 1448 LEU A CG  1 
ATOM   621  C CD1 . LEU A 1 87 ? -1.692  1.919   -4.989  1.00 18.61 ? 1448 LEU A CD1 1 
ATOM   622  C CD2 . LEU A 1 87 ? -0.560  1.011   -2.909  1.00 17.71 ? 1448 LEU A CD2 1 
ATOM   623  N N   . LEU A 1 88 ? -3.358  -1.701  -5.897  1.00 16.75 ? 1449 LEU A N   1 
ATOM   624  C CA  . LEU A 1 88 ? -3.207  -3.024  -6.483  1.00 18.00 ? 1449 LEU A CA  1 
ATOM   625  C C   . LEU A 1 88 ? -1.809  -3.193  -7.060  1.00 19.36 ? 1449 LEU A C   1 
ATOM   626  O O   . LEU A 1 88 ? -1.135  -2.225  -7.421  1.00 17.90 ? 1449 LEU A O   1 
ATOM   627  C CB  . LEU A 1 88 ? -4.228  -3.261  -7.606  1.00 17.50 ? 1449 LEU A CB  1 
ATOM   628  C CG  . LEU A 1 88 ? -5.707  -3.052  -7.257  1.00 19.11 ? 1449 LEU A CG  1 
ATOM   629  C CD1 . LEU A 1 88 ? -6.587  -3.317  -8.469  1.00 16.65 ? 1449 LEU A CD1 1 
ATOM   630  C CD2 . LEU A 1 88 ? -6.080  -3.952  -6.100  1.00 16.19 ? 1449 LEU A CD2 1 
ATOM   631  N N   . GLU A 1 89 ? -1.401  -4.455  -7.156  1.00 21.23 ? 1450 GLU A N   1 
ATOM   632  C CA  . GLU A 1 89 ? -0.190  -4.868  -7.858  1.00 23.45 ? 1450 GLU A CA  1 
ATOM   633  C C   . GLU A 1 89 ? -0.569  -5.912  -8.900  1.00 27.44 ? 1450 GLU A C   1 
ATOM   634  O O   . GLU A 1 89 ? -1.217  -6.911  -8.567  1.00 22.03 ? 1450 GLU A O   1 
ATOM   635  C CB  . GLU A 1 89 ? 0.842   -5.438  -6.887  1.00 26.44 ? 1450 GLU A CB  1 
ATOM   636  C CG  . GLU A 1 89 ? 2.125   -5.895  -7.545  1.00 32.78 ? 1450 GLU A CG  1 
ATOM   637  C CD  . GLU A 1 89 ? 3.047   -6.596  -6.571  1.00 34.96 ? 1450 GLU A CD  1 
ATOM   638  O OE1 . GLU A 1 89 ? 2.529   -7.287  -5.672  1.00 32.65 ? 1450 GLU A OE1 1 
ATOM   639  O OE2 . GLU A 1 89 ? 4.286   -6.459  -6.705  1.00 39.77 ? 1450 GLU A OE2 1 
ATOM   640  N N   . LYS A 1 90 ? -0.177  -5.668  -10.154 1.00 28.45 ? 1451 LYS A N   1 
ATOM   641  C CA  . LYS A 1 90 ? -0.439  -6.589  -11.255 1.00 27.76 ? 1451 LYS A CA  1 
ATOM   642  C C   . LYS A 1 90 ? 0.096   -7.982  -10.940 1.00 32.45 ? 1451 LYS A C   1 
ATOM   643  O O   . LYS A 1 90 ? 1.232   -8.141  -10.485 1.00 37.18 ? 1451 LYS A O   1 
ATOM   644  C CB  . LYS A 1 90 ? 0.228   -6.074  -12.543 1.00 33.93 ? 1451 LYS A CB  1 
ATOM   645  C CG  . LYS A 1 90 ? -0.296  -4.746  -13.105 1.00 38.60 ? 1451 LYS A CG  1 
ATOM   646  C CD  . LYS A 1 90 ? -0.659  -4.855  -14.588 1.00 42.74 ? 1451 LYS A CD  1 
ATOM   647  C CE  . LYS A 1 90 ? -1.947  -4.108  -14.907 1.00 47.39 ? 1451 LYS A CE  1 
ATOM   648  N NZ  . LYS A 1 90 ? -1.845  -2.719  -14.416 1.00 45.62 ? 1451 LYS A NZ  1 
ATOM   649  N N   . GLY A 1 91 ? -0.726  -8.997  -11.207 1.00 32.20 ? 1452 GLY A N   1 
ATOM   650  C CA  . GLY A 1 91 ? -0.296  -10.380 -11.102 1.00 33.23 ? 1452 GLY A CA  1 
ATOM   651  C C   . GLY A 1 91 ? 0.735   -10.791 -12.140 1.00 44.18 ? 1452 GLY A C   1 
ATOM   652  O O   . GLY A 1 91 ? 1.485   -11.751 -11.935 1.00 47.97 ? 1452 GLY A O   1 
ATOM   653  N N   . LYS B 1 1  ? 16.084  -5.488  -6.196  1.00 49.58 ? 1362 LYS B N   1 
ATOM   654  C CA  . LYS B 1 1  ? 14.881  -6.246  -6.523  1.00 43.67 ? 1362 LYS B CA  1 
ATOM   655  C C   . LYS B 1 1  ? 13.790  -5.311  -7.047  1.00 46.28 ? 1362 LYS B C   1 
ATOM   656  O O   . LYS B 1 1  ? 12.742  -5.173  -6.414  1.00 44.21 ? 1362 LYS B O   1 
ATOM   657  C CB  . LYS B 1 1  ? 14.399  -6.994  -5.284  1.00 44.89 ? 1362 LYS B CB  1 
ATOM   658  C CG  . LYS B 1 1  ? 15.389  -6.914  -4.130  1.00 46.44 ? 1362 LYS B CG  1 
ATOM   659  C CD  . LYS B 1 1  ? 14.816  -7.478  -2.845  1.00 49.46 ? 1362 LYS B CD  1 
ATOM   660  C CE  . LYS B 1 1  ? 14.025  -6.430  -2.074  1.00 47.23 ? 1362 LYS B CE  1 
ATOM   661  N NZ  . LYS B 1 1  ? 14.676  -6.122  -0.764  1.00 46.50 ? 1362 LYS B NZ  1 
ATOM   662  N N   . PRO B 1 2  ? 14.036  -4.670  -8.191  1.00 41.38 ? 1363 PRO B N   1 
ATOM   663  C CA  . PRO B 1 2  ? 13.186  -3.542  -8.609  1.00 41.83 ? 1363 PRO B CA  1 
ATOM   664  C C   . PRO B 1 2  ? 11.751  -3.978  -8.850  1.00 47.04 ? 1363 PRO B C   1 
ATOM   665  O O   . PRO B 1 2  ? 11.467  -4.818  -9.711  1.00 44.51 ? 1363 PRO B O   1 
ATOM   666  C CB  . PRO B 1 2  ? 13.856  -3.049  -9.897  1.00 41.42 ? 1363 PRO B CB  1 
ATOM   667  C CG  . PRO B 1 2  ? 15.265  -3.561  -9.812  1.00 49.30 ? 1363 PRO B CG  1 
ATOM   668  C CD  . PRO B 1 2  ? 15.152  -4.887  -9.127  1.00 44.12 ? 1363 PRO B CD  1 
ATOM   669  N N   . GLY B 1 3  ? 10.836  -3.382  -8.084  1.00 43.28 ? 1364 GLY B N   1 
ATOM   670  C CA  . GLY B 1 3  ? 9.444   -3.757  -8.102  1.00 36.01 ? 1364 GLY B CA  1 
ATOM   671  C C   . GLY B 1 3  ? 9.030   -4.670  -6.972  1.00 37.33 ? 1364 GLY B C   1 
ATOM   672  O O   . GLY B 1 3  ? 7.824   -4.840  -6.751  1.00 40.05 ? 1364 GLY B O   1 
ATOM   673  N N   . ASP B 1 4  ? 9.982   -5.270  -6.257  1.00 38.86 ? 1365 ASP B N   1 
ATOM   674  C CA  . ASP B 1 4  ? 9.622   -6.081  -5.104  1.00 37.73 ? 1365 ASP B CA  1 
ATOM   675  C C   . ASP B 1 4  ? 9.018   -5.212  -4.011  1.00 38.65 ? 1365 ASP B C   1 
ATOM   676  O O   . ASP B 1 4  ? 9.513   -4.124  -3.700  1.00 35.11 ? 1365 ASP B O   1 
ATOM   677  C CB  . ASP B 1 4  ? 10.836  -6.828  -4.560  1.00 43.70 ? 1365 ASP B CB  1 
ATOM   678  C CG  . ASP B 1 4  ? 11.086  -8.130  -5.289  1.00 49.59 ? 1365 ASP B CG  1 
ATOM   679  O OD1 . ASP B 1 4  ? 10.512  -8.306  -6.388  1.00 48.20 ? 1365 ASP B OD1 1 
ATOM   680  O OD2 . ASP B 1 4  ? 11.854  -8.969  -4.768  1.00 50.10 ? 1365 ASP B OD2 1 
ATOM   681  N N   . ILE B 1 5  ? 7.928   -5.695  -3.438  1.00 38.49 ? 1366 ILE B N   1 
ATOM   682  C CA  . ILE B 1 5  ? 7.320   -5.065  -2.277  1.00 34.56 ? 1366 ILE B CA  1 
ATOM   683  C C   . ILE B 1 5  ? 7.936   -5.706  -1.046  1.00 34.64 ? 1366 ILE B C   1 
ATOM   684  O O   . ILE B 1 5  ? 7.907   -6.931  -0.895  1.00 36.49 ? 1366 ILE B O   1 
ATOM   685  C CB  . ILE B 1 5  ? 5.794   -5.230  -2.297  1.00 34.24 ? 1366 ILE B CB  1 
ATOM   686  C CG1 . ILE B 1 5  ? 5.193   -4.360  -3.400  1.00 33.35 ? 1366 ILE B CG1 1 
ATOM   687  C CG2 . ILE B 1 5  ? 5.200   -4.868  -0.967  1.00 29.30 ? 1366 ILE B CG2 1 
ATOM   688  C CD1 . ILE B 1 5  ? 3.726   -4.595  -3.603  1.00 33.04 ? 1366 ILE B CD1 1 
ATOM   689  N N   . PHE B 1 6  ? 8.530   -4.891  -0.182  1.00 33.64 ? 1367 PHE B N   1 
ATOM   690  C CA  . PHE B 1 6  ? 9.236   -5.438  0.960   1.00 30.59 ? 1367 PHE B CA  1 
ATOM   691  C C   . PHE B 1 6  ? 8.985   -4.572  2.188   1.00 31.60 ? 1367 PHE B C   1 
ATOM   692  O O   . PHE B 1 6  ? 8.693   -3.376  2.087   1.00 28.92 ? 1367 PHE B O   1 
ATOM   693  C CB  . PHE B 1 6  ? 10.742  -5.603  0.662   1.00 36.35 ? 1367 PHE B CB  1 
ATOM   694  C CG  . PHE B 1 6  ? 11.509  -4.308  0.498   1.00 35.65 ? 1367 PHE B CG  1 
ATOM   695  C CD1 . PHE B 1 6  ? 12.368  -3.865  1.503   1.00 31.60 ? 1367 PHE B CD1 1 
ATOM   696  C CD2 . PHE B 1 6  ? 11.416  -3.567  -0.671  1.00 32.80 ? 1367 PHE B CD2 1 
ATOM   697  C CE1 . PHE B 1 6  ? 13.091  -2.704  1.357   1.00 29.54 ? 1367 PHE B CE1 1 
ATOM   698  C CE2 . PHE B 1 6  ? 12.143  -2.393  -0.828  1.00 32.54 ? 1367 PHE B CE2 1 
ATOM   699  C CZ  . PHE B 1 6  ? 12.978  -1.958  0.190   1.00 34.22 ? 1367 PHE B CZ  1 
ATOM   700  N N   . GLU B 1 7  ? 9.092   -5.211  3.346   1.00 28.70 ? 1368 GLU B N   1 
ATOM   701  C CA  . GLU B 1 7  ? 8.766   -4.623  4.632   1.00 28.34 ? 1368 GLU B CA  1 
ATOM   702  C C   . GLU B 1 7  ? 10.050  -4.426  5.420   1.00 33.57 ? 1368 GLU B C   1 
ATOM   703  O O   . GLU B 1 7  ? 10.870  -5.342  5.514   1.00 39.58 ? 1368 GLU B O   1 
ATOM   704  C CB  . GLU B 1 7  ? 7.798   -5.529  5.397   1.00 29.86 ? 1368 GLU B CB  1 
ATOM   705  C CG  . GLU B 1 7  ? 7.501   -5.104  6.813   1.00 34.95 ? 1368 GLU B CG  1 
ATOM   706  C CD  . GLU B 1 7  ? 6.672   -3.842  6.869   1.00 32.95 ? 1368 GLU B CD  1 
ATOM   707  O OE1 . GLU B 1 7  ? 5.612   -3.775  6.207   1.00 34.56 ? 1368 GLU B OE1 1 
ATOM   708  O OE2 . GLU B 1 7  ? 7.089   -2.907  7.571   1.00 35.27 ? 1368 GLU B OE2 1 
ATOM   709  N N   . VAL B 1 8  ? 10.221  -3.235  5.979   1.00 33.12 ? 1369 VAL B N   1 
ATOM   710  C CA  . VAL B 1 8  ? 11.402  -2.872  6.753   1.00 33.38 ? 1369 VAL B CA  1 
ATOM   711  C C   . VAL B 1 8  ? 10.934  -2.347  8.100   1.00 37.25 ? 1369 VAL B C   1 
ATOM   712  O O   . VAL B 1 8  ? 10.036  -1.500  8.155   1.00 38.05 ? 1369 VAL B O   1 
ATOM   713  C CB  . VAL B 1 8  ? 12.246  -1.802  6.035   1.00 34.66 ? 1369 VAL B CB  1 
ATOM   714  C CG1 . VAL B 1 8  ? 13.244  -1.168  7.010   1.00 41.75 ? 1369 VAL B CG1 1 
ATOM   715  C CG2 . VAL B 1 8  ? 12.945  -2.389  4.828   1.00 35.93 ? 1369 VAL B CG2 1 
ATOM   716  N N   . GLU B 1 9  ? 11.533  -2.840  9.178   1.00 38.11 ? 1370 GLU B N   1 
ATOM   717  C CA  . GLU B 1 9  ? 11.320  -2.275  10.504  1.00 37.02 ? 1370 GLU B CA  1 
ATOM   718  C C   . GLU B 1 9  ? 12.599  -1.605  10.979  1.00 37.48 ? 1370 GLU B C   1 
ATOM   719  O O   . GLU B 1 9  ? 13.673  -2.207  10.928  1.00 40.72 ? 1370 GLU B O   1 
ATOM   720  C CB  . GLU B 1 9  ? 10.888  -3.341  11.510  1.00 34.14 ? 1370 GLU B CB  1 
ATOM   721  C CG  . GLU B 1 9  ? 11.095  -2.893  12.944  1.00 42.05 ? 1370 GLU B CG  1 
ATOM   722  C CD  . GLU B 1 9  ? 10.825  -3.990  13.953  1.00 54.12 ? 1370 GLU B CD  1 
ATOM   723  O OE1 . GLU B 1 9  ? 10.457  -3.655  15.105  1.00 54.05 ? 1370 GLU B OE1 1 
ATOM   724  O OE2 . GLU B 1 9  ? 10.977  -5.184  13.593  1.00 53.34 ? 1370 GLU B OE2 1 
ATOM   725  N N   . LEU B 1 10 ? 12.479  -0.366  11.443  1.00 35.94 ? 1371 LEU B N   1 
ATOM   726  C CA  . LEU B 1 10 ? 13.618  0.383   11.942  1.00 36.97 ? 1371 LEU B CA  1 
ATOM   727  C C   . LEU B 1 10 ? 13.171  1.206   13.141  1.00 42.66 ? 1371 LEU B C   1 
ATOM   728  O O   . LEU B 1 10 ? 11.978  1.442   13.347  1.00 34.21 ? 1371 LEU B O   1 
ATOM   729  C CB  . LEU B 1 10 ? 14.228  1.281   10.848  1.00 37.10 ? 1371 LEU B CB  1 
ATOM   730  C CG  . LEU B 1 10 ? 13.569  2.592   10.396  1.00 35.46 ? 1371 LEU B CG  1 
ATOM   731  C CD1 . LEU B 1 10 ? 14.232  3.773   11.070  1.00 44.02 ? 1371 LEU B CD1 1 
ATOM   732  C CD2 . LEU B 1 10 ? 13.686  2.778   8.909   1.00 24.59 ? 1371 LEU B CD2 1 
ATOM   733  N N   . ALA B 1 11 ? 14.143  1.616   13.953  1.00 43.53 ? 1372 ALA B N   1 
ATOM   734  C CA  . ALA B 1 11 ? 13.883  2.485   15.092  1.00 37.48 ? 1372 ALA B CA  1 
ATOM   735  C C   . ALA B 1 11 ? 14.271  3.911   14.739  1.00 40.71 ? 1372 ALA B C   1 
ATOM   736  O O   . ALA B 1 11 ? 15.304  4.144   14.107  1.00 41.78 ? 1372 ALA B O   1 
ATOM   737  C CB  . ALA B 1 11 ? 14.652  2.026   16.331  1.00 40.26 ? 1372 ALA B CB  1 
ATOM   738  N N   . LYS B 1 12 ? 13.433  4.862   15.133  1.00 40.53 ? 1373 LYS B N   1 
ATOM   739  C CA  . LYS B 1 12 ? 13.768  6.261   14.927  1.00 40.91 ? 1373 LYS B CA  1 
ATOM   740  C C   . LYS B 1 12 ? 14.930  6.653   15.827  1.00 43.90 ? 1373 LYS B C   1 
ATOM   741  O O   . LYS B 1 12 ? 15.001  6.244   16.989  1.00 44.87 ? 1373 LYS B O   1 
ATOM   742  C CB  . LYS B 1 12 ? 12.560  7.151   15.211  1.00 39.63 ? 1373 LYS B CB  1 
ATOM   743  C CG  . LYS B 1 12 ? 11.398  6.946   14.252  1.00 36.10 ? 1373 LYS B CG  1 
ATOM   744  C CD  . LYS B 1 12 ? 10.275  7.916   14.556  1.00 39.69 ? 1373 LYS B CD  1 
ATOM   745  C CE  . LYS B 1 12 ? 9.428   8.192   13.328  1.00 34.63 ? 1373 LYS B CE  1 
ATOM   746  N NZ  . LYS B 1 12 ? 8.369   9.236   13.592  1.00 40.13 ? 1373 LYS B NZ  1 
ATOM   747  N N   . ASN B 1 13 ? 15.852  7.436   15.276  1.00 43.19 ? 1374 ASN B N   1 
ATOM   748  C CA  . ASN B 1 13 ? 16.925  8.056   16.043  1.00 43.86 ? 1374 ASN B CA  1 
ATOM   749  C C   . ASN B 1 13 ? 16.566  9.523   16.241  1.00 45.93 ? 1374 ASN B C   1 
ATOM   750  O O   . ASN B 1 13 ? 16.414  10.261  15.263  1.00 43.86 ? 1374 ASN B O   1 
ATOM   751  C CB  . ASN B 1 13 ? 18.266  7.916   15.326  1.00 43.70 ? 1374 ASN B CB  1 
ATOM   752  C CG  . ASN B 1 13 ? 18.742  6.475   15.255  1.00 50.68 ? 1374 ASN B CG  1 
ATOM   753  O OD1 . ASN B 1 13 ? 18.049  5.555   15.708  1.00 55.13 ? 1374 ASN B OD1 1 
ATOM   754  N ND2 . ASN B 1 13 ? 19.925  6.267   14.679  1.00 51.13 ? 1374 ASN B ND2 1 
ATOM   755  N N   . ASP B 1 14 ? 16.404  9.930   17.500  1.00 46.49 ? 1375 ASP B N   1 
ATOM   756  C CA  . ASP B 1 14 ? 16.047  11.307  17.840  1.00 47.58 ? 1375 ASP B CA  1 
ATOM   757  C C   . ASP B 1 14 ? 14.772  11.739  17.125  1.00 48.44 ? 1375 ASP B C   1 
ATOM   758  O O   . ASP B 1 14 ? 14.661  12.864  16.635  1.00 47.78 ? 1375 ASP B O   1 
ATOM   759  C CB  . ASP B 1 14 ? 17.195  12.269  17.528  1.00 51.61 ? 1375 ASP B CB  1 
ATOM   760  C CG  . ASP B 1 14 ? 18.265  12.263  18.599  1.00 58.58 ? 1375 ASP B CG  1 
ATOM   761  O OD1 . ASP B 1 14 ? 17.953  11.897  19.754  1.00 61.02 ? 1375 ASP B OD1 1 
ATOM   762  O OD2 . ASP B 1 14 ? 19.417  12.631  18.291  1.00 58.25 ? 1375 ASP B OD2 1 
ATOM   763  N N   . ASN B 1 15 ? 13.806  10.820  17.057  1.00 46.69 ? 1376 ASN B N   1 
ATOM   764  C CA  . ASN B 1 15 ? 12.487  11.063  16.475  1.00 45.75 ? 1376 ASN B CA  1 
ATOM   765  C C   . ASN B 1 15 ? 12.546  11.320  14.967  1.00 41.67 ? 1376 ASN B C   1 
ATOM   766  O O   . ASN B 1 15 ? 11.667  11.984  14.412  1.00 41.00 ? 1376 ASN B O   1 
ATOM   767  C CB  . ASN B 1 15 ? 11.765  12.213  17.186  1.00 49.43 ? 1376 ASN B CB  1 
ATOM   768  C CG  . ASN B 1 15 ? 11.847  12.110  18.714  1.00 62.01 ? 1376 ASN B CG  1 
ATOM   769  O OD1 . ASN B 1 15 ? 11.056  11.404  19.352  1.00 58.91 ? 1376 ASN B OD1 1 
ATOM   770  N ND2 . ASN B 1 15 ? 12.801  12.831  19.306  1.00 61.73 ? 1376 ASN B ND2 1 
ATOM   771  N N   . SER B 1 16 ? 13.553  10.781  14.278  1.00 37.58 ? 1377 SER B N   1 
ATOM   772  C CA  . SER B 1 16 ? 13.624  10.873  12.825  1.00 35.41 ? 1377 SER B CA  1 
ATOM   773  C C   . SER B 1 16 ? 13.984  9.518   12.240  1.00 35.10 ? 1377 SER B C   1 
ATOM   774  O O   . SER B 1 16 ? 14.810  8.791   12.798  1.00 30.10 ? 1377 SER B O   1 
ATOM   775  C CB  . SER B 1 16 ? 14.656  11.911  12.358  1.00 33.25 ? 1377 SER B CB  1 
ATOM   776  O OG  . SER B 1 16 ? 14.230  13.229  12.656  1.00 39.31 ? 1377 SER B OG  1 
ATOM   777  N N   . LEU B 1 17 ? 13.360  9.187   11.107  1.00 27.60 ? 1378 LEU B N   1 
ATOM   778  C CA  . LEU B 1 17 ? 13.779  8.015   10.351  1.00 31.91 ? 1378 LEU B CA  1 
ATOM   779  C C   . LEU B 1 17 ? 15.054  8.289   9.569   1.00 28.87 ? 1378 LEU B C   1 
ATOM   780  O O   . LEU B 1 17 ? 15.832  7.367   9.313   1.00 30.01 ? 1378 LEU B O   1 
ATOM   781  C CB  . LEU B 1 17 ? 12.672  7.577   9.393   1.00 32.48 ? 1378 LEU B CB  1 
ATOM   782  C CG  . LEU B 1 17 ? 11.307  7.253   10.020  1.00 37.04 ? 1378 LEU B CG  1 
ATOM   783  C CD1 . LEU B 1 17 ? 10.220  7.261   8.959   1.00 28.11 ? 1378 LEU B CD1 1 
ATOM   784  C CD2 . LEU B 1 17 ? 11.370  5.909   10.704  1.00 32.16 ? 1378 LEU B CD2 1 
ATOM   785  N N   . GLY B 1 18 ? 15.279  9.538   9.182   1.00 30.59 ? 1379 GLY B N   1 
ATOM   786  C CA  . GLY B 1 18 ? 16.442  9.870   8.389   1.00 27.15 ? 1379 GLY B CA  1 
ATOM   787  C C   . GLY B 1 18 ? 16.262  9.617   6.912   1.00 28.08 ? 1379 GLY B C   1 
ATOM   788  O O   . GLY B 1 18 ? 17.183  9.104   6.260   1.00 28.02 ? 1379 GLY B O   1 
ATOM   789  N N   . ILE B 1 19 ? 15.082  9.923   6.366   1.00 24.00 ? 1380 ILE B N   1 
ATOM   790  C CA  . ILE B 1 19 ? 14.881  9.978   4.925   1.00 24.11 ? 1380 ILE B CA  1 
ATOM   791  C C   . ILE B 1 19 ? 14.246  11.316  4.561   1.00 25.27 ? 1380 ILE B C   1 
ATOM   792  O O   . ILE B 1 19 ? 13.577  11.959  5.375   1.00 26.53 ? 1380 ILE B O   1 
ATOM   793  C CB  . ILE B 1 19 ? 14.026  8.810   4.382   1.00 28.95 ? 1380 ILE B CB  1 
ATOM   794  C CG1 . ILE B 1 19 ? 12.639  8.781   5.026   1.00 26.17 ? 1380 ILE B CG1 1 
ATOM   795  C CG2 . ILE B 1 19 ? 14.741  7.492   4.579   1.00 30.30 ? 1380 ILE B CG2 1 
ATOM   796  C CD1 . ILE B 1 19 ? 11.767  7.611   4.525   1.00 26.78 ? 1380 ILE B CD1 1 
ATOM   797  N N   . SER B 1 20 ? 14.490  11.743  3.330   1.00 23.61 ? 1381 SER B N   1 
ATOM   798  C CA  . SER B 1 20 ? 13.846  12.911  2.755   1.00 23.62 ? 1381 SER B CA  1 
ATOM   799  C C   . SER B 1 20 ? 12.922  12.425  1.649   1.00 25.42 ? 1381 SER B C   1 
ATOM   800  O O   . SER B 1 20 ? 13.339  11.630  0.798   1.00 30.67 ? 1381 SER B O   1 
ATOM   801  C CB  . SER B 1 20 ? 14.892  13.894  2.224   1.00 26.68 ? 1381 SER B CB  1 
ATOM   802  O OG  . SER B 1 20 ? 15.840  14.210  3.238   1.00 27.43 ? 1381 SER B OG  1 
ATOM   803  N N   . VAL B 1 21 ? 11.667  12.868  1.670   1.00 22.35 ? 1382 VAL B N   1 
ATOM   804  C CA  . VAL B 1 21 ? 10.670  12.275  0.788   1.00 23.13 ? 1382 VAL B CA  1 
ATOM   805  C C   . VAL B 1 21 ? 10.083  13.333  -0.126  1.00 25.58 ? 1382 VAL B C   1 
ATOM   806  O O   . VAL B 1 21 ? 9.966   14.514  0.228   1.00 20.12 ? 1382 VAL B O   1 
ATOM   807  C CB  . VAL B 1 21 ? 9.539   11.559  1.566   1.00 19.62 ? 1382 VAL B CB  1 
ATOM   808  C CG1 . VAL B 1 21 ? 10.100  10.344  2.302   1.00 20.01 ? 1382 VAL B CG1 1 
ATOM   809  C CG2 . VAL B 1 21 ? 8.844   12.526  2.515   1.00 22.58 ? 1382 VAL B CG2 1 
ATOM   810  N N   . THR B 1 22 ? 9.696   12.884  -1.316  1.00 23.85 ? 1383 THR B N   1 
ATOM   811  C CA  . THR B 1 22 ? 9.017   13.725  -2.283  1.00 22.01 ? 1383 THR B CA  1 
ATOM   812  C C   . THR B 1 22 ? 7.682   13.083  -2.654  1.00 21.32 ? 1383 THR B C   1 
ATOM   813  O O   . THR B 1 22 ? 7.481   11.883  -2.479  1.00 20.89 ? 1383 THR B O   1 
ATOM   814  C CB  . THR B 1 22 ? 9.909   13.934  -3.514  1.00 25.00 ? 1383 THR B CB  1 
ATOM   815  O OG1 . THR B 1 22 ? 9.420   15.037  -4.284  1.00 37.89 ? 1383 THR B OG1 1 
ATOM   816  C CG2 . THR B 1 22 ? 9.962   12.674  -4.376  1.00 22.39 ? 1383 THR B CG2 1 
ATOM   817  N N   . GLY B 1 23 ? 6.747   13.887  -3.123  1.00 20.21 ? 1384 GLY B N   1 
ATOM   818  C CA  . GLY B 1 23 ? 5.556   13.334  -3.741  1.00 22.66 ? 1384 GLY B CA  1 
ATOM   819  C C   . GLY B 1 23 ? 4.302   13.522  -2.910  1.00 23.86 ? 1384 GLY B C   1 
ATOM   820  O O   . GLY B 1 23 ? 4.278   14.229  -1.896  1.00 23.54 ? 1384 GLY B O   1 
ATOM   821  N N   . GLY B 1 24 ? 3.241   12.860  -3.364  1.00 21.37 ? 1385 GLY B N   1 
ATOM   822  C CA  . GLY B 1 24 ? 1.895   13.072  -2.857  1.00 25.93 ? 1385 GLY B CA  1 
ATOM   823  C C   . GLY B 1 24 ? 0.940   13.261  -4.023  1.00 27.24 ? 1385 GLY B C   1 
ATOM   824  O O   . GLY B 1 24 ? 1.334   13.703  -5.111  1.00 25.69 ? 1385 GLY B O   1 
ATOM   825  N N   . VAL B 1 25 ? -0.338  12.948  -3.793  1.00 24.93 ? 1386 VAL B N   1 
ATOM   826  C CA  . VAL B 1 25 ? -1.339  13.056  -4.857  1.00 23.48 ? 1386 VAL B CA  1 
ATOM   827  C C   . VAL B 1 25 ? -1.536  14.483  -5.336  1.00 26.41 ? 1386 VAL B C   1 
ATOM   828  O O   . VAL B 1 25 ? -2.061  14.700  -6.437  1.00 29.96 ? 1386 VAL B O   1 
ATOM   829  C CB  . VAL B 1 25 ? -2.677  12.467  -4.394  1.00 18.75 ? 1386 VAL B CB  1 
ATOM   830  C CG1 . VAL B 1 25 ? -2.492  11.023  -3.976  1.00 22.88 ? 1386 VAL B CG1 1 
ATOM   831  C CG2 . VAL B 1 25 ? -3.261  13.307  -3.273  1.00 26.47 ? 1386 VAL B CG2 1 
ATOM   832  N N   . ASN B 1 26 ? -1.148  15.470  -4.542  1.00 25.10 ? 1387 ASN B N   1 
ATOM   833  C CA  . ASN B 1 26 ? -1.253  16.856  -4.961  1.00 27.38 ? 1387 ASN B CA  1 
ATOM   834  C C   . ASN B 1 26 ? 0.028   17.373  -5.607  1.00 26.99 ? 1387 ASN B C   1 
ATOM   835  O O   . ASN B 1 26 ? 0.156   18.584  -5.809  1.00 28.86 ? 1387 ASN B O   1 
ATOM   836  C CB  . ASN B 1 26 ? -1.631  17.735  -3.773  1.00 26.30 ? 1387 ASN B CB  1 
ATOM   837  C CG  . ASN B 1 26 ? -0.618  17.647  -2.649  1.00 27.46 ? 1387 ASN B CG  1 
ATOM   838  O OD1 . ASN B 1 26 ? -0.014  16.588  -2.416  1.00 19.85 ? 1387 ASN B OD1 1 
ATOM   839  N ND2 . ASN B 1 26 ? -0.408  18.762  -1.959  1.00 21.96 ? 1387 ASN B ND2 1 
ATOM   840  N N   . THR B 1 27 ? 0.972   16.495  -5.935  1.00 25.74 ? 1388 THR B N   1 
ATOM   841  C CA  . THR B 1 27 ? 2.244   16.894  -6.526  1.00 25.18 ? 1388 THR B CA  1 
ATOM   842  C C   . THR B 1 27 ? 2.370   16.331  -7.937  1.00 29.47 ? 1388 THR B C   1 
ATOM   843  O O   . THR B 1 27 ? 1.559   15.515  -8.382  1.00 25.89 ? 1388 THR B O   1 
ATOM   844  C CB  . THR B 1 27 ? 3.429   16.421  -5.671  1.00 22.53 ? 1388 THR B CB  1 
ATOM   845  O OG1 . THR B 1 27 ? 3.595   15.011  -5.831  1.00 22.17 ? 1388 THR B OG1 1 
ATOM   846  C CG2 . THR B 1 27 ? 3.181   16.725  -4.189  1.00 24.42 ? 1388 THR B CG2 1 
ATOM   847  N N   . SER B 1 28 ? 3.423   16.760  -8.639  1.00 25.07 ? 1389 SER B N   1 
ATOM   848  C CA  . SER B 1 28 ? 3.708   16.287  -9.988  1.00 26.30 ? 1389 SER B CA  1 
ATOM   849  C C   . SER B 1 28 ? 4.630   15.077  -10.010 1.00 30.84 ? 1389 SER B C   1 
ATOM   850  O O   . SER B 1 28 ? 5.085   14.679  -11.091 1.00 29.28 ? 1389 SER B O   1 
ATOM   851  C CB  . SER B 1 28 ? 4.312   17.422  -10.817 1.00 31.74 ? 1389 SER B CB  1 
ATOM   852  O OG  . SER B 1 28 ? 3.368   18.480  -10.935 1.00 33.67 ? 1389 SER B OG  1 
ATOM   853  N N   . VAL B 1 29 ? 4.903   14.472  -8.851  1.00 26.82 ? 1390 VAL B N   1 
ATOM   854  C CA  . VAL B 1 29 ? 5.740   13.279  -8.800  1.00 24.20 ? 1390 VAL B CA  1 
ATOM   855  C C   . VAL B 1 29 ? 4.987   12.101  -9.396  1.00 23.98 ? 1390 VAL B C   1 
ATOM   856  O O   . VAL B 1 29 ? 3.770   11.962  -9.199  1.00 25.91 ? 1390 VAL B O   1 
ATOM   857  C CB  . VAL B 1 29 ? 6.164   12.997  -7.348  1.00 27.16 ? 1390 VAL B CB  1 
ATOM   858  C CG1 . VAL B 1 29 ? 6.802   11.620  -7.217  1.00 24.45 ? 1390 VAL B CG1 1 
ATOM   859  C CG2 . VAL B 1 29 ? 7.132   14.075  -6.879  1.00 34.02 ? 1390 VAL B CG2 1 
ATOM   860  N N   . ARG B 1 30 ? 5.713   11.237  -10.120 1.00 22.41 ? 1391 ARG B N   1 
ATOM   861  C CA  . ARG B 1 30 ? 5.122   10.093  -10.807 1.00 26.41 ? 1391 ARG B CA  1 
ATOM   862  C C   . ARG B 1 30 ? 4.138   9.342   -9.917  1.00 25.25 ? 1391 ARG B C   1 
ATOM   863  O O   . ARG B 1 30 ? 4.398   9.115   -8.735  1.00 25.07 ? 1391 ARG B O   1 
ATOM   864  C CB  . ARG B 1 30 ? 6.223   9.131   -11.279 1.00 31.43 ? 1391 ARG B CB  1 
ATOM   865  C CG  . ARG B 1 30 ? 7.160   8.640   -10.198 1.00 29.55 ? 1391 ARG B CG  1 
ATOM   866  C CD  . ARG B 1 30 ? 8.413   8.005   -10.837 1.00 36.70 ? 1391 ARG B CD  1 
ATOM   867  N NE  . ARG B 1 30 ? 9.418   7.602   -9.851  1.00 39.81 ? 1391 ARG B NE  1 
ATOM   868  C CZ  . ARG B 1 30 ? 10.324  8.418   -9.310  1.00 40.95 ? 1391 ARG B CZ  1 
ATOM   869  N NH1 . ARG B 1 30 ? 10.361  9.704   -9.650  1.00 39.67 ? 1391 ARG B NH1 1 
ATOM   870  N NH2 . ARG B 1 30 ? 11.192  7.948   -8.418  1.00 38.36 ? 1391 ARG B NH2 1 
ATOM   871  N N   . HIS B 1 31 ? 2.992   8.986   -10.499 1.00 23.43 ? 1392 HIS B N   1 
ATOM   872  C CA  . HIS B 1 31 ? 1.922   8.239   -9.836  1.00 27.52 ? 1392 HIS B CA  1 
ATOM   873  C C   . HIS B 1 31 ? 1.315   8.936   -8.627  1.00 27.08 ? 1392 HIS B C   1 
ATOM   874  O O   . HIS B 1 31 ? 0.380   8.409   -8.010  1.00 30.96 ? 1392 HIS B O   1 
ATOM   875  C CB  . HIS B 1 31 ? 2.423   6.861   -9.407  1.00 27.54 ? 1392 HIS B CB  1 
ATOM   876  C CG  . HIS B 1 31 ? 3.113   6.109   -10.500 1.00 30.42 ? 1392 HIS B CG  1 
ATOM   877  N ND1 . HIS B 1 31 ? 2.531   5.886   -11.730 1.00 31.58 ? 1392 HIS B ND1 1 
ATOM   878  C CD2 . HIS B 1 31 ? 4.338   5.532   -10.552 1.00 33.95 ? 1392 HIS B CD2 1 
ATOM   879  C CE1 . HIS B 1 31 ? 3.363   5.196   -12.490 1.00 35.50 ? 1392 HIS B CE1 1 
ATOM   880  N NE2 . HIS B 1 31 ? 4.467   4.968   -11.800 1.00 42.79 ? 1392 HIS B NE2 1 
ATOM   881  N N   . GLY B 1 32 ? 1.821   10.112  -8.271  1.00 25.50 ? 1393 GLY B N   1 
ATOM   882  C CA  . GLY B 1 32 ? 1.383   10.720  -7.035  1.00 24.84 ? 1393 GLY B CA  1 
ATOM   883  C C   . GLY B 1 32 ? 1.908   10.021  -5.803  1.00 26.06 ? 1393 GLY B C   1 
ATOM   884  O O   . GLY B 1 32 ? 1.372   10.218  -4.713  1.00 23.33 ? 1393 GLY B O   1 
ATOM   885  N N   . GLY B 1 33 ? 2.955   9.203   -5.946  1.00 26.42 ? 1394 GLY B N   1 
ATOM   886  C CA  . GLY B 1 33 ? 3.431   8.387   -4.851  1.00 26.69 ? 1394 GLY B CA  1 
ATOM   887  C C   . GLY B 1 33 ? 4.428   9.117   -3.964  1.00 23.30 ? 1394 GLY B C   1 
ATOM   888  O O   . GLY B 1 33 ? 4.784   10.269  -4.193  1.00 22.61 ? 1394 GLY B O   1 
ATOM   889  N N   . ILE B 1 34 ? 4.863   8.412   -2.919  1.00 21.75 ? 1395 ILE B N   1 
ATOM   890  C CA  . ILE B 1 34 ? 5.829   8.911   -1.945  1.00 23.44 ? 1395 ILE B CA  1 
ATOM   891  C C   . ILE B 1 34 ? 7.134   8.182   -2.207  1.00 21.22 ? 1395 ILE B C   1 
ATOM   892  O O   . ILE B 1 34 ? 7.164   6.945   -2.213  1.00 22.03 ? 1395 ILE B O   1 
ATOM   893  C CB  . ILE B 1 34 ? 5.346   8.684   -0.503  1.00 20.86 ? 1395 ILE B CB  1 
ATOM   894  C CG1 . ILE B 1 34 ? 3.880   9.113   -0.354  1.00 23.66 ? 1395 ILE B CG1 1 
ATOM   895  C CG2 . ILE B 1 34 ? 6.220   9.431   0.478   1.00 18.71 ? 1395 ILE B CG2 1 
ATOM   896  C CD1 . ILE B 1 34 ? 3.644   10.565  -0.677  1.00 21.47 ? 1395 ILE B CD1 1 
ATOM   897  N N   . TYR B 1 35 ? 8.210   8.938   -2.438  1.00 22.69 ? 1396 TYR B N   1 
ATOM   898  C CA  . TYR B 1 35 ? 9.485   8.350   -2.826  1.00 24.57 ? 1396 TYR B CA  1 
ATOM   899  C C   . TYR B 1 35 ? 10.616  8.853   -1.938  1.00 21.07 ? 1396 TYR B C   1 
ATOM   900  O O   . TYR B 1 35 ? 10.624  10.006  -1.507  1.00 23.00 ? 1396 TYR B O   1 
ATOM   901  C CB  . TYR B 1 35 ? 9.811   8.666   -4.298  1.00 24.30 ? 1396 TYR B CB  1 
ATOM   902  C CG  . TYR B 1 35 ? 8.932   7.933   -5.283  1.00 26.44 ? 1396 TYR B CG  1 
ATOM   903  C CD1 . TYR B 1 35 ? 9.303   6.687   -5.785  1.00 24.64 ? 1396 TYR B CD1 1 
ATOM   904  C CD2 . TYR B 1 35 ? 7.735   8.489   -5.719  1.00 28.84 ? 1396 TYR B CD2 1 
ATOM   905  C CE1 . TYR B 1 35 ? 8.504   6.008   -6.691  1.00 28.22 ? 1396 TYR B CE1 1 
ATOM   906  C CE2 . TYR B 1 35 ? 6.921   7.811   -6.622  1.00 29.01 ? 1396 TYR B CE2 1 
ATOM   907  C CZ  . TYR B 1 35 ? 7.314   6.578   -7.105  1.00 28.16 ? 1396 TYR B CZ  1 
ATOM   908  O OH  . TYR B 1 35 ? 6.511   5.918   -8.001  1.00 34.55 ? 1396 TYR B OH  1 
ATOM   909  N N   . VAL B 1 36 ? 11.591  7.985   -1.697  1.00 24.23 ? 1397 VAL B N   1 
ATOM   910  C CA  . VAL B 1 36 ? 12.804  8.375   -0.982  1.00 26.69 ? 1397 VAL B CA  1 
ATOM   911  C C   . VAL B 1 36 ? 13.671  9.189   -1.939  1.00 26.31 ? 1397 VAL B C   1 
ATOM   912  O O   . VAL B 1 36 ? 14.236  8.650   -2.893  1.00 27.76 ? 1397 VAL B O   1 
ATOM   913  C CB  . VAL B 1 36 ? 13.561  7.156   -0.449  1.00 26.60 ? 1397 VAL B CB  1 
ATOM   914  C CG1 . VAL B 1 36 ? 14.818  7.597   0.272   1.00 29.06 ? 1397 VAL B CG1 1 
ATOM   915  C CG2 . VAL B 1 36 ? 12.666  6.335   0.479   1.00 28.72 ? 1397 VAL B CG2 1 
ATOM   916  N N   . LYS B 1 37 ? 13.752  10.496  -1.710  1.00 25.69 ? 1398 LYS B N   1 
ATOM   917  C CA  . LYS B 1 37 ? 14.686  11.313  -2.480  1.00 30.42 ? 1398 LYS B CA  1 
ATOM   918  C C   . LYS B 1 37 ? 16.116  11.150  -1.974  1.00 28.77 ? 1398 LYS B C   1 
ATOM   919  O O   . LYS B 1 37 ? 17.063  11.211  -2.763  1.00 32.20 ? 1398 LYS B O   1 
ATOM   920  C CB  . LYS B 1 37 ? 14.263  12.785  -2.424  1.00 31.73 ? 1398 LYS B CB  1 
ATOM   921  C CG  . LYS B 1 37 ? 15.273  13.779  -2.999  1.00 37.78 ? 1398 LYS B CG  1 
ATOM   922  C CD  . LYS B 1 37 ? 15.400  13.636  -4.508  1.00 42.10 ? 1398 LYS B CD  1 
ATOM   923  C CE  . LYS B 1 37 ? 16.639  14.371  -5.037  1.00 48.87 ? 1398 LYS B CE  1 
ATOM   924  N NZ  . LYS B 1 37 ? 17.112  13.805  -6.342  1.00 45.02 ? 1398 LYS B NZ  1 
ATOM   925  N N   . ALA B 1 38 ? 16.290  10.930  -0.676  1.00 27.24 ? 1399 ALA B N   1 
ATOM   926  C CA  . ALA B 1 38 ? 17.625  10.775  -0.117  1.00 29.17 ? 1399 ALA B CA  1 
ATOM   927  C C   . ALA B 1 38 ? 17.535  10.005  1.189   1.00 27.63 ? 1399 ALA B C   1 
ATOM   928  O O   . ALA B 1 38 ? 16.550  10.109  1.927   1.00 26.39 ? 1399 ALA B O   1 
ATOM   929  C CB  . ALA B 1 38 ? 18.302  12.131  0.128   1.00 29.31 ? 1399 ALA B CB  1 
ATOM   930  N N   . VAL B 1 39 ? 18.577  9.233   1.457   1.00 31.46 ? 1400 VAL B N   1 
ATOM   931  C CA  . VAL B 1 39 ? 18.822  8.650   2.766   1.00 28.27 ? 1400 VAL B CA  1 
ATOM   932  C C   . VAL B 1 39 ? 19.809  9.569   3.476   1.00 29.73 ? 1400 VAL B C   1 
ATOM   933  O O   . VAL B 1 39 ? 20.908  9.818   2.972   1.00 27.12 ? 1400 VAL B O   1 
ATOM   934  C CB  . VAL B 1 39 ? 19.358  7.216   2.645   1.00 32.85 ? 1400 VAL B CB  1 
ATOM   935  C CG1 . VAL B 1 39 ? 19.435  6.568   4.016   1.00 33.79 ? 1400 VAL B CG1 1 
ATOM   936  C CG2 . VAL B 1 39 ? 18.452  6.400   1.707   1.00 32.79 ? 1400 VAL B CG2 1 
ATOM   937  N N   . ILE B 1 40 ? 19.414  10.082  4.631   1.00 28.64 ? 1401 ILE B N   1 
ATOM   938  C CA  . ILE B 1 40 ? 20.145  11.180  5.269   1.00 31.73 ? 1401 ILE B CA  1 
ATOM   939  C C   . ILE B 1 40 ? 21.369  10.614  5.979   1.00 31.70 ? 1401 ILE B C   1 
ATOM   940  O O   . ILE B 1 40 ? 21.236  9.648   6.753   1.00 32.04 ? 1401 ILE B O   1 
ATOM   941  C CB  . ILE B 1 40 ? 19.239  11.932  6.243   1.00 28.41 ? 1401 ILE B CB  1 
ATOM   942  C CG1 . ILE B 1 40 ? 18.047  12.531  5.492   1.00 27.77 ? 1401 ILE B CG1 1 
ATOM   943  C CG2 . ILE B 1 40 ? 20.013  13.036  6.961   1.00 30.49 ? 1401 ILE B CG2 1 
ATOM   944  C CD1 . ILE B 1 40 ? 17.090  13.287  6.368   1.00 32.62 ? 1401 ILE B CD1 1 
ATOM   945  N N   . PRO B 1 41 ? 22.559  11.163  5.743   1.00 33.56 ? 1402 PRO B N   1 
ATOM   946  C CA  . PRO B 1 41 ? 23.746  10.687  6.472   1.00 33.67 ? 1402 PRO B CA  1 
ATOM   947  C C   . PRO B 1 41 ? 23.551  10.847  7.971   1.00 32.77 ? 1402 PRO B C   1 
ATOM   948  O O   . PRO B 1 41 ? 22.898  11.785  8.435   1.00 29.51 ? 1402 PRO B O   1 
ATOM   949  C CB  . PRO B 1 41 ? 24.876  11.585  5.951   1.00 28.82 ? 1402 PRO B CB  1 
ATOM   950  C CG  . PRO B 1 41 ? 24.393  12.049  4.595   1.00 35.23 ? 1402 PRO B CG  1 
ATOM   951  C CD  . PRO B 1 41 ? 22.888  12.183  4.735   1.00 29.26 ? 1402 PRO B CD  1 
ATOM   952  N N   . GLN B 1 42 ? 24.090  9.880   8.724   1.00 30.02 ? 1403 GLN B N   1 
ATOM   953  C CA  . GLN B 1 42 ? 24.090  9.860   10.187  1.00 31.60 ? 1403 GLN B CA  1 
ATOM   954  C C   . GLN B 1 42 ? 22.709  9.591   10.784  1.00 37.88 ? 1403 GLN B C   1 
ATOM   955  O O   . GLN B 1 42 ? 22.493  9.846   11.978  1.00 40.46 ? 1403 GLN B O   1 
ATOM   956  C CB  . GLN B 1 42 ? 24.673  11.163  10.771  1.00 36.92 ? 1403 GLN B CB  1 
ATOM   957  C CG  . GLN B 1 42 ? 25.990  11.580  10.129  1.00 32.65 ? 1403 GLN B CG  1 
ATOM   958  C CD  . GLN B 1 42 ? 26.437  13.001  10.475  1.00 36.99 ? 1403 GLN B CD  1 
ATOM   959  O OE1 . GLN B 1 42 ? 25.634  13.867  10.827  1.00 38.63 ? 1403 GLN B OE1 1 
ATOM   960  N NE2 . GLN B 1 42 ? 27.739  13.240  10.364  1.00 33.06 ? 1403 GLN B NE2 1 
ATOM   961  N N   . GLY B 1 43 ? 21.769  9.057   9.997   1.00 36.11 ? 1404 GLY B N   1 
ATOM   962  C CA  . GLY B 1 43 ? 20.426  8.781   10.460  1.00 32.45 ? 1404 GLY B CA  1 
ATOM   963  C C   . GLY B 1 43 ? 20.114  7.290   10.544  1.00 33.89 ? 1404 GLY B C   1 
ATOM   964  O O   . GLY B 1 43 ? 20.870  6.430   10.092  1.00 32.11 ? 1404 GLY B O   1 
ATOM   965  N N   . ALA B 1 44 ? 18.939  7.002   11.116  1.00 37.31 ? 1405 ALA B N   1 
ATOM   966  C CA  . ALA B 1 44 ? 18.555  5.617   11.383  1.00 32.51 ? 1405 ALA B CA  1 
ATOM   967  C C   . ALA B 1 44 ? 18.389  4.811   10.100  1.00 34.23 ? 1405 ALA B C   1 
ATOM   968  O O   . ALA B 1 44 ? 18.800  3.648   10.040  1.00 37.85 ? 1405 ALA B O   1 
ATOM   969  C CB  . ALA B 1 44 ? 17.266  5.585   12.198  1.00 35.90 ? 1405 ALA B CB  1 
ATOM   970  N N   . ALA B 1 45 ? 17.766  5.395   9.070   1.00 30.09 ? 1406 ALA B N   1 
ATOM   971  C CA  . ALA B 1 45 ? 17.624  4.665   7.810   1.00 34.18 ? 1406 ALA B CA  1 
ATOM   972  C C   . ALA B 1 45 ? 18.978  4.394   7.158   1.00 35.17 ? 1406 ALA B C   1 
ATOM   973  O O   . ALA B 1 45 ? 19.155  3.358   6.506   1.00 35.02 ? 1406 ALA B O   1 
ATOM   974  C CB  . ALA B 1 45 ? 16.714  5.430   6.843   1.00 29.22 ? 1406 ALA B CB  1 
ATOM   975  N N   . GLU B 1 46 ? 19.938  5.318   7.303   1.00 39.29 ? 1407 GLU B N   1 
ATOM   976  C CA  . GLU B 1 46 ? 21.269  5.090   6.736   1.00 40.05 ? 1407 GLU B CA  1 
ATOM   977  C C   . GLU B 1 46 ? 21.988  3.972   7.469   1.00 37.04 ? 1407 GLU B C   1 
ATOM   978  O O   . GLU B 1 46 ? 22.636  3.125   6.841   1.00 41.86 ? 1407 GLU B O   1 
ATOM   979  C CB  . GLU B 1 46 ? 22.104  6.370   6.782   1.00 39.30 ? 1407 GLU B CB  1 
ATOM   980  C CG  . GLU B 1 46 ? 23.534  6.173   6.290   1.00 38.41 ? 1407 GLU B CG  1 
ATOM   981  C CD  . GLU B 1 46 ? 23.712  6.573   4.843   1.00 43.77 ? 1407 GLU B CD  1 
ATOM   982  O OE1 . GLU B 1 46 ? 23.273  7.690   4.479   1.00 46.48 ? 1407 GLU B OE1 1 
ATOM   983  O OE2 . GLU B 1 46 ? 24.291  5.776   4.065   1.00 48.12 ? 1407 GLU B OE2 1 
ATOM   984  N N   . SER B 1 47 ? 21.881  3.953   8.798   1.00 37.97 ? 1408 SER B N   1 
ATOM   985  C CA  . SER B 1 47 ? 22.449  2.869   9.588   1.00 41.63 ? 1408 SER B CA  1 
ATOM   986  C C   . SER B 1 47 ? 21.754  1.532   9.340   1.00 46.62 ? 1408 SER B C   1 
ATOM   987  O O   . SER B 1 47 ? 22.347  0.481   9.612   1.00 51.24 ? 1408 SER B O   1 
ATOM   988  C CB  . SER B 1 47 ? 22.386  3.227   11.070  1.00 39.57 ? 1408 SER B CB  1 
ATOM   989  O OG  . SER B 1 47 ? 22.736  2.113   11.872  1.00 43.77 ? 1408 SER B OG  1 
ATOM   990  N N   . ASP B 1 48 ? 20.518  1.535   8.836   1.00 42.52 ? 1409 ASP B N   1 
ATOM   991  C CA  . ASP B 1 48 ? 19.827  0.268   8.620   1.00 41.21 ? 1409 ASP B CA  1 
ATOM   992  C C   . ASP B 1 48 ? 20.248  -0.387  7.307   1.00 36.51 ? 1409 ASP B C   1 
ATOM   993  O O   . ASP B 1 48 ? 20.360  -1.614  7.234   1.00 44.02 ? 1409 ASP B O   1 
ATOM   994  C CB  . ASP B 1 48 ? 18.314  0.485   8.674   1.00 40.10 ? 1409 ASP B CB  1 
ATOM   995  C CG  . ASP B 1 48 ? 17.533  -0.770  8.351   1.00 46.26 ? 1409 ASP B CG  1 
ATOM   996  O OD1 . ASP B 1 48 ? 17.271  -1.579  9.271   1.00 46.85 ? 1409 ASP B OD1 1 
ATOM   997  O OD2 . ASP B 1 48 ? 17.182  -0.947  7.164   1.00 45.15 ? 1409 ASP B OD2 1 
ATOM   998  N N   . GLY B 1 49 ? 20.473  0.401   6.260   1.00 38.02 ? 1410 GLY B N   1 
ATOM   999  C CA  . GLY B 1 49 ? 21.050  -0.109  5.031   1.00 35.47 ? 1410 GLY B CA  1 
ATOM   1000 C C   . GLY B 1 49 ? 20.103  -0.799  4.073   1.00 40.38 ? 1410 GLY B C   1 
ATOM   1001 O O   . GLY B 1 49 ? 20.567  -1.357  3.069   1.00 39.43 ? 1410 GLY B O   1 
ATOM   1002 N N   . ARG B 1 50 ? 18.795  -0.800  4.341   1.00 41.11 ? 1411 ARG B N   1 
ATOM   1003 C CA  . ARG B 1 50 ? 17.851  -1.508  3.482   1.00 37.13 ? 1411 ARG B CA  1 
ATOM   1004 C C   . ARG B 1 50 ? 16.973  -0.592  2.641   1.00 39.73 ? 1411 ARG B C   1 
ATOM   1005 O O   . ARG B 1 50 ? 16.453  -1.038  1.613   1.00 36.60 ? 1411 ARG B O   1 
ATOM   1006 C CB  . ARG B 1 50 ? 16.958  -2.435  4.319   1.00 39.88 ? 1411 ARG B CB  1 
ATOM   1007 C CG  . ARG B 1 50 ? 17.740  -3.490  5.096   1.00 44.60 ? 1411 ARG B CG  1 
ATOM   1008 C CD  . ARG B 1 50 ? 16.883  -4.714  5.446   1.00 42.71 ? 1411 ARG B CD  1 
ATOM   1009 N NE  . ARG B 1 50 ? 15.874  -4.438  6.473   1.00 49.22 ? 1411 ARG B NE  1 
ATOM   1010 C CZ  . ARG B 1 50 ? 16.134  -4.079  7.735   1.00 52.32 ? 1411 ARG B CZ  1 
ATOM   1011 N NH1 . ARG B 1 50 ? 17.384  -3.957  8.164   1.00 56.93 ? 1411 ARG B NH1 1 
ATOM   1012 N NH2 . ARG B 1 50 ? 15.135  -3.846  8.585   1.00 47.86 ? 1411 ARG B NH2 1 
ATOM   1013 N N   . ILE B 1 51 ? 16.810  0.670   3.043   1.00 39.21 ? 1412 ILE B N   1 
ATOM   1014 C CA  . ILE B 1 51 ? 16.101  1.682   2.267   1.00 33.55 ? 1412 ILE B CA  1 
ATOM   1015 C C   . ILE B 1 51 ? 17.114  2.464   1.442   1.00 35.87 ? 1412 ILE B C   1 
ATOM   1016 O O   . ILE B 1 51 ? 18.216  2.765   1.915   1.00 38.49 ? 1412 ILE B O   1 
ATOM   1017 C CB  . ILE B 1 51 ? 15.302  2.619   3.194   1.00 35.82 ? 1412 ILE B CB  1 
ATOM   1018 C CG1 . ILE B 1 51 ? 14.257  1.830   3.988   1.00 32.48 ? 1412 ILE B CG1 1 
ATOM   1019 C CG2 . ILE B 1 51 ? 14.664  3.761   2.408   1.00 32.92 ? 1412 ILE B CG2 1 
ATOM   1020 C CD1 . ILE B 1 51 ? 13.526  2.682   5.018   1.00 33.22 ? 1412 ILE B CD1 1 
ATOM   1021 N N   . HIS B 1 52 ? 16.745  2.806   0.214   1.00 33.26 ? 1413 HIS B N   1 
ATOM   1022 C CA  . HIS B 1 52 ? 17.628  3.543   -0.670  1.00 31.90 ? 1413 HIS B CA  1 
ATOM   1023 C C   . HIS B 1 52 ? 16.807  4.535   -1.477  1.00 33.77 ? 1413 HIS B C   1 
ATOM   1024 O O   . HIS B 1 52 ? 15.586  4.409   -1.601  1.00 33.10 ? 1413 HIS B O   1 
ATOM   1025 C CB  . HIS B 1 52 ? 18.414  2.594   -1.596  1.00 36.49 ? 1413 HIS B CB  1 
ATOM   1026 C CG  . HIS B 1 52 ? 19.200  1.559   -0.855  1.00 35.90 ? 1413 HIS B CG  1 
ATOM   1027 N ND1 . HIS B 1 52 ? 18.658  0.354   -0.464  1.00 39.43 ? 1413 HIS B ND1 1 
ATOM   1028 C CD2 . HIS B 1 52 ? 20.475  1.567   -0.394  1.00 40.22 ? 1413 HIS B CD2 1 
ATOM   1029 C CE1 . HIS B 1 52 ? 19.570  -0.343  0.193   1.00 39.24 ? 1413 HIS B CE1 1 
ATOM   1030 N NE2 . HIS B 1 52 ? 20.680  0.370   0.251   1.00 41.54 ? 1413 HIS B NE2 1 
ATOM   1031 N N   . LYS B 1 53 ? 17.494  5.541   -2.004  1.00 26.97 ? 1414 LYS B N   1 
ATOM   1032 C CA  . LYS B 1 53 ? 16.860  6.511   -2.888  1.00 32.12 ? 1414 LYS B CA  1 
ATOM   1033 C C   . LYS B 1 53 ? 16.154  5.810   -4.051  1.00 29.48 ? 1414 LYS B C   1 
ATOM   1034 O O   . LYS B 1 53 ? 16.645  4.818   -4.592  1.00 27.39 ? 1414 LYS B O   1 
ATOM   1035 C CB  . LYS B 1 53 ? 17.935  7.480   -3.395  1.00 33.70 ? 1414 LYS B CB  1 
ATOM   1036 C CG  . LYS B 1 53 ? 17.498  8.483   -4.445  1.00 33.59 ? 1414 LYS B CG  1 
ATOM   1037 C CD  . LYS B 1 53 ? 18.715  9.274   -4.926  1.00 36.47 ? 1414 LYS B CD  1 
ATOM   1038 C CE  . LYS B 1 53 ? 18.322  10.526  -5.703  1.00 45.25 ? 1414 LYS B CE  1 
ATOM   1039 N NZ  . LYS B 1 53 ? 18.039  10.235  -7.142  1.00 47.62 ? 1414 LYS B NZ  1 
ATOM   1040 N N   . GLY B 1 54 ? 14.986  6.327   -4.434  1.00 27.86 ? 1415 GLY B N   1 
ATOM   1041 C CA  . GLY B 1 54 ? 14.176  5.719   -5.468  1.00 27.17 ? 1415 GLY B CA  1 
ATOM   1042 C C   . GLY B 1 54 ? 13.142  4.722   -4.972  1.00 27.76 ? 1415 GLY B C   1 
ATOM   1043 O O   . GLY B 1 54 ? 12.235  4.366   -5.730  1.00 26.79 ? 1415 GLY B O   1 
ATOM   1044 N N   . ASP B 1 55 ? 13.261  4.258   -3.731  1.00 28.18 ? 1416 ASP B N   1 
ATOM   1045 C CA  . ASP B 1 55 ? 12.234  3.415   -3.127  1.00 30.41 ? 1416 ASP B CA  1 
ATOM   1046 C C   . ASP B 1 55 ? 10.939  4.190   -2.909  1.00 25.42 ? 1416 ASP B C   1 
ATOM   1047 O O   . ASP B 1 55 ? 10.954  5.353   -2.493  1.00 24.27 ? 1416 ASP B O   1 
ATOM   1048 C CB  . ASP B 1 55 ? 12.721  2.871   -1.787  1.00 30.35 ? 1416 ASP B CB  1 
ATOM   1049 C CG  . ASP B 1 55 ? 13.744  1.767   -1.936  1.00 33.75 ? 1416 ASP B CG  1 
ATOM   1050 O OD1 . ASP B 1 55 ? 13.965  1.298   -3.071  1.00 33.96 ? 1416 ASP B OD1 1 
ATOM   1051 O OD2 . ASP B 1 55 ? 14.325  1.378   -0.905  1.00 37.39 ? 1416 ASP B OD2 1 
ATOM   1052 N N   . ARG B 1 56 ? 9.814   3.523   -3.147  1.00 24.07 ? 1417 ARG B N   1 
ATOM   1053 C CA  . ARG B 1 56 ? 8.490   4.110   -2.960  1.00 27.98 ? 1417 ARG B CA  1 
ATOM   1054 C C   . ARG B 1 56 ? 7.919   3.675   -1.615  1.00 24.59 ? 1417 ARG B C   1 
ATOM   1055 O O   . ARG B 1 56 ? 7.893   2.482   -1.310  1.00 23.54 ? 1417 ARG B O   1 
ATOM   1056 C CB  . ARG B 1 56 ? 7.542   3.691   -4.088  1.00 27.17 ? 1417 ARG B CB  1 
ATOM   1057 C CG  . ARG B 1 56 ? 6.217   4.447   -4.098  1.00 25.44 ? 1417 ARG B CG  1 
ATOM   1058 C CD  . ARG B 1 56 ? 5.245   3.886   -5.132  1.00 25.54 ? 1417 ARG B CD  1 
ATOM   1059 N NE  . ARG B 1 56 ? 3.933   4.528   -5.027  1.00 27.97 ? 1417 ARG B NE  1 
ATOM   1060 C CZ  . ARG B 1 56 ? 2.957   4.396   -5.930  1.00 32.00 ? 1417 ARG B CZ  1 
ATOM   1061 N NH1 . ARG B 1 56 ? 3.144   3.641   -7.011  1.00 31.89 ? 1417 ARG B NH1 1 
ATOM   1062 N NH2 . ARG B 1 56 ? 1.793   5.014   -5.753  1.00 28.40 ? 1417 ARG B NH2 1 
ATOM   1063 N N   . VAL B 1 57 ? 7.444   4.630   -0.820  1.00 22.07 ? 1418 VAL B N   1 
ATOM   1064 C CA  . VAL B 1 57 ? 6.871   4.312   0.483   1.00 22.20 ? 1418 VAL B CA  1 
ATOM   1065 C C   . VAL B 1 57 ? 5.376   4.083   0.294   1.00 20.72 ? 1418 VAL B C   1 
ATOM   1066 O O   . VAL B 1 57 ? 4.635   5.015   -0.019  1.00 23.59 ? 1418 VAL B O   1 
ATOM   1067 C CB  . VAL B 1 57 ? 7.134   5.418   1.514   1.00 20.50 ? 1418 VAL B CB  1 
ATOM   1068 C CG1 . VAL B 1 57 ? 6.698   4.945   2.888   1.00 16.13 ? 1418 VAL B CG1 1 
ATOM   1069 C CG2 . VAL B 1 57 ? 8.619   5.832   1.503   1.00 23.55 ? 1418 VAL B CG2 1 
ATOM   1070 N N   . LEU B 1 58 ? 4.929   2.850   0.501   1.00 19.07 ? 1419 LEU B N   1 
ATOM   1071 C CA  . LEU B 1 58 ? 3.522   2.510   0.303   1.00 23.05 ? 1419 LEU B CA  1 
ATOM   1072 C C   . LEU B 1 58 ? 2.691   2.619   1.581   1.00 22.67 ? 1419 LEU B C   1 
ATOM   1073 O O   . LEU B 1 58 ? 1.491   2.930   1.509   1.00 17.35 ? 1419 LEU B O   1 
ATOM   1074 C CB  . LEU B 1 58 ? 3.397   1.085   -0.257  1.00 23.05 ? 1419 LEU B CB  1 
ATOM   1075 C CG  . LEU B 1 58 ? 4.259   0.715   -1.478  1.00 25.21 ? 1419 LEU B CG  1 
ATOM   1076 C CD1 . LEU B 1 58 ? 4.237   -0.788  -1.761  1.00 22.01 ? 1419 LEU B CD1 1 
ATOM   1077 C CD2 . LEU B 1 58 ? 3.855   1.482   -2.707  1.00 19.67 ? 1419 LEU B CD2 1 
ATOM   1078 N N   . ALA B 1 59 ? 3.294   2.378   2.748   1.00 18.23 ? 1420 ALA B N   1 
ATOM   1079 C CA  . ALA B 1 59 ? 2.534   2.402   3.991   1.00 20.08 ? 1420 ALA B CA  1 
ATOM   1080 C C   . ALA B 1 59 ? 3.492   2.486   5.164   1.00 22.72 ? 1420 ALA B C   1 
ATOM   1081 O O   . ALA B 1 59 ? 4.671   2.156   5.044   1.00 21.92 ? 1420 ALA B O   1 
ATOM   1082 C CB  . ALA B 1 59 ? 1.645   1.165   4.144   1.00 16.77 ? 1420 ALA B CB  1 
ATOM   1083 N N   . VAL B 1 60 ? 2.960   2.915   6.307   1.00 19.50 ? 1421 VAL B N   1 
ATOM   1084 C CA  . VAL B 1 60 ? 3.718   2.938   7.549   1.00 22.87 ? 1421 VAL B CA  1 
ATOM   1085 C C   . VAL B 1 60 ? 2.795   2.537   8.693   1.00 21.02 ? 1421 VAL B C   1 
ATOM   1086 O O   . VAL B 1 60 ? 1.784   3.203   8.942   1.00 21.04 ? 1421 VAL B O   1 
ATOM   1087 C CB  . VAL B 1 60 ? 4.356   4.310   7.821   1.00 26.87 ? 1421 VAL B CB  1 
ATOM   1088 C CG1 . VAL B 1 60 ? 3.330   5.437   7.671   1.00 25.16 ? 1421 VAL B CG1 1 
ATOM   1089 C CG2 . VAL B 1 60 ? 5.010   4.333   9.206   1.00 27.46 ? 1421 VAL B CG2 1 
ATOM   1090 N N   . ASN B 1 61 ? 3.149   1.450   9.384   1.00 19.34 ? 1422 ASN B N   1 
ATOM   1091 C CA  . ASN B 1 61 ? 2.468   0.997   10.609  1.00 24.40 ? 1422 ASN B CA  1 
ATOM   1092 C C   . ASN B 1 61 ? 0.973   0.791   10.403  1.00 23.51 ? 1422 ASN B C   1 
ATOM   1093 O O   . ASN B 1 61 ? 0.170   1.051   11.311  1.00 24.08 ? 1422 ASN B O   1 
ATOM   1094 C CB  . ASN B 1 61 ? 2.696   1.958   11.780  1.00 24.64 ? 1422 ASN B CB  1 
ATOM   1095 C CG  . ASN B 1 61 ? 4.085   1.842   12.369  1.00 25.26 ? 1422 ASN B CG  1 
ATOM   1096 O OD1 . ASN B 1 61 ? 4.927   1.083   11.878  1.00 27.85 ? 1422 ASN B OD1 1 
ATOM   1097 N ND2 . ASN B 1 61 ? 4.342   2.615   13.411  1.00 25.61 ? 1422 ASN B ND2 1 
ATOM   1098 N N   . GLY B 1 62 ? 0.581   0.341   9.209   1.00 21.83 ? 1423 GLY B N   1 
ATOM   1099 C CA  . GLY B 1 62 ? -0.804  0.023   8.932   1.00 18.09 ? 1423 GLY B CA  1 
ATOM   1100 C C   . GLY B 1 62 ? -1.549  1.058   8.119   1.00 18.38 ? 1423 GLY B C   1 
ATOM   1101 O O   . GLY B 1 62 ? -2.637  0.750   7.611   1.00 18.21 ? 1423 GLY B O   1 
ATOM   1102 N N   . VAL B 1 63 ? -1.020  2.273   7.999   1.00 17.50 ? 1424 VAL B N   1 
ATOM   1103 C CA  . VAL B 1 63 ? -1.681  3.331   7.244   1.00 20.22 ? 1424 VAL B CA  1 
ATOM   1104 C C   . VAL B 1 63 ? -1.136  3.335   5.824   1.00 17.72 ? 1424 VAL B C   1 
ATOM   1105 O O   . VAL B 1 63 ? 0.055   3.582   5.617   1.00 18.30 ? 1424 VAL B O   1 
ATOM   1106 C CB  . VAL B 1 63 ? -1.476  4.706   7.900   1.00 17.89 ? 1424 VAL B CB  1 
ATOM   1107 C CG1 . VAL B 1 63 ? -2.241  5.752   7.118   1.00 17.03 ? 1424 VAL B CG1 1 
ATOM   1108 C CG2 . VAL B 1 63 ? -1.926  4.678   9.349   1.00 17.90 ? 1424 VAL B CG2 1 
ATOM   1109 N N   . SER B 1 64 ? -2.005  3.087   4.842   1.00 15.58 ? 1425 SER B N   1 
ATOM   1110 C CA  . SER B 1 64 ? -1.587  3.206   3.446   1.00 14.95 ? 1425 SER B CA  1 
ATOM   1111 C C   . SER B 1 64 ? -1.456  4.666   3.049   1.00 13.32 ? 1425 SER B C   1 
ATOM   1112 O O   . SER B 1 64 ? -2.288  5.500   3.423   1.00 16.32 ? 1425 SER B O   1 
ATOM   1113 C CB  . SER B 1 64 ? -2.588  2.533   2.519   1.00 17.78 ? 1425 SER B CB  1 
ATOM   1114 O OG  . SER B 1 64 ? -2.198  2.736   1.168   1.00 19.90 ? 1425 SER B OG  1 
ATOM   1115 N N   . LEU B 1 65 ? -0.410  4.979   2.284   1.00 15.99 ? 1426 LEU B N   1 
ATOM   1116 C CA  . LEU B 1 65 ? -0.219  6.330   1.770   1.00 18.97 ? 1426 LEU B CA  1 
ATOM   1117 C C   . LEU B 1 65 ? -0.877  6.537   0.410   1.00 20.64 ? 1426 LEU B C   1 
ATOM   1118 O O   . LEU B 1 65 ? -0.722  7.612   -0.191  1.00 20.17 ? 1426 LEU B O   1 
ATOM   1119 C CB  . LEU B 1 65 ? 1.282   6.673   1.696   1.00 19.94 ? 1426 LEU B CB  1 
ATOM   1120 C CG  . LEU B 1 65 ? 2.050   6.721   3.034   1.00 17.61 ? 1426 LEU B CG  1 
ATOM   1121 C CD1 . LEU B 1 65 ? 3.430   7.361   2.843   1.00 19.33 ? 1426 LEU B CD1 1 
ATOM   1122 C CD2 . LEU B 1 65 ? 1.288   7.474   4.102   1.00 17.92 ? 1426 LEU B CD2 1 
ATOM   1123 N N   . GLU B 1 66 ? -1.600  5.544   -0.099  1.00 18.85 ? 1427 GLU B N   1 
ATOM   1124 C CA  . GLU B 1 66 ? -2.397  5.772   -1.297  1.00 22.03 ? 1427 GLU B CA  1 
ATOM   1125 C C   . GLU B 1 66 ? -3.359  6.915   -1.001  1.00 23.18 ? 1427 GLU B C   1 
ATOM   1126 O O   . GLU B 1 66 ? -3.975  6.970   0.071   1.00 29.38 ? 1427 GLU B O   1 
ATOM   1127 C CB  . GLU B 1 66 ? -3.159  4.499   -1.714  1.00 22.89 ? 1427 GLU B CB  1 
ATOM   1128 C CG  . GLU B 1 66 ? -4.534  4.334   -1.035  1.00 19.36 ? 1427 GLU B CG  1 
ATOM   1129 C CD  . GLU B 1 66 ? -5.435  3.278   -1.658  1.00 24.04 ? 1427 GLU B CD  1 
ATOM   1130 O OE1 . GLU B 1 66 ? -5.497  3.160   -2.917  1.00 20.15 ? 1427 GLU B OE1 1 
ATOM   1131 O OE2 . GLU B 1 66 ? -6.088  2.550   -0.868  1.00 24.33 ? 1427 GLU B OE2 1 
ATOM   1132 N N   . GLY B 1 67 ? -3.410  7.886   -1.890  1.00 23.42 ? 1428 GLY B N   1 
ATOM   1133 C CA  . GLY B 1 67 ? -4.245  9.034   -1.613  1.00 21.97 ? 1428 GLY B CA  1 
ATOM   1134 C C   . GLY B 1 67 ? -3.648  10.104  -0.723  1.00 21.99 ? 1428 GLY B C   1 
ATOM   1135 O O   . GLY B 1 67 ? -4.272  11.163  -0.561  1.00 23.18 ? 1428 GLY B O   1 
ATOM   1136 N N   . ALA B 1 68 ? -2.482  9.882   -0.124  1.00 20.70 ? 1429 ALA B N   1 
ATOM   1137 C CA  . ALA B 1 68 ? -1.926  10.881  0.784   1.00 21.95 ? 1429 ALA B CA  1 
ATOM   1138 C C   . ALA B 1 68 ? -1.371  12.052  -0.008  1.00 19.03 ? 1429 ALA B C   1 
ATOM   1139 O O   . ALA B 1 68 ? -0.604  11.858  -0.957  1.00 19.14 ? 1429 ALA B O   1 
ATOM   1140 C CB  . ALA B 1 68 ? -0.819  10.288  1.655   1.00 19.97 ? 1429 ALA B CB  1 
ATOM   1141 N N   . THR B 1 69 ? -1.780  13.263  0.364   1.00 17.92 ? 1430 THR B N   1 
ATOM   1142 C CA  . THR B 1 69 ? -1.060  14.435  -0.096  1.00 20.31 ? 1430 THR B CA  1 
ATOM   1143 C C   . THR B 1 69 ? 0.342   14.436  0.504   1.00 22.27 ? 1430 THR B C   1 
ATOM   1144 O O   . THR B 1 69 ? 0.680   13.631  1.385   1.00 15.56 ? 1430 THR B O   1 
ATOM   1145 C CB  . THR B 1 69 ? -1.768  15.730  0.302   1.00 20.19 ? 1430 THR B CB  1 
ATOM   1146 O OG1 . THR B 1 69 ? -1.741  15.873  1.735   1.00 16.63 ? 1430 THR B OG1 1 
ATOM   1147 C CG2 . THR B 1 69 ? -3.196  15.768  -0.215  1.00 17.86 ? 1430 THR B CG2 1 
ATOM   1148 N N   . HIS B 1 70 ? 1.160   15.377  0.035   1.00 19.82 ? 1431 HIS B N   1 
ATOM   1149 C CA  . HIS B 1 70 ? 2.510   15.489  0.573   1.00 20.46 ? 1431 HIS B CA  1 
ATOM   1150 C C   . HIS B 1 70 ? 2.490   15.758  2.076   1.00 18.94 ? 1431 HIS B C   1 
ATOM   1151 O O   . HIS B 1 70 ? 3.161   15.063  2.848   1.00 18.42 ? 1431 HIS B O   1 
ATOM   1152 C CB  . HIS B 1 70 ? 3.282   16.587  -0.143  1.00 18.30 ? 1431 HIS B CB  1 
ATOM   1153 C CG  . HIS B 1 70 ? 4.735   16.605  0.209   1.00 17.84 ? 1431 HIS B CG  1 
ATOM   1154 N ND1 . HIS B 1 70 ? 5.646   15.738  -0.358  1.00 19.67 ? 1431 HIS B ND1 1 
ATOM   1155 C CD2 . HIS B 1 70 ? 5.432   17.372  1.079   1.00 21.53 ? 1431 HIS B CD2 1 
ATOM   1156 C CE1 . HIS B 1 70 ? 6.846   15.980  0.142   1.00 20.95 ? 1431 HIS B CE1 1 
ATOM   1157 N NE2 . HIS B 1 70 ? 6.744   16.966  1.016   1.00 22.84 ? 1431 HIS B NE2 1 
ATOM   1158 N N   . LYS B 1 71 ? 1.757   16.789  2.505   1.00 17.28 ? 1432 LYS B N   1 
ATOM   1159 C CA  . LYS B 1 71 ? 1.715   17.111  3.930   1.00 21.11 ? 1432 LYS B CA  1 
ATOM   1160 C C   . LYS B 1 71 ? 1.142   15.950  4.733   1.00 20.11 ? 1432 LYS B C   1 
ATOM   1161 O O   . LYS B 1 71 ? 1.612   15.658  5.843   1.00 18.20 ? 1432 LYS B O   1 
ATOM   1162 C CB  . LYS B 1 71 ? 0.898   18.383  4.182   1.00 19.56 ? 1432 LYS B CB  1 
ATOM   1163 C CG  . LYS B 1 71 ? 0.788   18.711  5.678   1.00 23.28 ? 1432 LYS B CG  1 
ATOM   1164 C CD  . LYS B 1 71 ? 0.197   20.102  5.968   1.00 34.75 ? 1432 LYS B CD  1 
ATOM   1165 C CE  . LYS B 1 71 ? -1.321  20.159  5.737   1.00 40.55 ? 1432 LYS B CE  1 
ATOM   1166 N NZ  . LYS B 1 71 ? -1.991  21.282  6.491   1.00 44.09 ? 1432 LYS B NZ  1 
ATOM   1167 N N   . GLN B 1 72 ? 0.136   15.263  4.177   1.00 13.59 ? 1433 GLN B N   1 
ATOM   1168 C CA  . GLN B 1 72 ? -0.451  14.132  4.873   1.00 16.46 ? 1433 GLN B CA  1 
ATOM   1169 C C   . GLN B 1 72 ? 0.555   13.008  5.037   1.00 18.16 ? 1433 GLN B C   1 
ATOM   1170 O O   . GLN B 1 72 ? 0.616   12.381  6.103   1.00 16.50 ? 1433 GLN B O   1 
ATOM   1171 C CB  . GLN B 1 72 ? -1.692  13.634  4.133   1.00 17.06 ? 1433 GLN B CB  1 
ATOM   1172 C CG  . GLN B 1 72 ? -2.907  14.558  4.298   1.00 16.35 ? 1433 GLN B CG  1 
ATOM   1173 C CD  . GLN B 1 72 ? -3.982  14.263  3.256   1.00 14.82 ? 1433 GLN B CD  1 
ATOM   1174 O OE1 . GLN B 1 72 ? -3.909  13.259  2.561   1.00 18.09 ? 1433 GLN B OE1 1 
ATOM   1175 N NE2 . GLN B 1 72 ? -4.970  15.138  3.145   1.00 14.65 ? 1433 GLN B NE2 1 
ATOM   1176 N N   . ALA B 1 73 ? 1.350   12.732  3.996   1.00 14.91 ? 1434 ALA B N   1 
ATOM   1177 C CA  . ALA B 1 73 ? 2.378   11.690  4.101   1.00 21.68 ? 1434 ALA B CA  1 
ATOM   1178 C C   . ALA B 1 73 ? 3.458   12.082  5.095   1.00 19.31 ? 1434 ALA B C   1 
ATOM   1179 O O   . ALA B 1 73 ? 3.887   11.257  5.916   1.00 18.69 ? 1434 ALA B O   1 
ATOM   1180 C CB  . ALA B 1 73 ? 3.018   11.412  2.739   1.00 17.87 ? 1434 ALA B CB  1 
ATOM   1181 N N   . VAL B 1 74 ? 3.907   13.338  5.026   1.00 17.38 ? 1435 VAL B N   1 
ATOM   1182 C CA  . VAL B 1 74 ? 4.965   13.823  5.909   1.00 19.42 ? 1435 VAL B CA  1 
ATOM   1183 C C   . VAL B 1 74 ? 4.527   13.699  7.364   1.00 21.55 ? 1435 VAL B C   1 
ATOM   1184 O O   . VAL B 1 74 ? 5.232   13.114  8.197   1.00 19.90 ? 1435 VAL B O   1 
ATOM   1185 C CB  . VAL B 1 74 ? 5.335   15.276  5.543   1.00 18.43 ? 1435 VAL B CB  1 
ATOM   1186 C CG1 . VAL B 1 74 ? 6.117   15.959  6.657   1.00 16.57 ? 1435 VAL B CG1 1 
ATOM   1187 C CG2 . VAL B 1 74 ? 6.130   15.325  4.238   1.00 16.77 ? 1435 VAL B CG2 1 
ATOM   1188 N N   . GLU B 1 75 ? 3.338   14.227  7.686   1.00 20.73 ? 1436 GLU B N   1 
ATOM   1189 C CA  . GLU B 1 75 ? 2.889   14.226  9.076   1.00 22.31 ? 1436 GLU B CA  1 
ATOM   1190 C C   . GLU B 1 75 ? 2.607   12.816  9.570   1.00 23.91 ? 1436 GLU B C   1 
ATOM   1191 O O   . GLU B 1 75 ? 2.881   12.507  10.734  1.00 25.50 ? 1436 GLU B O   1 
ATOM   1192 C CB  . GLU B 1 75 ? 1.661   15.131  9.242   1.00 17.74 ? 1436 GLU B CB  1 
ATOM   1193 C CG  . GLU B 1 75 ? 2.001   16.590  8.934   1.00 27.75 ? 1436 GLU B CG  1 
ATOM   1194 C CD  . GLU B 1 75 ? 1.171   17.604  9.710   1.00 39.10 ? 1436 GLU B CD  1 
ATOM   1195 O OE1 . GLU B 1 75 ? 0.250   17.190  10.455  1.00 36.03 ? 1436 GLU B OE1 1 
ATOM   1196 O OE2 . GLU B 1 75 ? 1.454   18.823  9.573   1.00 43.16 ? 1436 GLU B OE2 1 
ATOM   1197 N N   . THR B 1 76 ? 2.086   11.940  8.706   1.00 19.88 ? 1437 THR B N   1 
ATOM   1198 C CA  . THR B 1 76 ? 1.918   10.543  9.092   1.00 23.10 ? 1437 THR B CA  1 
ATOM   1199 C C   . THR B 1 76 ? 3.261   9.904   9.438   1.00 25.71 ? 1437 THR B C   1 
ATOM   1200 O O   . THR B 1 76 ? 3.385   9.209   10.451  1.00 27.00 ? 1437 THR B O   1 
ATOM   1201 C CB  . THR B 1 76 ? 1.215   9.763   7.974   1.00 21.27 ? 1437 THR B CB  1 
ATOM   1202 O OG1 . THR B 1 76 ? -0.088  10.322  7.759   1.00 22.48 ? 1437 THR B OG1 1 
ATOM   1203 C CG2 . THR B 1 76 ? 1.086   8.276   8.340   1.00 22.51 ? 1437 THR B CG2 1 
ATOM   1204 N N   . LEU B 1 77 ? 4.287   10.135  8.609   1.00 23.48 ? 1438 LEU B N   1 
ATOM   1205 C CA  . LEU B 1 77 ? 5.598   9.539   8.881   1.00 23.03 ? 1438 LEU B CA  1 
ATOM   1206 C C   . LEU B 1 77 ? 6.230   10.132  10.137  1.00 22.87 ? 1438 LEU B C   1 
ATOM   1207 O O   . LEU B 1 77 ? 6.878   9.418   10.908  1.00 23.50 ? 1438 LEU B O   1 
ATOM   1208 C CB  . LEU B 1 77 ? 6.523   9.724   7.680   1.00 20.84 ? 1438 LEU B CB  1 
ATOM   1209 C CG  . LEU B 1 77 ? 6.181   8.829   6.483   1.00 24.81 ? 1438 LEU B CG  1 
ATOM   1210 C CD1 . LEU B 1 77 ? 6.576   9.485   5.171   1.00 17.54 ? 1438 LEU B CD1 1 
ATOM   1211 C CD2 . LEU B 1 77 ? 6.853   7.474   6.621   1.00 27.77 ? 1438 LEU B CD2 1 
ATOM   1212 N N   . ARG B 1 78 ? 6.036   11.435  10.359  1.00 24.02 ? 1439 ARG B N   1 
ATOM   1213 C CA  . ARG B 1 78 ? 6.631   12.124  11.498  1.00 25.76 ? 1439 ARG B CA  1 
ATOM   1214 C C   . ARG B 1 78 ? 5.969   11.727  12.808  1.00 28.65 ? 1439 ARG B C   1 
ATOM   1215 O O   . ARG B 1 78 ? 6.639   11.667  13.845  1.00 31.42 ? 1439 ARG B O   1 
ATOM   1216 C CB  . ARG B 1 78 ? 6.517   13.646  11.308  1.00 24.21 ? 1439 ARG B CB  1 
ATOM   1217 C CG  . ARG B 1 78 ? 7.594   14.246  10.416  1.00 28.60 ? 1439 ARG B CG  1 
ATOM   1218 C CD  . ARG B 1 78 ? 7.530   15.779  10.351  1.00 29.23 ? 1439 ARG B CD  1 
ATOM   1219 N NE  . ARG B 1 78 ? 8.649   16.280  9.555   1.00 26.97 ? 1439 ARG B NE  1 
ATOM   1220 C CZ  . ARG B 1 78 ? 8.739   17.499  9.035   1.00 24.30 ? 1439 ARG B CZ  1 
ATOM   1221 N NH1 . ARG B 1 78 ? 7.764   18.390  9.209   1.00 27.58 ? 1439 ARG B NH1 1 
ATOM   1222 N NH2 . ARG B 1 78 ? 9.820   17.825  8.333   1.00 26.24 ? 1439 ARG B NH2 1 
ATOM   1223 N N   . ASN B 1 79 ? 4.664   11.461  12.781  1.00 28.64 ? 1440 ASN B N   1 
ATOM   1224 C CA  . ASN B 1 79 ? 3.886   11.316  14.004  1.00 29.49 ? 1440 ASN B CA  1 
ATOM   1225 C C   . ASN B 1 79 ? 4.022   9.950   14.656  1.00 27.54 ? 1440 ASN B C   1 
ATOM   1226 O O   . ASN B 1 79 ? 3.660   9.824   15.829  1.00 32.54 ? 1440 ASN B O   1 
ATOM   1227 C CB  . ASN B 1 79 ? 2.409   11.595  13.734  1.00 26.66 ? 1440 ASN B CB  1 
ATOM   1228 C CG  . ASN B 1 79 ? 2.101   13.074  13.675  1.00 31.30 ? 1440 ASN B CG  1 
ATOM   1229 O OD1 . ASN B 1 79 ? 3.008   13.903  13.732  1.00 27.28 ? 1440 ASN B OD1 1 
ATOM   1230 N ND2 . ASN B 1 79 ? 0.811   13.414  13.568  1.00 28.04 ? 1440 ASN B ND2 1 
ATOM   1231 N N   . THR B 1 80 ? 4.570   8.954   13.956  1.00 30.03 ? 1441 THR B N   1 
ATOM   1232 C CA  . THR B 1 80 ? 4.680   7.603   14.488  1.00 24.49 ? 1441 THR B CA  1 
ATOM   1233 C C   . THR B 1 80 ? 5.582   7.551   15.717  1.00 31.18 ? 1441 THR B C   1 
ATOM   1234 O O   . THR B 1 80 ? 6.430   8.420   15.945  1.00 32.93 ? 1441 THR B O   1 
ATOM   1235 C CB  . THR B 1 80 ? 5.233   6.646   13.426  1.00 34.60 ? 1441 THR B CB  1 
ATOM   1236 O OG1 . THR B 1 80 ? 6.615   6.939   13.168  1.00 34.80 ? 1441 THR B OG1 1 
ATOM   1237 C CG2 . THR B 1 80 ? 4.451   6.753   12.128  1.00 29.42 ? 1441 THR B CG2 1 
ATOM   1238 N N   . GLY B 1 81 ? 5.408   6.491   16.502  1.00 30.43 ? 1442 GLY B N   1 
ATOM   1239 C CA  . GLY B 1 81 ? 6.291   6.199   17.612  1.00 34.16 ? 1442 GLY B CA  1 
ATOM   1240 C C   . GLY B 1 81 ? 7.636   5.667   17.136  1.00 36.97 ? 1442 GLY B C   1 
ATOM   1241 O O   . GLY B 1 81 ? 7.941   5.627   15.943  1.00 36.95 ? 1442 GLY B O   1 
ATOM   1242 N N   . GLN B 1 82 ? 8.447   5.230   18.102  1.00 39.35 ? 1443 GLN B N   1 
ATOM   1243 C CA  . GLN B 1 82 ? 9.842   4.910   17.802  1.00 35.35 ? 1443 GLN B CA  1 
ATOM   1244 C C   . GLN B 1 82 ? 9.973   3.678   16.920  1.00 35.76 ? 1443 GLN B C   1 
ATOM   1245 O O   . GLN B 1 82 ? 10.941  3.562   16.156  1.00 40.72 ? 1443 GLN B O   1 
ATOM   1246 C CB  . GLN B 1 82 ? 10.631  4.733   19.096  1.00 42.47 ? 1443 GLN B CB  1 
ATOM   1247 C CG  . GLN B 1 82 ? 11.409  5.991   19.501  1.00 49.46 ? 1443 GLN B CG  1 
ATOM   1248 C CD  . GLN B 1 82 ? 10.504  7.111   20.025  1.00 55.43 ? 1443 GLN B CD  1 
ATOM   1249 O OE1 . GLN B 1 82 ? 10.223  7.187   21.225  1.00 57.41 ? 1443 GLN B OE1 1 
ATOM   1250 N NE2 . GLN B 1 82 ? 10.043  7.981   19.123  1.00 46.50 ? 1443 GLN B NE2 1 
ATOM   1251 N N   . VAL B 1 83 ? 9.012   2.764   16.988  1.00 33.75 ? 1444 VAL B N   1 
ATOM   1252 C CA  . VAL B 1 83 ? 9.018   1.554   16.172  1.00 36.04 ? 1444 VAL B CA  1 
ATOM   1253 C C   . VAL B 1 83 ? 8.229   1.830   14.893  1.00 32.53 ? 1444 VAL B C   1 
ATOM   1254 O O   . VAL B 1 83 ? 7.035   2.147   14.944  1.00 29.36 ? 1444 VAL B O   1 
ATOM   1255 C CB  . VAL B 1 83 ? 8.423   0.367   16.947  1.00 40.66 ? 1444 VAL B CB  1 
ATOM   1256 C CG1 . VAL B 1 83 ? 8.740   -0.942  16.250  1.00 37.11 ? 1444 VAL B CG1 1 
ATOM   1257 C CG2 . VAL B 1 83 ? 8.940   0.374   18.391  1.00 38.17 ? 1444 VAL B CG2 1 
ATOM   1258 N N   . VAL B 1 84 ? 8.891   1.700   13.747  1.00 33.09 ? 1445 VAL B N   1 
ATOM   1259 C CA  . VAL B 1 84 ? 8.304   2.045   12.455  1.00 33.99 ? 1445 VAL B CA  1 
ATOM   1260 C C   . VAL B 1 84 ? 8.410   0.831   11.541  1.00 32.82 ? 1445 VAL B C   1 
ATOM   1261 O O   . VAL B 1 84 ? 9.504   0.287   11.349  1.00 32.88 ? 1445 VAL B O   1 
ATOM   1262 C CB  . VAL B 1 84 ? 8.995   3.268   11.831  1.00 33.67 ? 1445 VAL B CB  1 
ATOM   1263 C CG1 . VAL B 1 84 ? 8.482   3.513   10.423  1.00 28.80 ? 1445 VAL B CG1 1 
ATOM   1264 C CG2 . VAL B 1 84 ? 8.769   4.488   12.701  1.00 35.15 ? 1445 VAL B CG2 1 
ATOM   1265 N N   . HIS B 1 85 ? 7.275   0.399   10.987  1.00 31.98 ? 1446 HIS B N   1 
ATOM   1266 C CA  . HIS B 1 85 ? 7.241   -0.692  10.013  1.00 29.29 ? 1446 HIS B CA  1 
ATOM   1267 C C   . HIS B 1 85 ? 6.859   -0.098  8.667   1.00 30.89 ? 1446 HIS B C   1 
ATOM   1268 O O   . HIS B 1 85 ? 5.687   0.224   8.440   1.00 32.22 ? 1446 HIS B O   1 
ATOM   1269 C CB  . HIS B 1 85 ? 6.238   -1.780  10.396  1.00 28.68 ? 1446 HIS B CB  1 
ATOM   1270 C CG  . HIS B 1 85 ? 6.468   -2.395  11.742  1.00 34.46 ? 1446 HIS B CG  1 
ATOM   1271 N ND1 . HIS B 1 85 ? 5.889   -1.902  12.891  1.00 36.37 ? 1446 HIS B ND1 1 
ATOM   1272 C CD2 . HIS B 1 85 ? 7.185   -3.481  12.116  1.00 34.72 ? 1446 HIS B CD2 1 
ATOM   1273 C CE1 . HIS B 1 85 ? 6.250   -2.652  13.918  1.00 35.53 ? 1446 HIS B CE1 1 
ATOM   1274 N NE2 . HIS B 1 85 ? 7.038   -3.614  13.475  1.00 36.66 ? 1446 HIS B NE2 1 
ATOM   1275 N N   . LEU B 1 86 ? 7.825   0.014   7.767   1.00 30.31 ? 1447 LEU B N   1 
ATOM   1276 C CA  . LEU B 1 86 ? 7.602   0.628   6.470   1.00 27.64 ? 1447 LEU B CA  1 
ATOM   1277 C C   . LEU B 1 86 ? 7.395   -0.440  5.408   1.00 30.34 ? 1447 LEU B C   1 
ATOM   1278 O O   . LEU B 1 86 ? 8.113   -1.444  5.369   1.00 29.02 ? 1447 LEU B O   1 
ATOM   1279 C CB  . LEU B 1 86 ? 8.775   1.529   6.084   1.00 28.70 ? 1447 LEU B CB  1 
ATOM   1280 C CG  . LEU B 1 86 ? 8.932   2.815   6.890   1.00 25.87 ? 1447 LEU B CG  1 
ATOM   1281 C CD1 . LEU B 1 86 ? 10.208  3.521   6.498   1.00 30.21 ? 1447 LEU B CD1 1 
ATOM   1282 C CD2 . LEU B 1 86 ? 7.741   3.731   6.695   1.00 25.10 ? 1447 LEU B CD2 1 
ATOM   1283 N N   . LEU B 1 87 ? 6.402   -0.214  4.552   1.00 26.84 ? 1448 LEU B N   1 
ATOM   1284 C CA  . LEU B 1 87 ? 6.182   -1.025  3.363   1.00 25.21 ? 1448 LEU B CA  1 
ATOM   1285 C C   . LEU B 1 87 ? 6.639   -0.231  2.146   1.00 25.43 ? 1448 LEU B C   1 
ATOM   1286 O O   . LEU B 1 87 ? 6.093   0.844   1.860   1.00 23.29 ? 1448 LEU B O   1 
ATOM   1287 C CB  . LEU B 1 87 ? 4.708   -1.407  3.225   1.00 25.87 ? 1448 LEU B CB  1 
ATOM   1288 C CG  . LEU B 1 87 ? 4.399   -2.310  2.033   1.00 27.90 ? 1448 LEU B CG  1 
ATOM   1289 C CD1 . LEU B 1 87 ? 4.952   -3.702  2.289   1.00 27.34 ? 1448 LEU B CD1 1 
ATOM   1290 C CD2 . LEU B 1 87 ? 2.893   -2.349  1.797   1.00 24.27 ? 1448 LEU B CD2 1 
ATOM   1291 N N   . LEU B 1 88 ? 7.604   -0.778  1.410   1.00 21.62 ? 1449 LEU B N   1 
ATOM   1292 C CA  . LEU B 1 88 ? 8.210   -0.073  0.292   1.00 26.71 ? 1449 LEU B CA  1 
ATOM   1293 C C   . LEU B 1 88 ? 8.171   -0.916  -0.970  1.00 27.81 ? 1449 LEU B C   1 
ATOM   1294 O O   . LEU B 1 88 ? 8.056   -2.140  -0.927  1.00 30.81 ? 1449 LEU B O   1 
ATOM   1295 C CB  . LEU B 1 88 ? 9.666   0.317   0.595   1.00 28.17 ? 1449 LEU B CB  1 
ATOM   1296 C CG  . LEU B 1 88 ? 9.846   1.132   1.876   1.00 26.19 ? 1449 LEU B CG  1 
ATOM   1297 C CD1 . LEU B 1 88 ? 10.684  0.335   2.859   1.00 32.58 ? 1449 LEU B CD1 1 
ATOM   1298 C CD2 . LEU B 1 88 ? 10.516  2.428   1.553   1.00 31.10 ? 1449 LEU B CD2 1 
ATOM   1299 N N   . GLU B 1 89 ? 8.266   -0.232  -2.103  1.00 26.87 ? 1450 GLU B N   1 
ATOM   1300 C CA  . GLU B 1 89 ? 8.481   -0.861  -3.395  1.00 28.87 ? 1450 GLU B CA  1 
ATOM   1301 C C   . GLU B 1 89 ? 9.879   -0.484  -3.860  1.00 32.83 ? 1450 GLU B C   1 
ATOM   1302 O O   . GLU B 1 89 ? 10.183  0.706   -4.005  1.00 28.41 ? 1450 GLU B O   1 
ATOM   1303 C CB  . GLU B 1 89 ? 7.449   -0.425  -4.434  1.00 26.84 ? 1450 GLU B CB  1 
ATOM   1304 C CG  . GLU B 1 89 ? 7.758   -0.983  -5.819  1.00 32.82 ? 1450 GLU B CG  1 
ATOM   1305 C CD  . GLU B 1 89 ? 6.970   -0.313  -6.925  1.00 32.36 ? 1450 GLU B CD  1 
ATOM   1306 O OE1 . GLU B 1 89 ? 6.529   0.835   -6.737  1.00 33.29 ? 1450 GLU B OE1 1 
ATOM   1307 O OE2 . GLU B 1 89 ? 6.785   -0.942  -7.991  1.00 34.47 ? 1450 GLU B OE2 1 
ATOM   1308 N N   . LYS B 1 90 ? 10.715  -1.496  -4.094  1.00 34.54 ? 1451 LYS B N   1 
ATOM   1309 C CA  . LYS B 1 90 ? 12.106  -1.264  -4.451  1.00 32.13 ? 1451 LYS B CA  1 
ATOM   1310 C C   . LYS B 1 90 ? 12.206  -0.511  -5.770  1.00 32.77 ? 1451 LYS B C   1 
ATOM   1311 O O   . LYS B 1 90 ? 11.507  -0.819  -6.737  1.00 34.45 ? 1451 LYS B O   1 
ATOM   1312 C CB  . LYS B 1 90 ? 12.856  -2.592  -4.539  1.00 34.18 ? 1451 LYS B CB  1 
ATOM   1313 C CG  . LYS B 1 90 ? 14.301  -2.453  -5.012  1.00 39.86 ? 1451 LYS B CG  1 
ATOM   1314 C CD  . LYS B 1 90 ? 15.273  -2.320  -3.846  1.00 36.49 ? 1451 LYS B CD  1 
ATOM   1315 C CE  . LYS B 1 90 ? 16.669  -1.931  -4.328  1.00 42.55 ? 1451 LYS B CE  1 
ATOM   1316 N NZ  . LYS B 1 90 ? 16.956  -0.467  -4.140  1.00 41.20 ? 1451 LYS B NZ  1 
ATOM   1317 N N   . GLY B 1 91 ? 13.065  0.502   -5.797  1.00 35.65 ? 1452 GLY B N   1 
ATOM   1318 C CA  . GLY B 1 91 ? 13.330  1.230   -7.023  1.00 36.97 ? 1452 GLY B CA  1 
ATOM   1319 C C   . GLY B 1 91 ? 14.366  0.513   -7.873  1.00 32.89 ? 1452 GLY B C   1 
ATOM   1320 O O   . GLY B 1 91 ? 14.999  1.129   -8.731  1.00 43.36 ? 1452 GLY B O   1 
ATOM   1321 N N   . GLY C 2 4  ? -3.749  -26.718 -1.643  1.00 37.87 ? 2836 GLY C N   1 
ATOM   1322 C CA  . GLY C 2 4  ? -4.632  -27.841 -1.355  1.00 38.69 ? 2836 GLY C CA  1 
ATOM   1323 C C   . GLY C 2 4  ? -6.092  -27.427 -1.208  1.00 33.31 ? 2836 GLY C C   1 
ATOM   1324 O O   . GLY C 2 4  ? -6.957  -27.932 -1.915  1.00 24.89 ? 2836 GLY C O   1 
ATOM   1325 N N   . SER C 2 5  ? -6.355  -26.491 -0.296  1.00 33.66 ? 2837 SER C N   1 
ATOM   1326 C CA  . SER C 2 5  ? -7.702  -26.012 -0.016  1.00 30.88 ? 2837 SER C CA  1 
ATOM   1327 C C   . SER C 2 5  ? -7.638  -24.517 0.269   1.00 32.25 ? 2837 SER C C   1 
ATOM   1328 O O   . SER C 2 5  ? -6.784  -24.077 1.048   1.00 28.46 ? 2837 SER C O   1 
ATOM   1329 C CB  . SER C 2 5  ? -8.299  -26.755 1.184   1.00 30.24 ? 2837 SER C CB  1 
ATOM   1330 O OG  . SER C 2 5  ? -9.715  -26.831 1.086   1.00 38.93 ? 2837 SER C OG  1 
ATOM   1331 N N   . TYR C 2 6  ? -8.525  -23.731 -0.346  1.00 24.02 ? 2838 TYR C N   1 
ATOM   1332 C CA  . TYR C 2 6  ? -8.548  -22.305 -0.053  1.00 20.64 ? 2838 TYR C CA  1 
ATOM   1333 C C   . TYR C 2 6  ? -9.969  -21.771 -0.118  1.00 22.03 ? 2838 TYR C C   1 
ATOM   1334 O O   . TYR C 2 6  ? -10.856 -22.356 -0.748  1.00 19.88 ? 2838 TYR C O   1 
ATOM   1335 C CB  . TYR C 2 6  ? -7.630  -21.499 -0.989  1.00 19.01 ? 2838 TYR C CB  1 
ATOM   1336 C CG  . TYR C 2 6  ? -7.997  -21.555 -2.450  1.00 21.91 ? 2838 TYR C CG  1 
ATOM   1337 C CD1 . TYR C 2 6  ? -8.818  -20.582 -3.022  1.00 19.61 ? 2838 TYR C CD1 1 
ATOM   1338 C CD2 . TYR C 2 6  ? -7.494  -22.559 -3.273  1.00 22.64 ? 2838 TYR C CD2 1 
ATOM   1339 C CE1 . TYR C 2 6  ? -9.142  -20.619 -4.367  1.00 20.84 ? 2838 TYR C CE1 1 
ATOM   1340 C CE2 . TYR C 2 6  ? -7.808  -22.597 -4.639  1.00 22.37 ? 2838 TYR C CE2 1 
ATOM   1341 C CZ  . TYR C 2 6  ? -8.635  -21.630 -5.172  1.00 21.87 ? 2838 TYR C CZ  1 
ATOM   1342 O OH  . TYR C 2 6  ? -8.968  -21.675 -6.507  1.00 20.37 ? 2838 TYR C OH  1 
ATOM   1343 N N   . LEU C 2 7  ? -10.165 -20.644 0.567   1.00 21.15 ? 2839 LEU C N   1 
ATOM   1344 C CA  . LEU C 2 7  ? -11.459 -19.982 0.690   1.00 20.23 ? 2839 LEU C CA  1 
ATOM   1345 C C   . LEU C 2 7  ? -11.547 -18.814 -0.284  1.00 18.72 ? 2839 LEU C C   1 
ATOM   1346 O O   . LEU C 2 7  ? -10.613 -18.016 -0.382  1.00 20.09 ? 2839 LEU C O   1 
ATOM   1347 C CB  . LEU C 2 7  ? -11.656 -19.475 2.115   1.00 19.87 ? 2839 LEU C CB  1 
ATOM   1348 C CG  . LEU C 2 7  ? -13.063 -19.248 2.654   1.00 28.47 ? 2839 LEU C CG  1 
ATOM   1349 C CD1 . LEU C 2 7  ? -13.891 -20.536 2.549   1.00 27.72 ? 2839 LEU C CD1 1 
ATOM   1350 C CD2 . LEU C 2 7  ? -12.951 -18.791 4.116   1.00 26.63 ? 2839 LEU C CD2 1 
ATOM   1351 N N   . VAL C 2 8  ? -12.675 -18.711 -0.984  1.00 18.87 ? 2840 VAL C N   1 
ATOM   1352 C CA  . VAL C 2 8  ? -12.984 -17.588 -1.863  1.00 21.30 ? 2840 VAL C CA  1 
ATOM   1353 C C   . VAL C 2 8  ? -14.128 -16.791 -1.249  1.00 20.24 ? 2840 VAL C C   1 
ATOM   1354 O O   . VAL C 2 8  ? -15.178 -17.362 -0.930  1.00 20.46 ? 2840 VAL C O   1 
ATOM   1355 C CB  . VAL C 2 8  ? -13.372 -18.069 -3.274  1.00 21.11 ? 2840 VAL C CB  1 
ATOM   1356 C CG1 . VAL C 2 8  ? -13.695 -16.865 -4.181  1.00 18.58 ? 2840 VAL C CG1 1 
ATOM   1357 C CG2 . VAL C 2 8  ? -12.265 -18.941 -3.863  1.00 20.30 ? 2840 VAL C CG2 1 
ATOM   1358 N N   . THR C 2 9  ? -13.955 -15.471 -1.131  1.00 15.88 ? 2841 THR C N   1 
ATOM   1359 C CA  . THR C 2 9  ? -14.961 -14.622 -0.500  1.00 20.23 ? 2841 THR C CA  1 
ATOM   1360 C C   . THR C 2 9  ? -15.328 -13.486 -1.441  1.00 18.43 ? 2841 THR C C   1 
ATOM   1361 O O   . THR C 2 9  ? -14.466 -12.686 -1.813  1.00 16.51 ? 2841 THR C O   1 
ATOM   1362 C CB  . THR C 2 9  ? -14.461 -14.047 0.833   1.00 20.43 ? 2841 THR C CB  1 
ATOM   1363 O OG1 . THR C 2 9  ? -13.940 -15.098 1.653   1.00 16.52 ? 2841 THR C OG1 1 
ATOM   1364 C CG2 . THR C 2 9  ? -15.616 -13.310 1.580   1.00 17.99 ? 2841 THR C CG2 1 
ATOM   1365 N N   . SER C 2 10 ? -16.602 -13.399 -1.806  1.00 19.42 ? 2842 SER C N   1 
ATOM   1366 C CA  . SER C 2 10 ? -17.067 -12.271 -2.600  1.00 21.78 ? 2842 SER C CA  1 
ATOM   1367 C C   . SER C 2 10 ? -17.248 -11.051 -1.703  1.00 17.99 ? 2842 SER C C   1 
ATOM   1368 O O   . SER C 2 10 ? -17.708 -11.160 -0.562  1.00 16.03 ? 2842 SER C O   1 
ATOM   1369 C CB  . SER C 2 10 ? -18.376 -12.618 -3.312  1.00 22.01 ? 2842 SER C CB  1 
ATOM   1370 O OG  . SER C 2 10 ? -19.436 -12.622 -2.381  1.00 33.90 ? 2842 SER C OG  1 
ATOM   1371 N N   . VAL C 2 11 ? -16.811 -9.902  -2.200  1.00 14.31 ? 2843 VAL C N   1 
ATOM   1372 C CA  . VAL C 2 11 ? -16.928 -8.636  -1.487  1.00 18.80 ? 2843 VAL C CA  1 
ATOM   1373 C C   . VAL C 2 11 ? -17.474 -7.586  -2.456  1.00 23.76 ? 2843 VAL C C   1 
ATOM   1374 O O   . VAL C 2 11 ? -17.912 -7.928  -3.567  1.00 19.71 ? 2843 VAL C O   1 
ATOM   1375 C CB  . VAL C 2 11 ? -15.573 -8.191  -0.895  1.00 19.89 ? 2843 VAL C CB  1 
ATOM   1376 C CG1 . VAL C 2 11 ? -15.056 -9.230  0.140   1.00 18.01 ? 2843 VAL C CG1 1 
ATOM   1377 C CG2 . VAL C 2 11 ? -14.553 -7.977  -2.017  1.00 18.26 ? 2843 VAL C CG2 1 
ATOM   1378 O OXT . VAL C 2 11 ? -17.472 -6.384  -2.158  1.00 19.51 ? 2843 VAL C OXT 1 
ATOM   1379 N N   . SER D 2 5  ? 12.410  22.664  -7.831  1.00 58.87 ? 2837 SER D N   1 
ATOM   1380 C CA  . SER D 2 5  ? 11.866  21.473  -8.480  1.00 60.76 ? 2837 SER D CA  1 
ATOM   1381 C C   . SER D 2 5  ? 10.680  20.900  -7.689  1.00 61.59 ? 2837 SER D C   1 
ATOM   1382 O O   . SER D 2 5  ? 9.563   21.422  -7.761  1.00 60.37 ? 2837 SER D O   1 
ATOM   1383 C CB  . SER D 2 5  ? 12.961  20.413  -8.652  1.00 59.27 ? 2837 SER D CB  1 
ATOM   1384 O OG  . SER D 2 5  ? 12.510  19.328  -9.452  1.00 65.09 ? 2837 SER D OG  1 
ATOM   1385 N N   . TYR D 2 6  ? 10.930  19.822  -6.948  1.00 59.19 ? 2838 TYR D N   1 
ATOM   1386 C CA  . TYR D 2 6  ? 9.921   19.170  -6.124  1.00 50.07 ? 2838 TYR D CA  1 
ATOM   1387 C C   . TYR D 2 6  ? 10.119  19.531  -4.654  1.00 45.35 ? 2838 TYR D C   1 
ATOM   1388 O O   . TYR D 2 6  ? 11.219  19.884  -4.218  1.00 41.99 ? 2838 TYR D O   1 
ATOM   1389 C CB  . TYR D 2 6  ? 9.981   17.648  -6.291  1.00 48.89 ? 2838 TYR D CB  1 
ATOM   1390 C CG  . TYR D 2 6  ? 9.467   17.122  -7.611  1.00 51.32 ? 2838 TYR D CG  1 
ATOM   1391 C CD1 . TYR D 2 6  ? 8.417   17.747  -8.276  1.00 50.55 ? 2838 TYR D CD1 1 
ATOM   1392 C CD2 . TYR D 2 6  ? 10.027  15.989  -8.190  1.00 53.98 ? 2838 TYR D CD2 1 
ATOM   1393 C CE1 . TYR D 2 6  ? 7.941   17.258  -9.488  1.00 43.17 ? 2838 TYR D CE1 1 
ATOM   1394 C CE2 . TYR D 2 6  ? 9.561   15.494  -9.402  1.00 53.60 ? 2838 TYR D CE2 1 
ATOM   1395 C CZ  . TYR D 2 6  ? 8.516   16.133  -10.045 1.00 50.21 ? 2838 TYR D CZ  1 
ATOM   1396 O OH  . TYR D 2 6  ? 8.052   15.636  -11.250 1.00 54.29 ? 2838 TYR D OH  1 
ATOM   1397 N N   . LEU D 2 7  ? 9.036   19.432  -3.887  1.00 42.97 ? 2839 LEU D N   1 
ATOM   1398 C CA  . LEU D 2 7  ? 9.132   19.595  -2.440  1.00 36.32 ? 2839 LEU D CA  1 
ATOM   1399 C C   . LEU D 2 7  ? 9.826   18.380  -1.832  1.00 29.99 ? 2839 LEU D C   1 
ATOM   1400 O O   . LEU D 2 7  ? 9.408   17.240  -2.050  1.00 26.59 ? 2839 LEU D O   1 
ATOM   1401 C CB  . LEU D 2 7  ? 7.743   19.783  -1.833  1.00 34.23 ? 2839 LEU D CB  1 
ATOM   1402 C CG  . LEU D 2 7  ? 7.674   20.347  -0.410  1.00 35.77 ? 2839 LEU D CG  1 
ATOM   1403 C CD1 . LEU D 2 7  ? 8.717   21.448  -0.218  1.00 32.81 ? 2839 LEU D CD1 1 
ATOM   1404 C CD2 . LEU D 2 7  ? 6.264   20.862  -0.096  1.00 33.63 ? 2839 LEU D CD2 1 
ATOM   1405 N N   . VAL D 2 8  ? 10.896  18.616  -1.083  1.00 31.36 ? 2840 VAL D N   1 
ATOM   1406 C CA  . VAL D 2 8  ? 11.658  17.548  -0.435  1.00 30.42 ? 2840 VAL D CA  1 
ATOM   1407 C C   . VAL D 2 8  ? 11.562  17.765  1.067   1.00 26.71 ? 2840 VAL D C   1 
ATOM   1408 O O   . VAL D 2 8  ? 11.922  18.838  1.564   1.00 28.22 ? 2840 VAL D O   1 
ATOM   1409 C CB  . VAL D 2 8  ? 13.122  17.529  -0.898  1.00 31.20 ? 2840 VAL D CB  1 
ATOM   1410 C CG1 . VAL D 2 8  ? 13.827  16.254  -0.412  1.00 28.92 ? 2840 VAL D CG1 1 
ATOM   1411 C CG2 . VAL D 2 8  ? 13.182  17.650  -2.422  1.00 32.04 ? 2840 VAL D CG2 1 
ATOM   1412 N N   . THR D 2 9  ? 11.045  16.770  1.785   1.00 23.63 ? 2841 THR D N   1 
ATOM   1413 C CA  . THR D 2 9  ? 10.818  16.906  3.219   1.00 25.37 ? 2841 THR D CA  1 
ATOM   1414 C C   . THR D 2 9  ? 11.503  15.787  3.973   1.00 20.61 ? 2841 THR D C   1 
ATOM   1415 O O   . THR D 2 9  ? 11.293  14.613  3.658   1.00 22.57 ? 2841 THR D O   1 
ATOM   1416 C CB  . THR D 2 9  ? 9.337   16.889  3.548   1.00 18.88 ? 2841 THR D CB  1 
ATOM   1417 O OG1 . THR D 2 9  ? 8.696   17.924  2.813   1.00 17.99 ? 2841 THR D OG1 1 
ATOM   1418 C CG2 . THR D 2 9  ? 9.140   17.126  5.045   1.00 21.75 ? 2841 THR D CG2 1 
ATOM   1419 N N   . SER D 2 10 ? 12.270  16.147  5.000   1.00 21.91 ? 2842 SER D N   1 
ATOM   1420 C CA  . SER D 2 10 ? 12.983  15.166  5.812   1.00 27.08 ? 2842 SER D CA  1 
ATOM   1421 C C   . SER D 2 10 ? 12.131  14.684  6.983   1.00 25.01 ? 2842 SER D C   1 
ATOM   1422 O O   . SER D 2 10 ? 11.462  15.475  7.657   1.00 29.25 ? 2842 SER D O   1 
ATOM   1423 C CB  . SER D 2 10 ? 14.301  15.752  6.315   1.00 28.36 ? 2842 SER D CB  1 
ATOM   1424 O OG  . SER D 2 10 ? 15.132  16.064  5.214   1.00 35.10 ? 2842 SER D OG  1 
ATOM   1425 N N   . VAL D 2 11 ? 12.143  13.370  7.199   1.00 25.83 ? 2843 VAL D N   1 
ATOM   1426 C CA  . VAL D 2 11 ? 11.344  12.716  8.232   1.00 28.70 ? 2843 VAL D CA  1 
ATOM   1427 C C   . VAL D 2 11 ? 12.198  11.655  8.914   1.00 31.07 ? 2843 VAL D C   1 
ATOM   1428 O O   . VAL D 2 11 ? 13.353  11.456  8.539   1.00 29.76 ? 2843 VAL D O   1 
ATOM   1429 C CB  . VAL D 2 11 ? 10.027  12.081  7.661   1.00 24.17 ? 2843 VAL D CB  1 
ATOM   1430 C CG1 . VAL D 2 11 ? 9.087   13.154  7.173   1.00 22.31 ? 2843 VAL D CG1 1 
ATOM   1431 C CG2 . VAL D 2 11 ? 10.330  11.092  6.535   1.00 20.98 ? 2843 VAL D CG2 1 
ATOM   1432 O OXT . VAL D 2 11 ? 11.752  10.973  9.844   1.00 32.46 ? 2843 VAL D OXT 1 
HETATM 1433 O O   . HOH E 3 .  ? -15.072 4.410   0.545   1.00 20.55 ? 1501 HOH A O   1 
HETATM 1434 O O   . HOH E 3 .  ? -2.271  -15.614 0.598   1.00 27.48 ? 1502 HOH A O   1 
HETATM 1435 O O   . HOH E 3 .  ? -3.797  -23.024 -1.792  1.00 38.49 ? 1503 HOH A O   1 
HETATM 1436 O O   . HOH E 3 .  ? -2.162  -10.811 3.824   1.00 16.98 ? 1504 HOH A O   1 
HETATM 1437 O O   . HOH E 3 .  ? -4.207  -6.039  -13.537 1.00 33.30 ? 1505 HOH A O   1 
HETATM 1438 O O   . HOH E 3 .  ? -7.934  -17.856 0.635   1.00 21.08 ? 1506 HOH A O   1 
HETATM 1439 O O   . HOH E 3 .  ? 5.641   -9.260  5.128   1.00 39.91 ? 1507 HOH A O   1 
HETATM 1440 O O   . HOH E 3 .  ? -18.345 -14.746 4.056   1.00 26.18 ? 1508 HOH A O   1 
HETATM 1441 O O   . HOH E 3 .  ? -0.764  -3.753  8.316   1.00 27.02 ? 1509 HOH A O   1 
HETATM 1442 O O   . HOH E 3 .  ? -17.265 2.867   -9.853  1.00 16.58 ? 1510 HOH A O   1 
HETATM 1443 O O   . HOH E 3 .  ? -1.812  -8.323  -0.127  1.00 18.41 ? 1511 HOH A O   1 
HETATM 1444 O O   . HOH E 3 .  ? 3.739   -8.927  -3.973  1.00 33.57 ? 1512 HOH A O   1 
HETATM 1445 O O   . HOH E 3 .  ? -14.203 7.652   -0.684  1.00 27.86 ? 1513 HOH A O   1 
HETATM 1446 O O   . HOH E 3 .  ? 0.936   3.463   -8.958  1.00 30.34 ? 1514 HOH A O   1 
HETATM 1447 O O   . HOH E 3 .  ? -18.070 -13.364 7.211   1.00 38.77 ? 1515 HOH A O   1 
HETATM 1448 O O   . HOH E 3 .  ? 0.340   -10.787 10.286  1.00 26.57 ? 1516 HOH A O   1 
HETATM 1449 O O   . HOH E 3 .  ? -1.268  -13.274 -9.067  1.00 34.58 ? 1517 HOH A O   1 
HETATM 1450 O O   . HOH E 3 .  ? -21.154 -0.889  1.647   1.00 29.73 ? 1518 HOH A O   1 
HETATM 1451 O O   . HOH E 3 .  ? -20.860 -3.622  4.351   1.00 25.62 ? 1519 HOH A O   1 
HETATM 1452 O O   . HOH E 3 .  ? -7.066  -4.931  7.833   1.00 28.00 ? 1520 HOH A O   1 
HETATM 1453 O O   . HOH E 3 .  ? -12.102 -5.626  -15.200 1.00 32.53 ? 1521 HOH A O   1 
HETATM 1454 O O   . HOH E 3 .  ? -18.175 -5.415  0.405   1.00 29.03 ? 1522 HOH A O   1 
HETATM 1455 O O   . HOH E 3 .  ? 1.946   -13.122 -1.686  1.00 18.44 ? 1523 HOH A O   1 
HETATM 1456 O O   . HOH E 3 .  ? -13.087 3.175   -12.060 1.00 16.01 ? 1524 HOH A O   1 
HETATM 1457 O O   . HOH E 3 .  ? -21.791 2.383   -1.464  1.00 25.96 ? 1525 HOH A O   1 
HETATM 1458 O O   . HOH E 3 .  ? -7.970  -12.573 12.073  1.00 19.49 ? 1526 HOH A O   1 
HETATM 1459 O O   . HOH E 3 .  ? -12.455 9.616   -4.668  1.00 21.37 ? 1527 HOH A O   1 
HETATM 1460 O O   . HOH E 3 .  ? 1.179   -23.324 -1.068  1.00 51.98 ? 1528 HOH A O   1 
HETATM 1461 O O   . HOH E 3 .  ? -0.925  -8.448  2.410   1.00 25.77 ? 1529 HOH A O   1 
HETATM 1462 O O   . HOH E 3 .  ? 1.669   -21.221 -2.191  1.00 37.09 ? 1530 HOH A O   1 
HETATM 1463 O O   . HOH E 3 .  ? -5.047  -2.940  -14.814 1.00 40.93 ? 1531 HOH A O   1 
HETATM 1464 O O   . HOH E 3 .  ? -1.148  -20.562 -4.222  1.00 32.65 ? 1532 HOH A O   1 
HETATM 1465 O O   . HOH E 3 .  ? 1.490   -1.694  6.732   1.00 9.74  ? 1533 HOH A O   1 
HETATM 1466 O O   . HOH E 3 .  ? -15.867 -16.043 -7.215  1.00 22.17 ? 1534 HOH A O   1 
HETATM 1467 O O   . HOH E 3 .  ? -23.928 -0.341  -1.226  1.00 16.74 ? 1535 HOH A O   1 
HETATM 1468 O O   . HOH E 3 .  ? 2.953   -10.747 -5.266  1.00 39.12 ? 1536 HOH A O   1 
HETATM 1469 O O   . HOH E 3 .  ? -3.052  -10.404 -12.996 1.00 32.33 ? 1537 HOH A O   1 
HETATM 1470 O O   . HOH E 3 .  ? -4.602  -4.944  7.962   1.00 28.07 ? 1538 HOH A O   1 
HETATM 1471 O O   . HOH E 3 .  ? -0.240  -0.988  1.734   1.00 26.01 ? 1539 HOH A O   1 
HETATM 1472 O O   . HOH E 3 .  ? -8.537  -15.530 8.710   1.00 24.23 ? 1540 HOH A O   1 
HETATM 1473 O O   . HOH E 3 .  ? -5.417  -16.067 7.083   1.00 10.14 ? 1541 HOH A O   1 
HETATM 1474 O O   . HOH E 3 .  ? -14.477 -11.263 7.961   1.00 24.20 ? 1542 HOH A O   1 
HETATM 1475 O O   . HOH E 3 .  ? -21.374 -9.895  -5.446  1.00 29.86 ? 1543 HOH A O   1 
HETATM 1476 O O   . HOH E 3 .  ? -16.701 -9.308  7.542   1.00 15.11 ? 1544 HOH A O   1 
HETATM 1477 O O   . HOH E 3 .  ? -20.761 3.069   4.228   1.00 20.50 ? 1545 HOH A O   1 
HETATM 1478 O O   . HOH E 3 .  ? -2.909  -15.843 -7.106  1.00 42.22 ? 1546 HOH A O   1 
HETATM 1479 O O   . HOH E 3 .  ? -17.785 -11.941 -6.702  1.00 28.46 ? 1547 HOH A O   1 
HETATM 1480 O O   . HOH E 3 .  ? -6.534  -16.614 11.096  1.00 38.53 ? 1548 HOH A O   1 
HETATM 1481 O O   . HOH E 3 .  ? -0.299  -22.648 5.224   1.00 36.15 ? 1549 HOH A O   1 
HETATM 1482 O O   . HOH E 3 .  ? -0.829  -14.206 -11.069 1.00 39.60 ? 1550 HOH A O   1 
HETATM 1483 O O   . HOH E 3 .  ? -6.169  -2.290  -17.411 1.00 30.79 ? 1551 HOH A O   1 
HETATM 1484 O O   . HOH E 3 .  ? -5.345  -15.509 -7.541  1.00 37.13 ? 1552 HOH A O   1 
HETATM 1485 O O   . HOH E 3 .  ? -5.384  -12.010 13.861  1.00 33.60 ? 1553 HOH A O   1 
HETATM 1486 O O   . HOH E 3 .  ? -2.077  -12.769 -13.534 1.00 35.75 ? 1554 HOH A O   1 
HETATM 1487 O O   . HOH E 3 .  ? -3.449  -8.179  -15.170 1.00 38.62 ? 1555 HOH A O   1 
HETATM 1488 O O   . HOH E 3 .  ? -3.621  -5.046  12.495  1.00 40.20 ? 1556 HOH A O   1 
HETATM 1489 O O   . HOH E 3 .  ? -10.353 -17.435 7.095   1.00 23.78 ? 1557 HOH A O   1 
HETATM 1490 O O   . HOH E 3 .  ? -20.898 7.085   -4.625  1.00 26.15 ? 1558 HOH A O   1 
HETATM 1491 O O   . HOH E 3 .  ? -3.767  -21.467 -3.840  1.00 36.17 ? 1559 HOH A O   1 
HETATM 1492 O O   . HOH E 3 .  ? -3.099  -12.063 13.230  1.00 37.48 ? 1560 HOH A O   1 
HETATM 1493 O O   . HOH E 3 .  ? -8.980  -18.935 5.288   1.00 25.61 ? 1561 HOH A O   1 
HETATM 1494 O O   . HOH F 3 .  ? -0.835  15.387  11.532  1.00 18.77 ? 1501 HOH B O   1 
HETATM 1495 O O   . HOH F 3 .  ? -2.692  21.374  8.871   1.00 37.93 ? 1502 HOH B O   1 
HETATM 1496 O O   . HOH F 3 .  ? 16.600  1.484   13.437  1.00 38.53 ? 1503 HOH B O   1 
HETATM 1497 O O   . HOH F 3 .  ? 21.136  12.306  10.175  1.00 39.18 ? 1504 HOH B O   1 
HETATM 1498 O O   . HOH F 3 .  ? 4.482   -1.579  6.825   1.00 29.18 ? 1505 HOH B O   1 
HETATM 1499 O O   . HOH F 3 .  ? 17.316  1.523   5.393   1.00 35.40 ? 1506 HOH B O   1 
HETATM 1500 O O   . HOH F 3 .  ? -0.403  0.962   0.654   1.00 20.15 ? 1507 HOH B O   1 
HETATM 1501 O O   . HOH F 3 .  ? 19.148  7.964   7.489   1.00 25.70 ? 1508 HOH B O   1 
HETATM 1502 O O   . HOH F 3 .  ? 19.753  2.476   3.977   1.00 38.94 ? 1509 HOH B O   1 
HETATM 1503 O O   . HOH F 3 .  ? 1.222   8.466   11.721  1.00 25.25 ? 1510 HOH B O   1 
HETATM 1504 O O   . HOH F 3 .  ? 11.359  -9.060  -2.196  1.00 50.98 ? 1511 HOH B O   1 
HETATM 1505 O O   . HOH F 3 .  ? 9.050   10.646  15.724  1.00 43.03 ? 1512 HOH B O   1 
HETATM 1506 O O   . HOH F 3 .  ? -2.807  18.151  2.578   1.00 25.80 ? 1513 HOH B O   1 
HETATM 1507 O O   . HOH F 3 .  ? 26.023  4.805   2.295   1.00 58.17 ? 1514 HOH B O   1 
HETATM 1508 O O   . HOH F 3 .  ? -6.495  11.494  -2.023  1.00 21.41 ? 1515 HOH B O   1 
HETATM 1509 O O   . HOH F 3 .  ? 6.444   10.908  16.957  1.00 36.40 ? 1516 HOH B O   1 
HETATM 1510 O O   . HOH F 3 .  ? 3.598   5.968   -2.328  1.00 23.15 ? 1517 HOH B O   1 
HETATM 1511 O O   . HOH F 3 .  ? 20.964  0.257   12.736  1.00 43.36 ? 1518 HOH B O   1 
HETATM 1512 O O   . HOH F 3 .  ? 0.644   9.713   -2.138  1.00 27.70 ? 1519 HOH B O   1 
HETATM 1513 O O   . HOH F 3 .  ? 7.588   3.807   -9.344  1.00 35.63 ? 1520 HOH B O   1 
HETATM 1514 O O   . HOH F 3 .  ? 18.101  15.290  2.134   1.00 33.27 ? 1521 HOH B O   1 
HETATM 1515 O O   . HOH F 3 .  ? 9.809   11.053  12.046  1.00 40.27 ? 1522 HOH B O   1 
HETATM 1516 O O   . HOH F 3 .  ? 17.462  9.208   12.005  1.00 36.86 ? 1523 HOH B O   1 
HETATM 1517 O O   . HOH F 3 .  ? 9.784   4.954   -10.704 1.00 38.53 ? 1524 HOH B O   1 
HETATM 1518 O O   . HOH F 3 .  ? -6.099  11.590  1.914   1.00 26.95 ? 1525 HOH B O   1 
HETATM 1519 O O   . HOH F 3 .  ? 8.815   11.852  -10.664 1.00 21.27 ? 1526 HOH B O   1 
HETATM 1520 O O   . HOH F 3 .  ? 7.016   -8.988  -2.643  1.00 41.56 ? 1527 HOH B O   1 
HETATM 1521 O O   . HOH F 3 .  ? 5.268   2.489   17.146  1.00 33.97 ? 1528 HOH B O   1 
HETATM 1522 O O   . HOH F 3 .  ? -3.747  -1.663  8.765   1.00 24.44 ? 1529 HOH B O   1 
HETATM 1523 O O   . HOH F 3 .  ? 0.594   18.850  0.775   1.00 18.57 ? 1530 HOH B O   1 
HETATM 1524 O O   . HOH F 3 .  ? 23.627  8.683   14.424  1.00 50.25 ? 1531 HOH B O   1 
HETATM 1525 O O   . HOH F 3 .  ? 20.349  5.641   -1.215  1.00 24.56 ? 1532 HOH B O   1 
HETATM 1526 O O   . HOH F 3 .  ? 29.063  10.586  10.154  1.00 36.43 ? 1533 HOH B O   1 
HETATM 1527 O O   . HOH F 3 .  ? 26.263  8.386   7.306   1.00 35.37 ? 1534 HOH B O   1 
HETATM 1528 O O   . HOH F 3 .  ? 23.334  -0.112  1.576   1.00 44.27 ? 1535 HOH B O   1 
HETATM 1529 O O   . HOH F 3 .  ? 6.605   -8.043  -4.789  1.00 33.71 ? 1536 HOH B O   1 
HETATM 1530 O O   . HOH F 3 .  ? 8.971   -8.229  3.146   1.00 43.55 ? 1537 HOH B O   1 
HETATM 1531 O O   . HOH F 3 .  ? 21.835  11.972  1.039   1.00 35.10 ? 1538 HOH B O   1 
HETATM 1532 O O   . HOH F 3 .  ? 26.147  8.690   4.523   1.00 42.59 ? 1539 HOH B O   1 
HETATM 1533 O O   . HOH F 3 .  ? 20.627  8.770   -0.777  1.00 20.77 ? 1540 HOH B O   1 
HETATM 1534 O O   . HOH F 3 .  ? 4.793   19.331  -7.533  1.00 25.13 ? 1541 HOH B O   1 
HETATM 1535 O O   . HOH F 3 .  ? 2.978   4.258   15.683  1.00 16.24 ? 1542 HOH B O   1 
HETATM 1536 O O   . HOH F 3 .  ? -0.508  4.816   -7.888  1.00 31.44 ? 1543 HOH B O   1 
HETATM 1537 O O   . HOH F 3 .  ? -2.125  -0.096  13.171  1.00 29.06 ? 1544 HOH B O   1 
HETATM 1538 O O   . HOH F 3 .  ? 11.447  14.614  11.705  1.00 31.92 ? 1545 HOH B O   1 
HETATM 1539 O O   . HOH F 3 .  ? 8.899   20.701  6.975   1.00 35.76 ? 1546 HOH B O   1 
HETATM 1540 O O   . HOH F 3 .  ? -4.984  17.484  5.506   1.00 10.73 ? 1547 HOH B O   1 
HETATM 1541 O O   . HOH F 3 .  ? 1.919   -1.034  13.344  1.00 33.98 ? 1548 HOH B O   1 
HETATM 1542 O O   . HOH F 3 .  ? 13.529  18.509  8.641   1.00 39.20 ? 1549 HOH B O   1 
HETATM 1543 O O   . HOH F 3 .  ? 2.614   -2.443  10.913  1.00 35.16 ? 1550 HOH B O   1 
HETATM 1544 O O   . HOH F 3 .  ? -0.351  -3.139  10.775  1.00 31.96 ? 1551 HOH B O   1 
HETATM 1545 O O   . HOH F 3 .  ? 11.973  -8.887  0.131   1.00 49.84 ? 1552 HOH B O   1 
HETATM 1546 O O   . HOH F 3 .  ? 2.985   20.349  1.164   1.00 34.66 ? 1553 HOH B O   1 
HETATM 1547 O O   . HOH F 3 .  ? 3.524   -5.223  9.391   1.00 43.88 ? 1554 HOH B O   1 
HETATM 1548 O O   . HOH F 3 .  ? -9.032  15.338  3.528   1.00 29.77 ? 1555 HOH B O   1 
HETATM 1549 O O   . HOH F 3 .  ? -1.769  20.023  1.761   1.00 30.12 ? 1556 HOH B O   1 
HETATM 1550 O O   . HOH F 3 .  ? 20.691  14.119  2.600   1.00 27.61 ? 1557 HOH B O   1 
HETATM 1551 O O   . HOH F 3 .  ? 19.029  -7.356  -2.011  1.00 45.50 ? 1558 HOH B O   1 
HETATM 1552 O O   . HOH F 3 .  ? 24.724  11.940  1.024   1.00 42.96 ? 1559 HOH B O   1 
HETATM 1553 O O   . HOH G 3 .  ? -18.680 -9.729  -5.441  1.00 23.30 ? 2901 HOH C O   1 
HETATM 1554 O O   . HOH G 3 .  ? -4.586  -25.653 2.214   1.00 37.71 ? 2902 HOH C O   1 
HETATM 1555 O O   . HOH G 3 .  ? -5.827  -21.882 2.791   1.00 31.79 ? 2903 HOH C O   1 
HETATM 1556 O O   . HOH G 3 .  ? -4.768  -24.955 -3.910  1.00 38.67 ? 2904 HOH C O   1 
HETATM 1557 O O   . HOH G 3 .  ? -8.158  -19.976 2.820   1.00 14.84 ? 2905 HOH C O   1 
HETATM 1558 O O   . HOH G 3 .  ? -13.874 -14.573 6.030   1.00 29.57 ? 2906 HOH C O   1 
HETATM 1559 O O   . HOH G 3 .  ? -19.039 -13.963 -7.325  1.00 34.69 ? 2907 HOH C O   1 
HETATM 1560 O O   . HOH H 3 .  ? 7.082   16.790  -3.344  1.00 23.95 ? 2901 HOH D O   1 
HETATM 1561 O O   . HOH H 3 .  ? 6.207   19.008  -4.876  1.00 27.55 ? 2902 HOH D O   1 
HETATM 1562 O O   . HOH H 3 .  ? 12.460  19.133  5.907   1.00 24.58 ? 2903 HOH D O   1 
HETATM 1563 O O   . HOH H 3 .  ? 16.630  18.313  2.231   1.00 43.22 ? 2904 HOH D O   1 
# 
loop_
_pdbx_poly_seq_scheme.asym_id 
_pdbx_poly_seq_scheme.entity_id 
_pdbx_poly_seq_scheme.seq_id 
_pdbx_poly_seq_scheme.mon_id 
_pdbx_poly_seq_scheme.ndb_seq_num 
_pdbx_poly_seq_scheme.pdb_seq_num 
_pdbx_poly_seq_scheme.auth_seq_num 
_pdbx_poly_seq_scheme.pdb_mon_id 
_pdbx_poly_seq_scheme.auth_mon_id 
_pdbx_poly_seq_scheme.pdb_strand_id 
_pdbx_poly_seq_scheme.pdb_ins_code 
_pdbx_poly_seq_scheme.hetero 
A 1 1  LYS 1  1362 ?    ?   ?   A . n 
A 1 2  PRO 2  1363 ?    ?   ?   A . n 
A 1 3  GLY 3  1364 1364 GLY GLY A . n 
A 1 4  ASP 4  1365 1365 ASP ASP A . n 
A 1 5  ILE 5  1366 1366 ILE ILE A . n 
A 1 6  PHE 6  1367 1367 PHE PHE A . n 
A 1 7  GLU 7  1368 1368 GLU GLU A . n 
A 1 8  VAL 8  1369 1369 VAL VAL A . n 
A 1 9  GLU 9  1370 1370 GLU GLU A . n 
A 1 10 LEU 10 1371 1371 LEU LEU A . n 
A 1 11 ALA 11 1372 1372 ALA ALA A . n 
A 1 12 LYS 12 1373 1373 LYS LYS A . n 
A 1 13 ASN 13 1374 1374 ASN ASN A . n 
A 1 14 ASP 14 1375 1375 ASP ASP A . n 
A 1 15 ASN 15 1376 1376 ASN ASN A . n 
A 1 16 SER 16 1377 1377 SER SER A . n 
A 1 17 LEU 17 1378 1378 LEU LEU A . n 
A 1 18 GLY 18 1379 1379 GLY GLY A . n 
A 1 19 ILE 19 1380 1380 ILE ILE A . n 
A 1 20 SER 20 1381 1381 SER SER A . n 
A 1 21 VAL 21 1382 1382 VAL VAL A . n 
A 1 22 THR 22 1383 1383 THR THR A . n 
A 1 23 GLY 23 1384 1384 GLY GLY A . n 
A 1 24 GLY 24 1385 1385 GLY GLY A . n 
A 1 25 VAL 25 1386 1386 VAL VAL A . n 
A 1 26 ASN 26 1387 1387 ASN ASN A . n 
A 1 27 THR 27 1388 1388 THR THR A . n 
A 1 28 SER 28 1389 1389 SER SER A . n 
A 1 29 VAL 29 1390 1390 VAL VAL A . n 
A 1 30 ARG 30 1391 1391 ARG ARG A . n 
A 1 31 HIS 31 1392 1392 HIS HIS A . n 
A 1 32 GLY 32 1393 1393 GLY GLY A . n 
A 1 33 GLY 33 1394 1394 GLY GLY A . n 
A 1 34 ILE 34 1395 1395 ILE ILE A . n 
A 1 35 TYR 35 1396 1396 TYR TYR A . n 
A 1 36 VAL 36 1397 1397 VAL VAL A . n 
A 1 37 LYS 37 1398 1398 LYS LYS A . n 
A 1 38 ALA 38 1399 1399 ALA ALA A . n 
A 1 39 VAL 39 1400 1400 VAL VAL A . n 
A 1 40 ILE 40 1401 1401 ILE ILE A . n 
A 1 41 PRO 41 1402 1402 PRO PRO A . n 
A 1 42 GLN 42 1403 1403 GLN GLN A . n 
A 1 43 GLY 43 1404 1404 GLY GLY A . n 
A 1 44 ALA 44 1405 1405 ALA ALA A . n 
A 1 45 ALA 45 1406 1406 ALA ALA A . n 
A 1 46 GLU 46 1407 1407 GLU GLU A . n 
A 1 47 SER 47 1408 1408 SER SER A . n 
A 1 48 ASP 48 1409 1409 ASP ASP A . n 
A 1 49 GLY 49 1410 1410 GLY GLY A . n 
A 1 50 ARG 50 1411 1411 ARG ARG A . n 
A 1 51 ILE 51 1412 1412 ILE ILE A . n 
A 1 52 HIS 52 1413 1413 HIS HIS A . n 
A 1 53 LYS 53 1414 1414 LYS LYS A . n 
A 1 54 GLY 54 1415 1415 GLY GLY A . n 
A 1 55 ASP 55 1416 1416 ASP ASP A . n 
A 1 56 ARG 56 1417 1417 ARG ARG A . n 
A 1 57 VAL 57 1418 1418 VAL VAL A . n 
A 1 58 LEU 58 1419 1419 LEU LEU A . n 
A 1 59 ALA 59 1420 1420 ALA ALA A . n 
A 1 60 VAL 60 1421 1421 VAL VAL A . n 
A 1 61 ASN 61 1422 1422 ASN ASN A . n 
A 1 62 GLY 62 1423 1423 GLY GLY A . n 
A 1 63 VAL 63 1424 1424 VAL VAL A . n 
A 1 64 SER 64 1425 1425 SER SER A . n 
A 1 65 LEU 65 1426 1426 LEU LEU A . n 
A 1 66 GLU 66 1427 1427 GLU GLU A . n 
A 1 67 GLY 67 1428 1428 GLY GLY A . n 
A 1 68 ALA 68 1429 1429 ALA ALA A . n 
A 1 69 THR 69 1430 1430 THR THR A . n 
A 1 70 HIS 70 1431 1431 HIS HIS A . n 
A 1 71 LYS 71 1432 1432 LYS LYS A . n 
A 1 72 GLN 72 1433 1433 GLN GLN A . n 
A 1 73 ALA 73 1434 1434 ALA ALA A . n 
A 1 74 VAL 74 1435 1435 VAL VAL A . n 
A 1 75 GLU 75 1436 1436 GLU GLU A . n 
A 1 76 THR 76 1437 1437 THR THR A . n 
A 1 77 LEU 77 1438 1438 LEU LEU A . n 
A 1 78 ARG 78 1439 1439 ARG ARG A . n 
A 1 79 ASN 79 1440 1440 ASN ASN A . n 
A 1 80 THR 80 1441 1441 THR THR A . n 
A 1 81 GLY 81 1442 1442 GLY GLY A . n 
A 1 82 GLN 82 1443 1443 GLN GLN A . n 
A 1 83 VAL 83 1444 1444 VAL VAL A . n 
A 1 84 VAL 84 1445 1445 VAL VAL A . n 
A 1 85 HIS 85 1446 1446 HIS HIS A . n 
A 1 86 LEU 86 1447 1447 LEU LEU A . n 
A 1 87 LEU 87 1448 1448 LEU LEU A . n 
A 1 88 LEU 88 1449 1449 LEU LEU A . n 
A 1 89 GLU 89 1450 1450 GLU GLU A . n 
A 1 90 LYS 90 1451 1451 LYS LYS A . n 
A 1 91 GLY 91 1452 1452 GLY GLY A . n 
A 1 92 GLN 92 1453 ?    ?   ?   A . n 
A 1 93 SER 93 1454 ?    ?   ?   A . n 
A 1 94 PRO 94 1455 ?    ?   ?   A . n 
A 1 95 THR 95 1456 ?    ?   ?   A . n 
B 1 1  LYS 1  1362 1362 LYS LYS B . n 
B 1 2  PRO 2  1363 1363 PRO PRO B . n 
B 1 3  GLY 3  1364 1364 GLY GLY B . n 
B 1 4  ASP 4  1365 1365 ASP ASP B . n 
B 1 5  ILE 5  1366 1366 ILE ILE B . n 
B 1 6  PHE 6  1367 1367 PHE PHE B . n 
B 1 7  GLU 7  1368 1368 GLU GLU B . n 
B 1 8  VAL 8  1369 1369 VAL VAL B . n 
B 1 9  GLU 9  1370 1370 GLU GLU B . n 
B 1 10 LEU 10 1371 1371 LEU LEU B . n 
B 1 11 ALA 11 1372 1372 ALA ALA B . n 
B 1 12 LYS 12 1373 1373 LYS LYS B . n 
B 1 13 ASN 13 1374 1374 ASN ASN B . n 
B 1 14 ASP 14 1375 1375 ASP ASP B . n 
B 1 15 ASN 15 1376 1376 ASN ASN B . n 
B 1 16 SER 16 1377 1377 SER SER B . n 
B 1 17 LEU 17 1378 1378 LEU LEU B . n 
B 1 18 GLY 18 1379 1379 GLY GLY B . n 
B 1 19 ILE 19 1380 1380 ILE ILE B . n 
B 1 20 SER 20 1381 1381 SER SER B . n 
B 1 21 VAL 21 1382 1382 VAL VAL B . n 
B 1 22 THR 22 1383 1383 THR THR B . n 
B 1 23 GLY 23 1384 1384 GLY GLY B . n 
B 1 24 GLY 24 1385 1385 GLY GLY B . n 
B 1 25 VAL 25 1386 1386 VAL VAL B . n 
B 1 26 ASN 26 1387 1387 ASN ASN B . n 
B 1 27 THR 27 1388 1388 THR THR B . n 
B 1 28 SER 28 1389 1389 SER SER B . n 
B 1 29 VAL 29 1390 1390 VAL VAL B . n 
B 1 30 ARG 30 1391 1391 ARG ARG B . n 
B 1 31 HIS 31 1392 1392 HIS HIS B . n 
B 1 32 GLY 32 1393 1393 GLY GLY B . n 
B 1 33 GLY 33 1394 1394 GLY GLY B . n 
B 1 34 ILE 34 1395 1395 ILE ILE B . n 
B 1 35 TYR 35 1396 1396 TYR TYR B . n 
B 1 36 VAL 36 1397 1397 VAL VAL B . n 
B 1 37 LYS 37 1398 1398 LYS LYS B . n 
B 1 38 ALA 38 1399 1399 ALA ALA B . n 
B 1 39 VAL 39 1400 1400 VAL VAL B . n 
B 1 40 ILE 40 1401 1401 ILE ILE B . n 
B 1 41 PRO 41 1402 1402 PRO PRO B . n 
B 1 42 GLN 42 1403 1403 GLN GLN B . n 
B 1 43 GLY 43 1404 1404 GLY GLY B . n 
B 1 44 ALA 44 1405 1405 ALA ALA B . n 
B 1 45 ALA 45 1406 1406 ALA ALA B . n 
B 1 46 GLU 46 1407 1407 GLU GLU B . n 
B 1 47 SER 47 1408 1408 SER SER B . n 
B 1 48 ASP 48 1409 1409 ASP ASP B . n 
B 1 49 GLY 49 1410 1410 GLY GLY B . n 
B 1 50 ARG 50 1411 1411 ARG ARG B . n 
B 1 51 ILE 51 1412 1412 ILE ILE B . n 
B 1 52 HIS 52 1413 1413 HIS HIS B . n 
B 1 53 LYS 53 1414 1414 LYS LYS B . n 
B 1 54 GLY 54 1415 1415 GLY GLY B . n 
B 1 55 ASP 55 1416 1416 ASP ASP B . n 
B 1 56 ARG 56 1417 1417 ARG ARG B . n 
B 1 57 VAL 57 1418 1418 VAL VAL B . n 
B 1 58 LEU 58 1419 1419 LEU LEU B . n 
B 1 59 ALA 59 1420 1420 ALA ALA B . n 
B 1 60 VAL 60 1421 1421 VAL VAL B . n 
B 1 61 ASN 61 1422 1422 ASN ASN B . n 
B 1 62 GLY 62 1423 1423 GLY GLY B . n 
B 1 63 VAL 63 1424 1424 VAL VAL B . n 
B 1 64 SER 64 1425 1425 SER SER B . n 
B 1 65 LEU 65 1426 1426 LEU LEU B . n 
B 1 66 GLU 66 1427 1427 GLU GLU B . n 
B 1 67 GLY 67 1428 1428 GLY GLY B . n 
B 1 68 ALA 68 1429 1429 ALA ALA B . n 
B 1 69 THR 69 1430 1430 THR THR B . n 
B 1 70 HIS 70 1431 1431 HIS HIS B . n 
B 1 71 LYS 71 1432 1432 LYS LYS B . n 
B 1 72 GLN 72 1433 1433 GLN GLN B . n 
B 1 73 ALA 73 1434 1434 ALA ALA B . n 
B 1 74 VAL 74 1435 1435 VAL VAL B . n 
B 1 75 GLU 75 1436 1436 GLU GLU B . n 
B 1 76 THR 76 1437 1437 THR THR B . n 
B 1 77 LEU 77 1438 1438 LEU LEU B . n 
B 1 78 ARG 78 1439 1439 ARG ARG B . n 
B 1 79 ASN 79 1440 1440 ASN ASN B . n 
B 1 80 THR 80 1441 1441 THR THR B . n 
B 1 81 GLY 81 1442 1442 GLY GLY B . n 
B 1 82 GLN 82 1443 1443 GLN GLN B . n 
B 1 83 VAL 83 1444 1444 VAL VAL B . n 
B 1 84 VAL 84 1445 1445 VAL VAL B . n 
B 1 85 HIS 85 1446 1446 HIS HIS B . n 
B 1 86 LEU 86 1447 1447 LEU LEU B . n 
B 1 87 LEU 87 1448 1448 LEU LEU B . n 
B 1 88 LEU 88 1449 1449 LEU LEU B . n 
B 1 89 GLU 89 1450 1450 GLU GLU B . n 
B 1 90 LYS 90 1451 1451 LYS LYS B . n 
B 1 91 GLY 91 1452 1452 GLY GLY B . n 
B 1 92 GLN 92 1453 ?    ?   ?   B . n 
B 1 93 SER 93 1454 ?    ?   ?   B . n 
B 1 94 PRO 94 1455 ?    ?   ?   B . n 
B 1 95 THR 95 1456 ?    ?   ?   B . n 
C 2 1  ARG 1  2833 ?    ?   ?   C . n 
C 2 2  HIS 2  2834 ?    ?   ?   C . n 
C 2 3  SER 3  2835 ?    ?   ?   C . n 
C 2 4  GLY 4  2836 2836 GLY GLY C . n 
C 2 5  SER 5  2837 2837 SER SER C . n 
C 2 6  TYR 6  2838 2838 TYR TYR C . n 
C 2 7  LEU 7  2839 2839 LEU LEU C . n 
C 2 8  VAL 8  2840 2840 VAL VAL C . n 
C 2 9  THR 9  2841 2841 THR THR C . n 
C 2 10 SER 10 2842 2842 SER SER C . n 
C 2 11 VAL 11 2843 2843 VAL VAL C . n 
D 2 1  ARG 1  2833 ?    ?   ?   D . n 
D 2 2  HIS 2  2834 ?    ?   ?   D . n 
D 2 3  SER 3  2835 ?    ?   ?   D . n 
D 2 4  GLY 4  2836 ?    ?   ?   D . n 
D 2 5  SER 5  2837 2837 SER SER D . n 
D 2 6  TYR 6  2838 2838 TYR TYR D . n 
D 2 7  LEU 7  2839 2839 LEU LEU D . n 
D 2 8  VAL 8  2840 2840 VAL VAL D . n 
D 2 9  THR 9  2841 2841 THR THR D . n 
D 2 10 SER 10 2842 2842 SER SER D . n 
D 2 11 VAL 11 2843 2843 VAL VAL D . n 
# 
_pdbx_contact_author.id                 2 
_pdbx_contact_author.email              dlwu@sdu.edu.cn 
_pdbx_contact_author.name_first         Dalei 
_pdbx_contact_author.name_last          Wu 
_pdbx_contact_author.name_mi            ? 
_pdbx_contact_author.role               'principal investigator/group leader' 
_pdbx_contact_author.identifier_ORCID   0000-0003-1817-7229 
# 
loop_
_pdbx_nonpoly_scheme.asym_id 
_pdbx_nonpoly_scheme.entity_id 
_pdbx_nonpoly_scheme.mon_id 
_pdbx_nonpoly_scheme.ndb_seq_num 
_pdbx_nonpoly_scheme.pdb_seq_num 
_pdbx_nonpoly_scheme.auth_seq_num 
_pdbx_nonpoly_scheme.pdb_mon_id 
_pdbx_nonpoly_scheme.auth_mon_id 
_pdbx_nonpoly_scheme.pdb_strand_id 
_pdbx_nonpoly_scheme.pdb_ins_code 
E 3 HOH 1  1501 6   HOH HOH A . 
E 3 HOH 2  1502 102 HOH HOH A . 
E 3 HOH 3  1503 61  HOH HOH A . 
E 3 HOH 4  1504 7   HOH HOH A . 
E 3 HOH 5  1505 103 HOH HOH A . 
E 3 HOH 6  1506 19  HOH HOH A . 
E 3 HOH 7  1507 138 HOH HOH A . 
E 3 HOH 8  1508 146 HOH HOH A . 
E 3 HOH 9  1509 41  HOH HOH A . 
E 3 HOH 10 1510 4   HOH HOH A . 
E 3 HOH 11 1511 10  HOH HOH A . 
E 3 HOH 12 1512 107 HOH HOH A . 
E 3 HOH 13 1513 93  HOH HOH A . 
E 3 HOH 14 1514 57  HOH HOH A . 
E 3 HOH 15 1515 38  HOH HOH A . 
E 3 HOH 16 1516 37  HOH HOH A . 
E 3 HOH 17 1517 85  HOH HOH A . 
E 3 HOH 18 1518 116 HOH HOH A . 
E 3 HOH 19 1519 48  HOH HOH A . 
E 3 HOH 20 1520 62  HOH HOH A . 
E 3 HOH 21 1521 51  HOH HOH A . 
E 3 HOH 22 1522 68  HOH HOH A . 
E 3 HOH 23 1523 76  HOH HOH A . 
E 3 HOH 24 1524 16  HOH HOH A . 
E 3 HOH 25 1525 35  HOH HOH A . 
E 3 HOH 26 1526 13  HOH HOH A . 
E 3 HOH 27 1527 12  HOH HOH A . 
E 3 HOH 28 1528 111 HOH HOH A . 
E 3 HOH 29 1529 27  HOH HOH A . 
E 3 HOH 30 1530 90  HOH HOH A . 
E 3 HOH 31 1531 112 HOH HOH A . 
E 3 HOH 32 1532 36  HOH HOH A . 
E 3 HOH 33 1533 2   HOH HOH A . 
E 3 HOH 34 1534 8   HOH HOH A . 
E 3 HOH 35 1535 3   HOH HOH A . 
E 3 HOH 36 1536 108 HOH HOH A . 
E 3 HOH 37 1537 45  HOH HOH A . 
E 3 HOH 38 1538 95  HOH HOH A . 
E 3 HOH 39 1539 24  HOH HOH A . 
E 3 HOH 40 1540 25  HOH HOH A . 
E 3 HOH 41 1541 1   HOH HOH A . 
E 3 HOH 42 1542 69  HOH HOH A . 
E 3 HOH 43 1543 82  HOH HOH A . 
E 3 HOH 44 1544 55  HOH HOH A . 
E 3 HOH 45 1545 92  HOH HOH A . 
E 3 HOH 46 1546 142 HOH HOH A . 
E 3 HOH 47 1547 31  HOH HOH A . 
E 3 HOH 48 1548 78  HOH HOH A . 
E 3 HOH 49 1549 99  HOH HOH A . 
E 3 HOH 50 1550 143 HOH HOH A . 
E 3 HOH 51 1551 110 HOH HOH A . 
E 3 HOH 52 1552 144 HOH HOH A . 
E 3 HOH 53 1553 73  HOH HOH A . 
E 3 HOH 54 1554 42  HOH HOH A . 
E 3 HOH 55 1555 133 HOH HOH A . 
E 3 HOH 56 1556 136 HOH HOH A . 
E 3 HOH 57 1557 18  HOH HOH A . 
E 3 HOH 58 1558 30  HOH HOH A . 
E 3 HOH 59 1559 74  HOH HOH A . 
E 3 HOH 60 1560 64  HOH HOH A . 
E 3 HOH 61 1561 34  HOH HOH A . 
F 3 HOH 1  1501 121 HOH HOH B . 
F 3 HOH 2  1502 54  HOH HOH B . 
F 3 HOH 3  1503 105 HOH HOH B . 
F 3 HOH 4  1504 86  HOH HOH B . 
F 3 HOH 5  1505 126 HOH HOH B . 
F 3 HOH 6  1506 77  HOH HOH B . 
F 3 HOH 7  1507 81  HOH HOH B . 
F 3 HOH 8  1508 11  HOH HOH B . 
F 3 HOH 9  1509 87  HOH HOH B . 
F 3 HOH 10 1510 23  HOH HOH B . 
F 3 HOH 11 1511 114 HOH HOH B . 
F 3 HOH 12 1512 72  HOH HOH B . 
F 3 HOH 13 1513 113 HOH HOH B . 
F 3 HOH 14 1514 118 HOH HOH B . 
F 3 HOH 15 1515 47  HOH HOH B . 
F 3 HOH 16 1516 39  HOH HOH B . 
F 3 HOH 17 1517 21  HOH HOH B . 
F 3 HOH 18 1518 97  HOH HOH B . 
F 3 HOH 19 1519 58  HOH HOH B . 
F 3 HOH 20 1520 28  HOH HOH B . 
F 3 HOH 21 1521 43  HOH HOH B . 
F 3 HOH 22 1522 134 HOH HOH B . 
F 3 HOH 23 1523 56  HOH HOH B . 
F 3 HOH 24 1524 60  HOH HOH B . 
F 3 HOH 25 1525 153 HOH HOH B . 
F 3 HOH 26 1526 94  HOH HOH B . 
F 3 HOH 27 1527 91  HOH HOH B . 
F 3 HOH 28 1528 79  HOH HOH B . 
F 3 HOH 29 1529 26  HOH HOH B . 
F 3 HOH 30 1530 9   HOH HOH B . 
F 3 HOH 31 1531 98  HOH HOH B . 
F 3 HOH 32 1532 17  HOH HOH B . 
F 3 HOH 33 1533 52  HOH HOH B . 
F 3 HOH 34 1534 49  HOH HOH B . 
F 3 HOH 35 1535 149 HOH HOH B . 
F 3 HOH 36 1536 89  HOH HOH B . 
F 3 HOH 37 1537 139 HOH HOH B . 
F 3 HOH 38 1538 40  HOH HOH B . 
F 3 HOH 39 1539 53  HOH HOH B . 
F 3 HOH 40 1540 15  HOH HOH B . 
F 3 HOH 41 1541 83  HOH HOH B . 
F 3 HOH 42 1542 120 HOH HOH B . 
F 3 HOH 43 1543 32  HOH HOH B . 
F 3 HOH 44 1544 44  HOH HOH B . 
F 3 HOH 45 1545 100 HOH HOH B . 
F 3 HOH 46 1546 63  HOH HOH B . 
F 3 HOH 47 1547 152 HOH HOH B . 
F 3 HOH 48 1548 140 HOH HOH B . 
F 3 HOH 49 1549 66  HOH HOH B . 
F 3 HOH 50 1550 75  HOH HOH B . 
F 3 HOH 51 1551 50  HOH HOH B . 
F 3 HOH 52 1552 135 HOH HOH B . 
F 3 HOH 53 1553 46  HOH HOH B . 
F 3 HOH 54 1554 141 HOH HOH B . 
F 3 HOH 55 1555 151 HOH HOH B . 
F 3 HOH 56 1556 132 HOH HOH B . 
F 3 HOH 57 1557 14  HOH HOH B . 
F 3 HOH 58 1558 148 HOH HOH B . 
F 3 HOH 59 1559 150 HOH HOH B . 
G 3 HOH 1  2901 122 HOH HOH C . 
G 3 HOH 2  2902 22  HOH HOH C . 
G 3 HOH 3  2903 20  HOH HOH C . 
G 3 HOH 4  2904 96  HOH HOH C . 
G 3 HOH 5  2905 5   HOH HOH C . 
G 3 HOH 6  2906 67  HOH HOH C . 
G 3 HOH 7  2907 88  HOH HOH C . 
H 3 HOH 1  2901 29  HOH HOH D . 
H 3 HOH 2  2902 84  HOH HOH D . 
H 3 HOH 3  2903 124 HOH HOH D . 
H 3 HOH 4  2904 125 HOH HOH D . 
# 
loop_
_pdbx_struct_assembly.id 
_pdbx_struct_assembly.details 
_pdbx_struct_assembly.method_details 
_pdbx_struct_assembly.oligomeric_details 
_pdbx_struct_assembly.oligomeric_count 
1 author_and_software_defined_assembly PISA dimeric 2 
2 author_and_software_defined_assembly PISA dimeric 2 
# 
loop_
_pdbx_struct_assembly_gen.assembly_id 
_pdbx_struct_assembly_gen.oper_expression 
_pdbx_struct_assembly_gen.asym_id_list 
1 1 A,C,E,G 
2 1 B,D,F,H 
# 
loop_
_pdbx_struct_assembly_prop.biol_id 
_pdbx_struct_assembly_prop.type 
_pdbx_struct_assembly_prop.value 
_pdbx_struct_assembly_prop.details 
1 'ABSA (A^2)' 870  ? 
1 MORE         -4   ? 
1 'SSA (A^2)'  5410 ? 
2 'ABSA (A^2)' 900  ? 
2 MORE         -5   ? 
2 'SSA (A^2)'  5390 ? 
# 
_pdbx_struct_oper_list.id                   1 
_pdbx_struct_oper_list.type                 'identity operation' 
_pdbx_struct_oper_list.name                 1_555 
_pdbx_struct_oper_list.symmetry_operation   x,y,z 
_pdbx_struct_oper_list.matrix[1][1]         1.0000000000 
_pdbx_struct_oper_list.matrix[1][2]         0.0000000000 
_pdbx_struct_oper_list.matrix[1][3]         0.0000000000 
_pdbx_struct_oper_list.vector[1]            0.0000000000 
_pdbx_struct_oper_list.matrix[2][1]         0.0000000000 
_pdbx_struct_oper_list.matrix[2][2]         1.0000000000 
_pdbx_struct_oper_list.matrix[2][3]         0.0000000000 
_pdbx_struct_oper_list.vector[2]            0.0000000000 
_pdbx_struct_oper_list.matrix[3][1]         0.0000000000 
_pdbx_struct_oper_list.matrix[3][2]         0.0000000000 
_pdbx_struct_oper_list.matrix[3][3]         1.0000000000 
_pdbx_struct_oper_list.vector[3]            0.0000000000 
# 
loop_
_pdbx_audit_revision_history.ordinal 
_pdbx_audit_revision_history.data_content_type 
_pdbx_audit_revision_history.major_revision 
_pdbx_audit_revision_history.minor_revision 
_pdbx_audit_revision_history.revision_date 
1 'Structure model' 1 0 2023-05-17 
2 'Structure model' 1 1 2023-11-29 
# 
_pdbx_audit_revision_details.ordinal             1 
_pdbx_audit_revision_details.revision_ordinal    1 
_pdbx_audit_revision_details.data_content_type   'Structure model' 
_pdbx_audit_revision_details.provider            repository 
_pdbx_audit_revision_details.type                'Initial release' 
_pdbx_audit_revision_details.description         ? 
_pdbx_audit_revision_details.details             ? 
# 
loop_
_pdbx_audit_revision_group.ordinal 
_pdbx_audit_revision_group.revision_ordinal 
_pdbx_audit_revision_group.data_content_type 
_pdbx_audit_revision_group.group 
1 2 'Structure model' 'Data collection'        
2 2 'Structure model' 'Refinement description' 
# 
loop_
_pdbx_audit_revision_category.ordinal 
_pdbx_audit_revision_category.revision_ordinal 
_pdbx_audit_revision_category.data_content_type 
_pdbx_audit_revision_category.category 
1 2 'Structure model' chem_comp_atom                
2 2 'Structure model' chem_comp_bond                
3 2 'Structure model' pdbx_initial_refinement_model 
# 
loop_
_software.citation_id 
_software.classification 
_software.compiler_name 
_software.compiler_version 
_software.contact_author 
_software.contact_author_email 
_software.date 
_software.description 
_software.dependencies 
_software.hardware 
_software.language 
_software.location 
_software.mods 
_software.name 
_software.os 
_software.os_version 
_software.type 
_software.version 
_software.pdbx_ordinal 
? refinement        ? ? ? ? ? ? ? ? ? ? ? PHENIX      ? ? ? 1.13_2998 1 
? 'data scaling'    ? ? ? ? ? ? ? ? ? ? ? HKL-2000    ? ? ? .         2 
? 'data extraction' ? ? ? ? ? ? ? ? ? ? ? PDB_EXTRACT ? ? ? 3.27      3 
? 'data reduction'  ? ? ? ? ? ? ? ? ? ? ? HKL-3000    ? ? ? .         4 
? phasing           ? ? ? ? ? ? ? ? ? ? ? PHASER      ? ? ? .         5 
# 
_pdbx_validate_rmsd_angle.id                         1 
_pdbx_validate_rmsd_angle.PDB_model_num              1 
_pdbx_validate_rmsd_angle.auth_atom_id_1             CA 
_pdbx_validate_rmsd_angle.auth_asym_id_1             A 
_pdbx_validate_rmsd_angle.auth_comp_id_1             LEU 
_pdbx_validate_rmsd_angle.auth_seq_id_1              1371 
_pdbx_validate_rmsd_angle.PDB_ins_code_1             ? 
_pdbx_validate_rmsd_angle.label_alt_id_1             ? 
_pdbx_validate_rmsd_angle.auth_atom_id_2             CB 
_pdbx_validate_rmsd_angle.auth_asym_id_2             A 
_pdbx_validate_rmsd_angle.auth_comp_id_2             LEU 
_pdbx_validate_rmsd_angle.auth_seq_id_2              1371 
_pdbx_validate_rmsd_angle.PDB_ins_code_2             ? 
_pdbx_validate_rmsd_angle.label_alt_id_2             ? 
_pdbx_validate_rmsd_angle.auth_atom_id_3             CG 
_pdbx_validate_rmsd_angle.auth_asym_id_3             A 
_pdbx_validate_rmsd_angle.auth_comp_id_3             LEU 
_pdbx_validate_rmsd_angle.auth_seq_id_3              1371 
_pdbx_validate_rmsd_angle.PDB_ins_code_3             ? 
_pdbx_validate_rmsd_angle.label_alt_id_3             ? 
_pdbx_validate_rmsd_angle.angle_value                131.40 
_pdbx_validate_rmsd_angle.angle_target_value         115.30 
_pdbx_validate_rmsd_angle.angle_deviation            16.10 
_pdbx_validate_rmsd_angle.angle_standard_deviation   2.30 
_pdbx_validate_rmsd_angle.linker_flag                N 
# 
loop_
_pdbx_validate_torsion.id 
_pdbx_validate_torsion.PDB_model_num 
_pdbx_validate_torsion.auth_comp_id 
_pdbx_validate_torsion.auth_asym_id 
_pdbx_validate_torsion.auth_seq_id 
_pdbx_validate_torsion.PDB_ins_code 
_pdbx_validate_torsion.label_alt_id 
_pdbx_validate_torsion.phi 
_pdbx_validate_torsion.psi 
1 1 ASP A 1375 ? ? 39.46 48.08   
2 1 ARG A 1391 ? ? 48.65 -133.70 
3 1 ASN A 1422 ? ? 46.92 -124.38 
4 1 GLN A 1443 ? ? 55.82 -134.36 
5 1 HIS B 1392 ? ? 61.04 -1.66   
# 
loop_
_pdbx_unobs_or_zero_occ_residues.id 
_pdbx_unobs_or_zero_occ_residues.PDB_model_num 
_pdbx_unobs_or_zero_occ_residues.polymer_flag 
_pdbx_unobs_or_zero_occ_residues.occupancy_flag 
_pdbx_unobs_or_zero_occ_residues.auth_asym_id 
_pdbx_unobs_or_zero_occ_residues.auth_comp_id 
_pdbx_unobs_or_zero_occ_residues.auth_seq_id 
_pdbx_unobs_or_zero_occ_residues.PDB_ins_code 
_pdbx_unobs_or_zero_occ_residues.label_asym_id 
_pdbx_unobs_or_zero_occ_residues.label_comp_id 
_pdbx_unobs_or_zero_occ_residues.label_seq_id 
1  1 Y 1 A LYS 1362 ? A LYS 1  
2  1 Y 1 A PRO 1363 ? A PRO 2  
3  1 Y 1 A GLN 1453 ? A GLN 92 
4  1 Y 1 A SER 1454 ? A SER 93 
5  1 Y 1 A PRO 1455 ? A PRO 94 
6  1 Y 1 A THR 1456 ? A THR 95 
7  1 Y 1 B GLN 1453 ? B GLN 92 
8  1 Y 1 B SER 1454 ? B SER 93 
9  1 Y 1 B PRO 1455 ? B PRO 94 
10 1 Y 1 B THR 1456 ? B THR 95 
11 1 Y 1 C ARG 2833 ? C ARG 1  
12 1 Y 1 C HIS 2834 ? C HIS 2  
13 1 Y 1 C SER 2835 ? C SER 3  
14 1 Y 1 D ARG 2833 ? D ARG 1  
15 1 Y 1 D HIS 2834 ? D HIS 2  
16 1 Y 1 D SER 2835 ? D SER 3  
17 1 Y 1 D GLY 2836 ? D GLY 4  
# 
loop_
_chem_comp_atom.comp_id 
_chem_comp_atom.atom_id 
_chem_comp_atom.type_symbol 
_chem_comp_atom.pdbx_aromatic_flag 
_chem_comp_atom.pdbx_stereo_config 
_chem_comp_atom.pdbx_ordinal 
ALA N    N N N 1   
ALA CA   C N S 2   
ALA C    C N N 3   
ALA O    O N N 4   
ALA CB   C N N 5   
ALA OXT  O N N 6   
ALA H    H N N 7   
ALA H2   H N N 8   
ALA HA   H N N 9   
ALA HB1  H N N 10  
ALA HB2  H N N 11  
ALA HB3  H N N 12  
ALA HXT  H N N 13  
ARG N    N N N 14  
ARG CA   C N S 15  
ARG C    C N N 16  
ARG O    O N N 17  
ARG CB   C N N 18  
ARG CG   C N N 19  
ARG CD   C N N 20  
ARG NE   N N N 21  
ARG CZ   C N N 22  
ARG NH1  N N N 23  
ARG NH2  N N N 24  
ARG OXT  O N N 25  
ARG H    H N N 26  
ARG H2   H N N 27  
ARG HA   H N N 28  
ARG HB2  H N N 29  
ARG HB3  H N N 30  
ARG HG2  H N N 31  
ARG HG3  H N N 32  
ARG HD2  H N N 33  
ARG HD3  H N N 34  
ARG HE   H N N 35  
ARG HH11 H N N 36  
ARG HH12 H N N 37  
ARG HH21 H N N 38  
ARG HH22 H N N 39  
ARG HXT  H N N 40  
ASN N    N N N 41  
ASN CA   C N S 42  
ASN C    C N N 43  
ASN O    O N N 44  
ASN CB   C N N 45  
ASN CG   C N N 46  
ASN OD1  O N N 47  
ASN ND2  N N N 48  
ASN OXT  O N N 49  
ASN H    H N N 50  
ASN H2   H N N 51  
ASN HA   H N N 52  
ASN HB2  H N N 53  
ASN HB3  H N N 54  
ASN HD21 H N N 55  
ASN HD22 H N N 56  
ASN HXT  H N N 57  
ASP N    N N N 58  
ASP CA   C N S 59  
ASP C    C N N 60  
ASP O    O N N 61  
ASP CB   C N N 62  
ASP CG   C N N 63  
ASP OD1  O N N 64  
ASP OD2  O N N 65  
ASP OXT  O N N 66  
ASP H    H N N 67  
ASP H2   H N N 68  
ASP HA   H N N 69  
ASP HB2  H N N 70  
ASP HB3  H N N 71  
ASP HD2  H N N 72  
ASP HXT  H N N 73  
GLN N    N N N 74  
GLN CA   C N S 75  
GLN C    C N N 76  
GLN O    O N N 77  
GLN CB   C N N 78  
GLN CG   C N N 79  
GLN CD   C N N 80  
GLN OE1  O N N 81  
GLN NE2  N N N 82  
GLN OXT  O N N 83  
GLN H    H N N 84  
GLN H2   H N N 85  
GLN HA   H N N 86  
GLN HB2  H N N 87  
GLN HB3  H N N 88  
GLN HG2  H N N 89  
GLN HG3  H N N 90  
GLN HE21 H N N 91  
GLN HE22 H N N 92  
GLN HXT  H N N 93  
GLU N    N N N 94  
GLU CA   C N S 95  
GLU C    C N N 96  
GLU O    O N N 97  
GLU CB   C N N 98  
GLU CG   C N N 99  
GLU CD   C N N 100 
GLU OE1  O N N 101 
GLU OE2  O N N 102 
GLU OXT  O N N 103 
GLU H    H N N 104 
GLU H2   H N N 105 
GLU HA   H N N 106 
GLU HB2  H N N 107 
GLU HB3  H N N 108 
GLU HG2  H N N 109 
GLU HG3  H N N 110 
GLU HE2  H N N 111 
GLU HXT  H N N 112 
GLY N    N N N 113 
GLY CA   C N N 114 
GLY C    C N N 115 
GLY O    O N N 116 
GLY OXT  O N N 117 
GLY H    H N N 118 
GLY H2   H N N 119 
GLY HA2  H N N 120 
GLY HA3  H N N 121 
GLY HXT  H N N 122 
HIS N    N N N 123 
HIS CA   C N S 124 
HIS C    C N N 125 
HIS O    O N N 126 
HIS CB   C N N 127 
HIS CG   C Y N 128 
HIS ND1  N Y N 129 
HIS CD2  C Y N 130 
HIS CE1  C Y N 131 
HIS NE2  N Y N 132 
HIS OXT  O N N 133 
HIS H    H N N 134 
HIS H2   H N N 135 
HIS HA   H N N 136 
HIS HB2  H N N 137 
HIS HB3  H N N 138 
HIS HD1  H N N 139 
HIS HD2  H N N 140 
HIS HE1  H N N 141 
HIS HE2  H N N 142 
HIS HXT  H N N 143 
HOH O    O N N 144 
HOH H1   H N N 145 
HOH H2   H N N 146 
ILE N    N N N 147 
ILE CA   C N S 148 
ILE C    C N N 149 
ILE O    O N N 150 
ILE CB   C N S 151 
ILE CG1  C N N 152 
ILE CG2  C N N 153 
ILE CD1  C N N 154 
ILE OXT  O N N 155 
ILE H    H N N 156 
ILE H2   H N N 157 
ILE HA   H N N 158 
ILE HB   H N N 159 
ILE HG12 H N N 160 
ILE HG13 H N N 161 
ILE HG21 H N N 162 
ILE HG22 H N N 163 
ILE HG23 H N N 164 
ILE HD11 H N N 165 
ILE HD12 H N N 166 
ILE HD13 H N N 167 
ILE HXT  H N N 168 
LEU N    N N N 169 
LEU CA   C N S 170 
LEU C    C N N 171 
LEU O    O N N 172 
LEU CB   C N N 173 
LEU CG   C N N 174 
LEU CD1  C N N 175 
LEU CD2  C N N 176 
LEU OXT  O N N 177 
LEU H    H N N 178 
LEU H2   H N N 179 
LEU HA   H N N 180 
LEU HB2  H N N 181 
LEU HB3  H N N 182 
LEU HG   H N N 183 
LEU HD11 H N N 184 
LEU HD12 H N N 185 
LEU HD13 H N N 186 
LEU HD21 H N N 187 
LEU HD22 H N N 188 
LEU HD23 H N N 189 
LEU HXT  H N N 190 
LYS N    N N N 191 
LYS CA   C N S 192 
LYS C    C N N 193 
LYS O    O N N 194 
LYS CB   C N N 195 
LYS CG   C N N 196 
LYS CD   C N N 197 
LYS CE   C N N 198 
LYS NZ   N N N 199 
LYS OXT  O N N 200 
LYS H    H N N 201 
LYS H2   H N N 202 
LYS HA   H N N 203 
LYS HB2  H N N 204 
LYS HB3  H N N 205 
LYS HG2  H N N 206 
LYS HG3  H N N 207 
LYS HD2  H N N 208 
LYS HD3  H N N 209 
LYS HE2  H N N 210 
LYS HE3  H N N 211 
LYS HZ1  H N N 212 
LYS HZ2  H N N 213 
LYS HZ3  H N N 214 
LYS HXT  H N N 215 
PHE N    N N N 216 
PHE CA   C N S 217 
PHE C    C N N 218 
PHE O    O N N 219 
PHE CB   C N N 220 
PHE CG   C Y N 221 
PHE CD1  C Y N 222 
PHE CD2  C Y N 223 
PHE CE1  C Y N 224 
PHE CE2  C Y N 225 
PHE CZ   C Y N 226 
PHE OXT  O N N 227 
PHE H    H N N 228 
PHE H2   H N N 229 
PHE HA   H N N 230 
PHE HB2  H N N 231 
PHE HB3  H N N 232 
PHE HD1  H N N 233 
PHE HD2  H N N 234 
PHE HE1  H N N 235 
PHE HE2  H N N 236 
PHE HZ   H N N 237 
PHE HXT  H N N 238 
PRO N    N N N 239 
PRO CA   C N S 240 
PRO C    C N N 241 
PRO O    O N N 242 
PRO CB   C N N 243 
PRO CG   C N N 244 
PRO CD   C N N 245 
PRO OXT  O N N 246 
PRO H    H N N 247 
PRO HA   H N N 248 
PRO HB2  H N N 249 
PRO HB3  H N N 250 
PRO HG2  H N N 251 
PRO HG3  H N N 252 
PRO HD2  H N N 253 
PRO HD3  H N N 254 
PRO HXT  H N N 255 
SER N    N N N 256 
SER CA   C N S 257 
SER C    C N N 258 
SER O    O N N 259 
SER CB   C N N 260 
SER OG   O N N 261 
SER OXT  O N N 262 
SER H    H N N 263 
SER H2   H N N 264 
SER HA   H N N 265 
SER HB2  H N N 266 
SER HB3  H N N 267 
SER HG   H N N 268 
SER HXT  H N N 269 
THR N    N N N 270 
THR CA   C N S 271 
THR C    C N N 272 
THR O    O N N 273 
THR CB   C N R 274 
THR OG1  O N N 275 
THR CG2  C N N 276 
THR OXT  O N N 277 
THR H    H N N 278 
THR H2   H N N 279 
THR HA   H N N 280 
THR HB   H N N 281 
THR HG1  H N N 282 
THR HG21 H N N 283 
THR HG22 H N N 284 
THR HG23 H N N 285 
THR HXT  H N N 286 
TYR N    N N N 287 
TYR CA   C N S 288 
TYR C    C N N 289 
TYR O    O N N 290 
TYR CB   C N N 291 
TYR CG   C Y N 292 
TYR CD1  C Y N 293 
TYR CD2  C Y N 294 
TYR CE1  C Y N 295 
TYR CE2  C Y N 296 
TYR CZ   C Y N 297 
TYR OH   O N N 298 
TYR OXT  O N N 299 
TYR H    H N N 300 
TYR H2   H N N 301 
TYR HA   H N N 302 
TYR HB2  H N N 303 
TYR HB3  H N N 304 
TYR HD1  H N N 305 
TYR HD2  H N N 306 
TYR HE1  H N N 307 
TYR HE2  H N N 308 
TYR HH   H N N 309 
TYR HXT  H N N 310 
VAL N    N N N 311 
VAL CA   C N S 312 
VAL C    C N N 313 
VAL O    O N N 314 
VAL CB   C N N 315 
VAL CG1  C N N 316 
VAL CG2  C N N 317 
VAL OXT  O N N 318 
VAL H    H N N 319 
VAL H2   H N N 320 
VAL HA   H N N 321 
VAL HB   H N N 322 
VAL HG11 H N N 323 
VAL HG12 H N N 324 
VAL HG13 H N N 325 
VAL HG21 H N N 326 
VAL HG22 H N N 327 
VAL HG23 H N N 328 
VAL HXT  H N N 329 
# 
loop_
_chem_comp_bond.comp_id 
_chem_comp_bond.atom_id_1 
_chem_comp_bond.atom_id_2 
_chem_comp_bond.value_order 
_chem_comp_bond.pdbx_aromatic_flag 
_chem_comp_bond.pdbx_stereo_config 
_chem_comp_bond.pdbx_ordinal 
ALA N   CA   sing N N 1   
ALA N   H    sing N N 2   
ALA N   H2   sing N N 3   
ALA CA  C    sing N N 4   
ALA CA  CB   sing N N 5   
ALA CA  HA   sing N N 6   
ALA C   O    doub N N 7   
ALA C   OXT  sing N N 8   
ALA CB  HB1  sing N N 9   
ALA CB  HB2  sing N N 10  
ALA CB  HB3  sing N N 11  
ALA OXT HXT  sing N N 12  
ARG N   CA   sing N N 13  
ARG N   H    sing N N 14  
ARG N   H2   sing N N 15  
ARG CA  C    sing N N 16  
ARG CA  CB   sing N N 17  
ARG CA  HA   sing N N 18  
ARG C   O    doub N N 19  
ARG C   OXT  sing N N 20  
ARG CB  CG   sing N N 21  
ARG CB  HB2  sing N N 22  
ARG CB  HB3  sing N N 23  
ARG CG  CD   sing N N 24  
ARG CG  HG2  sing N N 25  
ARG CG  HG3  sing N N 26  
ARG CD  NE   sing N N 27  
ARG CD  HD2  sing N N 28  
ARG CD  HD3  sing N N 29  
ARG NE  CZ   sing N N 30  
ARG NE  HE   sing N N 31  
ARG CZ  NH1  sing N N 32  
ARG CZ  NH2  doub N N 33  
ARG NH1 HH11 sing N N 34  
ARG NH1 HH12 sing N N 35  
ARG NH2 HH21 sing N N 36  
ARG NH2 HH22 sing N N 37  
ARG OXT HXT  sing N N 38  
ASN N   CA   sing N N 39  
ASN N   H    sing N N 40  
ASN N   H2   sing N N 41  
ASN CA  C    sing N N 42  
ASN CA  CB   sing N N 43  
ASN CA  HA   sing N N 44  
ASN C   O    doub N N 45  
ASN C   OXT  sing N N 46  
ASN CB  CG   sing N N 47  
ASN CB  HB2  sing N N 48  
ASN CB  HB3  sing N N 49  
ASN CG  OD1  doub N N 50  
ASN CG  ND2  sing N N 51  
ASN ND2 HD21 sing N N 52  
ASN ND2 HD22 sing N N 53  
ASN OXT HXT  sing N N 54  
ASP N   CA   sing N N 55  
ASP N   H    sing N N 56  
ASP N   H2   sing N N 57  
ASP CA  C    sing N N 58  
ASP CA  CB   sing N N 59  
ASP CA  HA   sing N N 60  
ASP C   O    doub N N 61  
ASP C   OXT  sing N N 62  
ASP CB  CG   sing N N 63  
ASP CB  HB2  sing N N 64  
ASP CB  HB3  sing N N 65  
ASP CG  OD1  doub N N 66  
ASP CG  OD2  sing N N 67  
ASP OD2 HD2  sing N N 68  
ASP OXT HXT  sing N N 69  
GLN N   CA   sing N N 70  
GLN N   H    sing N N 71  
GLN N   H2   sing N N 72  
GLN CA  C    sing N N 73  
GLN CA  CB   sing N N 74  
GLN CA  HA   sing N N 75  
GLN C   O    doub N N 76  
GLN C   OXT  sing N N 77  
GLN CB  CG   sing N N 78  
GLN CB  HB2  sing N N 79  
GLN CB  HB3  sing N N 80  
GLN CG  CD   sing N N 81  
GLN CG  HG2  sing N N 82  
GLN CG  HG3  sing N N 83  
GLN CD  OE1  doub N N 84  
GLN CD  NE2  sing N N 85  
GLN NE2 HE21 sing N N 86  
GLN NE2 HE22 sing N N 87  
GLN OXT HXT  sing N N 88  
GLU N   CA   sing N N 89  
GLU N   H    sing N N 90  
GLU N   H2   sing N N 91  
GLU CA  C    sing N N 92  
GLU CA  CB   sing N N 93  
GLU CA  HA   sing N N 94  
GLU C   O    doub N N 95  
GLU C   OXT  sing N N 96  
GLU CB  CG   sing N N 97  
GLU CB  HB2  sing N N 98  
GLU CB  HB3  sing N N 99  
GLU CG  CD   sing N N 100 
GLU CG  HG2  sing N N 101 
GLU CG  HG3  sing N N 102 
GLU CD  OE1  doub N N 103 
GLU CD  OE2  sing N N 104 
GLU OE2 HE2  sing N N 105 
GLU OXT HXT  sing N N 106 
GLY N   CA   sing N N 107 
GLY N   H    sing N N 108 
GLY N   H2   sing N N 109 
GLY CA  C    sing N N 110 
GLY CA  HA2  sing N N 111 
GLY CA  HA3  sing N N 112 
GLY C   O    doub N N 113 
GLY C   OXT  sing N N 114 
GLY OXT HXT  sing N N 115 
HIS N   CA   sing N N 116 
HIS N   H    sing N N 117 
HIS N   H2   sing N N 118 
HIS CA  C    sing N N 119 
HIS CA  CB   sing N N 120 
HIS CA  HA   sing N N 121 
HIS C   O    doub N N 122 
HIS C   OXT  sing N N 123 
HIS CB  CG   sing N N 124 
HIS CB  HB2  sing N N 125 
HIS CB  HB3  sing N N 126 
HIS CG  ND1  sing Y N 127 
HIS CG  CD2  doub Y N 128 
HIS ND1 CE1  doub Y N 129 
HIS ND1 HD1  sing N N 130 
HIS CD2 NE2  sing Y N 131 
HIS CD2 HD2  sing N N 132 
HIS CE1 NE2  sing Y N 133 
HIS CE1 HE1  sing N N 134 
HIS NE2 HE2  sing N N 135 
HIS OXT HXT  sing N N 136 
HOH O   H1   sing N N 137 
HOH O   H2   sing N N 138 
ILE N   CA   sing N N 139 
ILE N   H    sing N N 140 
ILE N   H2   sing N N 141 
ILE CA  C    sing N N 142 
ILE CA  CB   sing N N 143 
ILE CA  HA   sing N N 144 
ILE C   O    doub N N 145 
ILE C   OXT  sing N N 146 
ILE CB  CG1  sing N N 147 
ILE CB  CG2  sing N N 148 
ILE CB  HB   sing N N 149 
ILE CG1 CD1  sing N N 150 
ILE CG1 HG12 sing N N 151 
ILE CG1 HG13 sing N N 152 
ILE CG2 HG21 sing N N 153 
ILE CG2 HG22 sing N N 154 
ILE CG2 HG23 sing N N 155 
ILE CD1 HD11 sing N N 156 
ILE CD1 HD12 sing N N 157 
ILE CD1 HD13 sing N N 158 
ILE OXT HXT  sing N N 159 
LEU N   CA   sing N N 160 
LEU N   H    sing N N 161 
LEU N   H2   sing N N 162 
LEU CA  C    sing N N 163 
LEU CA  CB   sing N N 164 
LEU CA  HA   sing N N 165 
LEU C   O    doub N N 166 
LEU C   OXT  sing N N 167 
LEU CB  CG   sing N N 168 
LEU CB  HB2  sing N N 169 
LEU CB  HB3  sing N N 170 
LEU CG  CD1  sing N N 171 
LEU CG  CD2  sing N N 172 
LEU CG  HG   sing N N 173 
LEU CD1 HD11 sing N N 174 
LEU CD1 HD12 sing N N 175 
LEU CD1 HD13 sing N N 176 
LEU CD2 HD21 sing N N 177 
LEU CD2 HD22 sing N N 178 
LEU CD2 HD23 sing N N 179 
LEU OXT HXT  sing N N 180 
LYS N   CA   sing N N 181 
LYS N   H    sing N N 182 
LYS N   H2   sing N N 183 
LYS CA  C    sing N N 184 
LYS CA  CB   sing N N 185 
LYS CA  HA   sing N N 186 
LYS C   O    doub N N 187 
LYS C   OXT  sing N N 188 
LYS CB  CG   sing N N 189 
LYS CB  HB2  sing N N 190 
LYS CB  HB3  sing N N 191 
LYS CG  CD   sing N N 192 
LYS CG  HG2  sing N N 193 
LYS CG  HG3  sing N N 194 
LYS CD  CE   sing N N 195 
LYS CD  HD2  sing N N 196 
LYS CD  HD3  sing N N 197 
LYS CE  NZ   sing N N 198 
LYS CE  HE2  sing N N 199 
LYS CE  HE3  sing N N 200 
LYS NZ  HZ1  sing N N 201 
LYS NZ  HZ2  sing N N 202 
LYS NZ  HZ3  sing N N 203 
LYS OXT HXT  sing N N 204 
PHE N   CA   sing N N 205 
PHE N   H    sing N N 206 
PHE N   H2   sing N N 207 
PHE CA  C    sing N N 208 
PHE CA  CB   sing N N 209 
PHE CA  HA   sing N N 210 
PHE C   O    doub N N 211 
PHE C   OXT  sing N N 212 
PHE CB  CG   sing N N 213 
PHE CB  HB2  sing N N 214 
PHE CB  HB3  sing N N 215 
PHE CG  CD1  doub Y N 216 
PHE CG  CD2  sing Y N 217 
PHE CD1 CE1  sing Y N 218 
PHE CD1 HD1  sing N N 219 
PHE CD2 CE2  doub Y N 220 
PHE CD2 HD2  sing N N 221 
PHE CE1 CZ   doub Y N 222 
PHE CE1 HE1  sing N N 223 
PHE CE2 CZ   sing Y N 224 
PHE CE2 HE2  sing N N 225 
PHE CZ  HZ   sing N N 226 
PHE OXT HXT  sing N N 227 
PRO N   CA   sing N N 228 
PRO N   CD   sing N N 229 
PRO N   H    sing N N 230 
PRO CA  C    sing N N 231 
PRO CA  CB   sing N N 232 
PRO CA  HA   sing N N 233 
PRO C   O    doub N N 234 
PRO C   OXT  sing N N 235 
PRO CB  CG   sing N N 236 
PRO CB  HB2  sing N N 237 
PRO CB  HB3  sing N N 238 
PRO CG  CD   sing N N 239 
PRO CG  HG2  sing N N 240 
PRO CG  HG3  sing N N 241 
PRO CD  HD2  sing N N 242 
PRO CD  HD3  sing N N 243 
PRO OXT HXT  sing N N 244 
SER N   CA   sing N N 245 
SER N   H    sing N N 246 
SER N   H2   sing N N 247 
SER CA  C    sing N N 248 
SER CA  CB   sing N N 249 
SER CA  HA   sing N N 250 
SER C   O    doub N N 251 
SER C   OXT  sing N N 252 
SER CB  OG   sing N N 253 
SER CB  HB2  sing N N 254 
SER CB  HB3  sing N N 255 
SER OG  HG   sing N N 256 
SER OXT HXT  sing N N 257 
THR N   CA   sing N N 258 
THR N   H    sing N N 259 
THR N   H2   sing N N 260 
THR CA  C    sing N N 261 
THR CA  CB   sing N N 262 
THR CA  HA   sing N N 263 
THR C   O    doub N N 264 
THR C   OXT  sing N N 265 
THR CB  OG1  sing N N 266 
THR CB  CG2  sing N N 267 
THR CB  HB   sing N N 268 
THR OG1 HG1  sing N N 269 
THR CG2 HG21 sing N N 270 
THR CG2 HG22 sing N N 271 
THR CG2 HG23 sing N N 272 
THR OXT HXT  sing N N 273 
TYR N   CA   sing N N 274 
TYR N   H    sing N N 275 
TYR N   H2   sing N N 276 
TYR CA  C    sing N N 277 
TYR CA  CB   sing N N 278 
TYR CA  HA   sing N N 279 
TYR C   O    doub N N 280 
TYR C   OXT  sing N N 281 
TYR CB  CG   sing N N 282 
TYR CB  HB2  sing N N 283 
TYR CB  HB3  sing N N 284 
TYR CG  CD1  doub Y N 285 
TYR CG  CD2  sing Y N 286 
TYR CD1 CE1  sing Y N 287 
TYR CD1 HD1  sing N N 288 
TYR CD2 CE2  doub Y N 289 
TYR CD2 HD2  sing N N 290 
TYR CE1 CZ   doub Y N 291 
TYR CE1 HE1  sing N N 292 
TYR CE2 CZ   sing Y N 293 
TYR CE2 HE2  sing N N 294 
TYR CZ  OH   sing N N 295 
TYR OH  HH   sing N N 296 
TYR OXT HXT  sing N N 297 
VAL N   CA   sing N N 298 
VAL N   H    sing N N 299 
VAL N   H2   sing N N 300 
VAL CA  C    sing N N 301 
VAL CA  CB   sing N N 302 
VAL CA  HA   sing N N 303 
VAL C   O    doub N N 304 
VAL C   OXT  sing N N 305 
VAL CB  CG1  sing N N 306 
VAL CB  CG2  sing N N 307 
VAL CB  HB   sing N N 308 
VAL CG1 HG11 sing N N 309 
VAL CG1 HG12 sing N N 310 
VAL CG1 HG13 sing N N 311 
VAL CG2 HG21 sing N N 312 
VAL CG2 HG22 sing N N 313 
VAL CG2 HG23 sing N N 314 
VAL OXT HXT  sing N N 315 
# 
_pdbx_audit_support.funding_organization   'National Natural Science Foundation of China (NSFC)' 
_pdbx_audit_support.country                China 
_pdbx_audit_support.grant_number           22177063 
_pdbx_audit_support.ordinal                1 
# 
_pdbx_entity_nonpoly.entity_id   3 
_pdbx_entity_nonpoly.name        water 
_pdbx_entity_nonpoly.comp_id     HOH 
# 
_pdbx_initial_refinement_model.id               1 
_pdbx_initial_refinement_model.entity_id_list   ? 
_pdbx_initial_refinement_model.type             'experimental model' 
_pdbx_initial_refinement_model.source_name      PDB 
_pdbx_initial_refinement_model.accession_code   3LNY 
_pdbx_initial_refinement_model.details          ? 
# 
_pdbx_struct_assembly_auth_evidence.id                     1 
_pdbx_struct_assembly_auth_evidence.assembly_id            1 
_pdbx_struct_assembly_auth_evidence.experimental_support   'gel filtration' 
_pdbx_struct_assembly_auth_evidence.details                ? 
# 
